data_1G8Q
# 
_entry.id   1G8Q 
# 
_audit_conform.dict_name       mmcif_pdbx.dic 
_audit_conform.dict_version    5.398 
_audit_conform.dict_location   http://mmcif.pdb.org/dictionaries/ascii/mmcif_pdbx.dic 
# 
loop_
_database_2.database_id 
_database_2.database_code 
_database_2.pdbx_database_accession 
_database_2.pdbx_DOI 
PDB   1G8Q         pdb_00001g8q 10.2210/pdb1g8q/pdb 
RCSB  RCSB012373   ?            ?                   
WWPDB D_1000012373 ?            ?                   
# 
loop_
_pdbx_audit_revision_history.ordinal 
_pdbx_audit_revision_history.data_content_type 
_pdbx_audit_revision_history.major_revision 
_pdbx_audit_revision_history.minor_revision 
_pdbx_audit_revision_history.revision_date 
1 'Structure model' 1 0 2001-02-21 
2 'Structure model' 1 1 2008-04-27 
3 'Structure model' 1 2 2011-07-13 
4 'Structure model' 1 3 2018-04-04 
5 'Structure model' 1 4 2024-11-06 
# 
_pdbx_audit_revision_details.ordinal             1 
_pdbx_audit_revision_details.revision_ordinal    1 
_pdbx_audit_revision_details.data_content_type   'Structure model' 
_pdbx_audit_revision_details.provider            repository 
_pdbx_audit_revision_details.type                'Initial release' 
_pdbx_audit_revision_details.description         ? 
_pdbx_audit_revision_details.details             ? 
# 
loop_
_pdbx_audit_revision_group.ordinal 
_pdbx_audit_revision_group.revision_ordinal 
_pdbx_audit_revision_group.data_content_type 
_pdbx_audit_revision_group.group 
1 2 'Structure model' 'Version format compliance' 
2 3 'Structure model' 'Version format compliance' 
3 4 'Structure model' Advisory                    
4 4 'Structure model' 'Data collection'           
5 5 'Structure model' Advisory                    
6 5 'Structure model' 'Data collection'           
7 5 'Structure model' 'Database references'       
8 5 'Structure model' 'Structure summary'         
# 
loop_
_pdbx_audit_revision_category.ordinal 
_pdbx_audit_revision_category.revision_ordinal 
_pdbx_audit_revision_category.data_content_type 
_pdbx_audit_revision_category.category 
1  4 'Structure model' diffrn_source                   
2  4 'Structure model' pdbx_unobs_or_zero_occ_atoms    
3  4 'Structure model' pdbx_unobs_or_zero_occ_residues 
4  5 'Structure model' chem_comp_atom                  
5  5 'Structure model' chem_comp_bond                  
6  5 'Structure model' database_2                      
7  5 'Structure model' pdbx_entry_details              
8  5 'Structure model' pdbx_modification_feature       
9  5 'Structure model' pdbx_unobs_or_zero_occ_atoms    
10 5 'Structure model' pdbx_unobs_or_zero_occ_residues 
11 5 'Structure model' struct_ref_seq_dif              
# 
loop_
_pdbx_audit_revision_item.ordinal 
_pdbx_audit_revision_item.revision_ordinal 
_pdbx_audit_revision_item.data_content_type 
_pdbx_audit_revision_item.item 
1 4 'Structure model' '_diffrn_source.type'                 
2 5 'Structure model' '_database_2.pdbx_DOI'                
3 5 'Structure model' '_database_2.pdbx_database_accession' 
4 5 'Structure model' '_struct_ref_seq_dif.details'         
# 
_pdbx_database_status.status_code                     REL 
_pdbx_database_status.entry_id                        1G8Q 
_pdbx_database_status.recvd_initial_deposition_date   2000-11-20 
_pdbx_database_status.deposit_site                    RCSB 
_pdbx_database_status.process_site                    RCSB 
_pdbx_database_status.status_code_sf                  REL 
_pdbx_database_status.SG_entry                        . 
_pdbx_database_status.pdb_format_compatible           Y 
_pdbx_database_status.status_code_mr                  ? 
_pdbx_database_status.status_code_cs                  ? 
_pdbx_database_status.methods_development_category    ? 
_pdbx_database_status.status_code_nmr_data            ? 
# 
loop_
_audit_author.name 
_audit_author.pdbx_ordinal 
'Kitadokoro, K.' 1 
'Bolognesi, M.'  2 
'Bordo, D.'      3 
'Grandi, G.'     4 
'Galli, G.'      5 
'Petracca, R.'   6 
'Falugi, F.'     7 
# 
_citation.id                        primary 
_citation.title                     
'CD81 extracellular domain 3D structure: insight into the tetraspanin superfamily structural motifs.' 
_citation.journal_abbrev            'EMBO J.' 
_citation.journal_volume            20 
_citation.page_first                12 
_citation.page_last                 18 
_citation.year                      2001 
_citation.journal_id_ASTM           EMJODG 
_citation.country                   UK 
_citation.journal_id_ISSN           0261-4189 
_citation.journal_id_CSD            0897 
_citation.book_publisher            ? 
_citation.pdbx_database_id_PubMed   11226150 
_citation.pdbx_database_id_DOI      10.1093/emboj/20.1.12 
# 
loop_
_citation_author.citation_id 
_citation_author.name 
_citation_author.ordinal 
_citation_author.identifier_ORCID 
primary 'Kitadokoro, K.' 1 ? 
primary 'Bordo, D.'      2 ? 
primary 'Galli, G.'      3 ? 
primary 'Petracca, R.'   4 ? 
primary 'Falugi, F.'     5 ? 
primary 'Abrignani, S.'  6 ? 
primary 'Grandi, G.'     7 ? 
primary 'Bolognesi, M.'  8 ? 
# 
loop_
_entity.id 
_entity.type 
_entity.src_method 
_entity.pdbx_description 
_entity.formula_weight 
_entity.pdbx_number_of_molecules 
_entity.pdbx_ec 
_entity.pdbx_mutation 
_entity.pdbx_fragment 
_entity.details 
1 polymer man 'CD81 ANTIGEN, EXTRACELLULAR DOMAIN' 9917.077 2   ? ? 'EXTRACELLULAR DOMAIN' ? 
2 water   nat water                                18.015   194 ? ? ?                      ? 
# 
_entity_name_com.entity_id   1 
_entity_name_com.name        'CD81, TARGET OF ANTIPROLIFERATIVE ANTIBODY 1, 26 KDA CELL SURFACE PROTEIN TAPA-1' 
# 
_entity_poly.entity_id                      1 
_entity_poly.type                           'polypeptide(L)' 
_entity_poly.nstd_linkage                   no 
_entity_poly.nstd_monomer                   no 
_entity_poly.pdbx_seq_one_letter_code       
;FVNKDQIAKDVKQFYDQALQQAVVDDDANNAKAVVKTFHETLDCCGSSTLTALTTSVLKNNLCPSGSNIISNLFKEDCHQ
KIDDLFSGKH
;
_entity_poly.pdbx_seq_one_letter_code_can   
;FVNKDQIAKDVKQFYDQALQQAVVDDDANNAKAVVKTFHETLDCCGSSTLTALTTSVLKNNLCPSGSNIISNLFKEDCHQ
KIDDLFSGKH
;
_entity_poly.pdbx_strand_id                 A,B 
_entity_poly.pdbx_target_identifier         ? 
# 
_pdbx_entity_nonpoly.entity_id   2 
_pdbx_entity_nonpoly.name        water 
_pdbx_entity_nonpoly.comp_id     HOH 
# 
loop_
_entity_poly_seq.entity_id 
_entity_poly_seq.num 
_entity_poly_seq.mon_id 
_entity_poly_seq.hetero 
1 1  PHE n 
1 2  VAL n 
1 3  ASN n 
1 4  LYS n 
1 5  ASP n 
1 6  GLN n 
1 7  ILE n 
1 8  ALA n 
1 9  LYS n 
1 10 ASP n 
1 11 VAL n 
1 12 LYS n 
1 13 GLN n 
1 14 PHE n 
1 15 TYR n 
1 16 ASP n 
1 17 GLN n 
1 18 ALA n 
1 19 LEU n 
1 20 GLN n 
1 21 GLN n 
1 22 ALA n 
1 23 VAL n 
1 24 VAL n 
1 25 ASP n 
1 26 ASP n 
1 27 ASP n 
1 28 ALA n 
1 29 ASN n 
1 30 ASN n 
1 31 ALA n 
1 32 LYS n 
1 33 ALA n 
1 34 VAL n 
1 35 VAL n 
1 36 LYS n 
1 37 THR n 
1 38 PHE n 
1 39 HIS n 
1 40 GLU n 
1 41 THR n 
1 42 LEU n 
1 43 ASP n 
1 44 CYS n 
1 45 CYS n 
1 46 GLY n 
1 47 SER n 
1 48 SER n 
1 49 THR n 
1 50 LEU n 
1 51 THR n 
1 52 ALA n 
1 53 LEU n 
1 54 THR n 
1 55 THR n 
1 56 SER n 
1 57 VAL n 
1 58 LEU n 
1 59 LYS n 
1 60 ASN n 
1 61 ASN n 
1 62 LEU n 
1 63 CYS n 
1 64 PRO n 
1 65 SER n 
1 66 GLY n 
1 67 SER n 
1 68 ASN n 
1 69 ILE n 
1 70 ILE n 
1 71 SER n 
1 72 ASN n 
1 73 LEU n 
1 74 PHE n 
1 75 LYS n 
1 76 GLU n 
1 77 ASP n 
1 78 CYS n 
1 79 HIS n 
1 80 GLN n 
1 81 LYS n 
1 82 ILE n 
1 83 ASP n 
1 84 ASP n 
1 85 LEU n 
1 86 PHE n 
1 87 SER n 
1 88 GLY n 
1 89 LYS n 
1 90 HIS n 
# 
_entity_src_gen.entity_id                          1 
_entity_src_gen.pdbx_src_id                        1 
_entity_src_gen.pdbx_alt_source_flag               sample 
_entity_src_gen.pdbx_seq_type                      ? 
_entity_src_gen.pdbx_beg_seq_num                   ? 
_entity_src_gen.pdbx_end_seq_num                   ? 
_entity_src_gen.gene_src_common_name               human 
_entity_src_gen.gene_src_genus                     Homo 
_entity_src_gen.pdbx_gene_src_gene                 ? 
_entity_src_gen.gene_src_species                   ? 
_entity_src_gen.gene_src_strain                    ? 
_entity_src_gen.gene_src_tissue                    ? 
_entity_src_gen.gene_src_tissue_fraction           ? 
_entity_src_gen.gene_src_details                   ? 
_entity_src_gen.pdbx_gene_src_fragment             ? 
_entity_src_gen.pdbx_gene_src_scientific_name      'Homo sapiens' 
_entity_src_gen.pdbx_gene_src_ncbi_taxonomy_id     9606 
_entity_src_gen.pdbx_gene_src_variant              ? 
_entity_src_gen.pdbx_gene_src_cell_line            ? 
_entity_src_gen.pdbx_gene_src_atcc                 ? 
_entity_src_gen.pdbx_gene_src_organ                ? 
_entity_src_gen.pdbx_gene_src_organelle            ? 
_entity_src_gen.pdbx_gene_src_cell                 ? 
_entity_src_gen.pdbx_gene_src_cellular_location    ? 
_entity_src_gen.host_org_common_name               ? 
_entity_src_gen.pdbx_host_org_scientific_name      'Escherichia coli' 
_entity_src_gen.pdbx_host_org_ncbi_taxonomy_id     562 
_entity_src_gen.host_org_genus                     Escherichia 
_entity_src_gen.pdbx_host_org_gene                 ? 
_entity_src_gen.pdbx_host_org_organ                ? 
_entity_src_gen.host_org_species                   ? 
_entity_src_gen.pdbx_host_org_tissue               ? 
_entity_src_gen.pdbx_host_org_tissue_fraction      ? 
_entity_src_gen.pdbx_host_org_strain               ? 
_entity_src_gen.pdbx_host_org_variant              ? 
_entity_src_gen.pdbx_host_org_cell_line            ? 
_entity_src_gen.pdbx_host_org_atcc                 ? 
_entity_src_gen.pdbx_host_org_culture_collection   ? 
_entity_src_gen.pdbx_host_org_cell                 ? 
_entity_src_gen.pdbx_host_org_organelle            ? 
_entity_src_gen.pdbx_host_org_cellular_location    ? 
_entity_src_gen.pdbx_host_org_vector_type          PLASMID 
_entity_src_gen.pdbx_host_org_vector               ? 
_entity_src_gen.host_org_details                   ? 
_entity_src_gen.expression_system_id               ? 
_entity_src_gen.plasmid_name                       PEZZ18 
_entity_src_gen.plasmid_details                    ? 
_entity_src_gen.pdbx_description                   ? 
# 
loop_
_chem_comp.id 
_chem_comp.type 
_chem_comp.mon_nstd_flag 
_chem_comp.name 
_chem_comp.pdbx_synonyms 
_chem_comp.formula 
_chem_comp.formula_weight 
ALA 'L-peptide linking' y ALANINE         ? 'C3 H7 N O2'     89.093  
ASN 'L-peptide linking' y ASPARAGINE      ? 'C4 H8 N2 O3'    132.118 
ASP 'L-peptide linking' y 'ASPARTIC ACID' ? 'C4 H7 N O4'     133.103 
CYS 'L-peptide linking' y CYSTEINE        ? 'C3 H7 N O2 S'   121.158 
GLN 'L-peptide linking' y GLUTAMINE       ? 'C5 H10 N2 O3'   146.144 
GLU 'L-peptide linking' y 'GLUTAMIC ACID' ? 'C5 H9 N O4'     147.129 
GLY 'peptide linking'   y GLYCINE         ? 'C2 H5 N O2'     75.067  
HIS 'L-peptide linking' y HISTIDINE       ? 'C6 H10 N3 O2 1' 156.162 
HOH non-polymer         . WATER           ? 'H2 O'           18.015  
ILE 'L-peptide linking' y ISOLEUCINE      ? 'C6 H13 N O2'    131.173 
LEU 'L-peptide linking' y LEUCINE         ? 'C6 H13 N O2'    131.173 
LYS 'L-peptide linking' y LYSINE          ? 'C6 H15 N2 O2 1' 147.195 
PHE 'L-peptide linking' y PHENYLALANINE   ? 'C9 H11 N O2'    165.189 
PRO 'L-peptide linking' y PROLINE         ? 'C5 H9 N O2'     115.130 
SER 'L-peptide linking' y SERINE          ? 'C3 H7 N O3'     105.093 
THR 'L-peptide linking' y THREONINE       ? 'C4 H9 N O3'     119.119 
TYR 'L-peptide linking' y TYROSINE        ? 'C9 H11 N O3'    181.189 
VAL 'L-peptide linking' y VALINE          ? 'C5 H11 N O2'    117.146 
# 
loop_
_pdbx_poly_seq_scheme.asym_id 
_pdbx_poly_seq_scheme.entity_id 
_pdbx_poly_seq_scheme.seq_id 
_pdbx_poly_seq_scheme.mon_id 
_pdbx_poly_seq_scheme.ndb_seq_num 
_pdbx_poly_seq_scheme.pdb_seq_num 
_pdbx_poly_seq_scheme.auth_seq_num 
_pdbx_poly_seq_scheme.pdb_mon_id 
_pdbx_poly_seq_scheme.auth_mon_id 
_pdbx_poly_seq_scheme.pdb_strand_id 
_pdbx_poly_seq_scheme.pdb_ins_code 
_pdbx_poly_seq_scheme.hetero 
A 1 1  PHE 1  113 113 PHE PHE A . n 
A 1 2  VAL 2  114 114 VAL VAL A . n 
A 1 3  ASN 3  115 115 ASN ASN A . n 
A 1 4  LYS 4  116 116 LYS LYS A . n 
A 1 5  ASP 5  117 117 ASP ASP A . n 
A 1 6  GLN 6  118 118 GLN GLN A . n 
A 1 7  ILE 7  119 119 ILE ILE A . n 
A 1 8  ALA 8  120 120 ALA ALA A . n 
A 1 9  LYS 9  121 121 LYS LYS A . n 
A 1 10 ASP 10 122 122 ASP ASP A . n 
A 1 11 VAL 11 123 123 VAL VAL A . n 
A 1 12 LYS 12 124 124 LYS LYS A . n 
A 1 13 GLN 13 125 125 GLN GLN A . n 
A 1 14 PHE 14 126 126 PHE PHE A . n 
A 1 15 TYR 15 127 127 TYR TYR A . n 
A 1 16 ASP 16 128 128 ASP ASP A . n 
A 1 17 GLN 17 129 129 GLN GLN A . n 
A 1 18 ALA 18 130 130 ALA ALA A . n 
A 1 19 LEU 19 131 131 LEU LEU A . n 
A 1 20 GLN 20 132 132 GLN GLN A . n 
A 1 21 GLN 21 133 133 GLN GLN A . n 
A 1 22 ALA 22 134 134 ALA ALA A . n 
A 1 23 VAL 23 135 135 VAL VAL A . n 
A 1 24 VAL 24 136 136 VAL VAL A . n 
A 1 25 ASP 25 137 137 ASP ASP A . n 
A 1 26 ASP 26 138 138 ASP ASP A . n 
A 1 27 ASP 27 139 139 ASP ASP A . n 
A 1 28 ALA 28 140 140 ALA ALA A . n 
A 1 29 ASN 29 141 141 ASN ASN A . n 
A 1 30 ASN 30 142 142 ASN ASN A . n 
A 1 31 ALA 31 143 143 ALA ALA A . n 
A 1 32 LYS 32 144 144 LYS LYS A . n 
A 1 33 ALA 33 145 145 ALA ALA A . n 
A 1 34 VAL 34 146 146 VAL VAL A . n 
A 1 35 VAL 35 147 147 VAL VAL A . n 
A 1 36 LYS 36 148 148 LYS LYS A . n 
A 1 37 THR 37 149 149 THR THR A . n 
A 1 38 PHE 38 150 150 PHE PHE A . n 
A 1 39 HIS 39 151 151 HIS HIS A . n 
A 1 40 GLU 40 152 152 GLU GLU A . n 
A 1 41 THR 41 153 153 THR THR A . n 
A 1 42 LEU 42 154 154 LEU LEU A . n 
A 1 43 ASP 43 155 155 ASP ASP A . n 
A 1 44 CYS 44 156 156 CYS CYS A . n 
A 1 45 CYS 45 157 157 CYS CYS A . n 
A 1 46 GLY 46 158 158 GLY GLY A . n 
A 1 47 SER 47 159 159 SER SER A . n 
A 1 48 SER 48 160 160 SER SER A . n 
A 1 49 THR 49 161 161 THR THR A . n 
A 1 50 LEU 50 162 162 LEU LEU A . n 
A 1 51 THR 51 163 163 THR THR A . n 
A 1 52 ALA 52 164 164 ALA ALA A . n 
A 1 53 LEU 53 165 165 LEU LEU A . n 
A 1 54 THR 54 166 166 THR THR A . n 
A 1 55 THR 55 167 167 THR THR A . n 
A 1 56 SER 56 168 168 SER SER A . n 
A 1 57 VAL 57 169 169 VAL VAL A . n 
A 1 58 LEU 58 170 170 LEU LEU A . n 
A 1 59 LYS 59 171 171 LYS LYS A . n 
A 1 60 ASN 60 172 172 ASN ASN A . n 
A 1 61 ASN 61 173 173 ASN ASN A . n 
A 1 62 LEU 62 174 174 LEU LEU A . n 
A 1 63 CYS 63 175 175 CYS CYS A . n 
A 1 64 PRO 64 176 176 PRO PRO A . n 
A 1 65 SER 65 177 177 SER SER A . n 
A 1 66 GLY 66 178 178 GLY GLY A . n 
A 1 67 SER 67 179 179 SER SER A . n 
A 1 68 ASN 68 180 180 ASN ASN A . n 
A 1 69 ILE 69 181 181 ILE ILE A . n 
A 1 70 ILE 70 182 182 ILE ILE A . n 
A 1 71 SER 71 183 183 SER SER A . n 
A 1 72 ASN 72 184 184 ASN ASN A . n 
A 1 73 LEU 73 185 185 LEU LEU A . n 
A 1 74 PHE 74 186 186 PHE PHE A . n 
A 1 75 LYS 75 187 187 LYS LYS A . n 
A 1 76 GLU 76 188 188 GLU GLU A . n 
A 1 77 ASP 77 189 189 ASP ASP A . n 
A 1 78 CYS 78 190 190 CYS CYS A . n 
A 1 79 HIS 79 191 191 HIS HIS A . n 
A 1 80 GLN 80 192 192 GLN GLN A . n 
A 1 81 LYS 81 193 193 LYS LYS A . n 
A 1 82 ILE 82 194 194 ILE ILE A . n 
A 1 83 ASP 83 195 195 ASP ASP A . n 
A 1 84 ASP 84 196 196 ASP ASP A . n 
A 1 85 LEU 85 197 197 LEU LEU A . n 
A 1 86 PHE 86 198 198 PHE PHE A . n 
A 1 87 SER 87 199 199 SER SER A . n 
A 1 88 GLY 88 200 200 GLY GLY A . n 
A 1 89 LYS 89 201 201 LYS LYS A . n 
A 1 90 HIS 90 202 202 HIS HIS A . n 
B 1 1  PHE 1  213 213 PHE PHE B . n 
B 1 2  VAL 2  214 214 VAL VAL B . n 
B 1 3  ASN 3  215 215 ASN ASN B . n 
B 1 4  LYS 4  216 216 LYS LYS B . n 
B 1 5  ASP 5  217 217 ASP ASP B . n 
B 1 6  GLN 6  218 218 GLN GLN B . n 
B 1 7  ILE 7  219 219 ILE ILE B . n 
B 1 8  ALA 8  220 220 ALA ALA B . n 
B 1 9  LYS 9  221 221 LYS LYS B . n 
B 1 10 ASP 10 222 222 ASP ASP B . n 
B 1 11 VAL 11 223 223 VAL VAL B . n 
B 1 12 LYS 12 224 224 LYS LYS B . n 
B 1 13 GLN 13 225 225 GLN GLN B . n 
B 1 14 PHE 14 226 226 PHE PHE B . n 
B 1 15 TYR 15 227 227 TYR TYR B . n 
B 1 16 ASP 16 228 228 ASP ASP B . n 
B 1 17 GLN 17 229 229 GLN GLN B . n 
B 1 18 ALA 18 230 230 ALA ALA B . n 
B 1 19 LEU 19 231 231 LEU LEU B . n 
B 1 20 GLN 20 232 232 GLN GLN B . n 
B 1 21 GLN 21 233 233 GLN GLN B . n 
B 1 22 ALA 22 234 234 ALA ALA B . n 
B 1 23 VAL 23 235 235 VAL VAL B . n 
B 1 24 VAL 24 236 236 VAL VAL B . n 
B 1 25 ASP 25 237 237 ASP ASP B . n 
B 1 26 ASP 26 238 ?   ?   ?   B . n 
B 1 27 ASP 27 239 ?   ?   ?   B . n 
B 1 28 ALA 28 240 ?   ?   ?   B . n 
B 1 29 ASN 29 241 ?   ?   ?   B . n 
B 1 30 ASN 30 242 242 ASN ASN B . n 
B 1 31 ALA 31 243 243 ALA ALA B . n 
B 1 32 LYS 32 244 244 LYS LYS B . n 
B 1 33 ALA 33 245 245 ALA ALA B . n 
B 1 34 VAL 34 246 246 VAL VAL B . n 
B 1 35 VAL 35 247 247 VAL VAL B . n 
B 1 36 LYS 36 248 248 LYS LYS B . n 
B 1 37 THR 37 249 249 THR THR B . n 
B 1 38 PHE 38 250 250 PHE PHE B . n 
B 1 39 HIS 39 251 251 HIS HIS B . n 
B 1 40 GLU 40 252 252 GLU GLU B . n 
B 1 41 THR 41 253 253 THR THR B . n 
B 1 42 LEU 42 254 254 LEU LEU B . n 
B 1 43 ASP 43 255 255 ASP ASP B . n 
B 1 44 CYS 44 256 256 CYS CYS B . n 
B 1 45 CYS 45 257 257 CYS CYS B . n 
B 1 46 GLY 46 258 258 GLY GLY B . n 
B 1 47 SER 47 259 259 SER SER B . n 
B 1 48 SER 48 260 260 SER SER B . n 
B 1 49 THR 49 261 261 THR THR B . n 
B 1 50 LEU 50 262 262 LEU LEU B . n 
B 1 51 THR 51 263 263 THR THR B . n 
B 1 52 ALA 52 264 264 ALA ALA B . n 
B 1 53 LEU 53 265 265 LEU LEU B . n 
B 1 54 THR 54 266 266 THR THR B . n 
B 1 55 THR 55 267 267 THR THR B . n 
B 1 56 SER 56 268 268 SER SER B . n 
B 1 57 VAL 57 269 269 VAL VAL B . n 
B 1 58 LEU 58 270 270 LEU LEU B . n 
B 1 59 LYS 59 271 271 LYS LYS B . n 
B 1 60 ASN 60 272 272 ASN ASN B . n 
B 1 61 ASN 61 273 273 ASN ASN B . n 
B 1 62 LEU 62 274 274 LEU LEU B . n 
B 1 63 CYS 63 275 275 CYS CYS B . n 
B 1 64 PRO 64 276 276 PRO PRO B . n 
B 1 65 SER 65 277 277 SER SER B . n 
B 1 66 GLY 66 278 278 GLY GLY B . n 
B 1 67 SER 67 279 279 SER SER B . n 
B 1 68 ASN 68 280 280 ASN ASN B . n 
B 1 69 ILE 69 281 281 ILE ILE B . n 
B 1 70 ILE 70 282 282 ILE ILE B . n 
B 1 71 SER 71 283 283 SER SER B . n 
B 1 72 ASN 72 284 284 ASN ASN B . n 
B 1 73 LEU 73 285 285 LEU LEU B . n 
B 1 74 PHE 74 286 286 PHE PHE B . n 
B 1 75 LYS 75 287 287 LYS LYS B . n 
B 1 76 GLU 76 288 288 GLU GLU B . n 
B 1 77 ASP 77 289 289 ASP ASP B . n 
B 1 78 CYS 78 290 290 CYS CYS B . n 
B 1 79 HIS 79 291 291 HIS HIS B . n 
B 1 80 GLN 80 292 292 GLN GLN B . n 
B 1 81 LYS 81 293 293 LYS LYS B . n 
B 1 82 ILE 82 294 294 ILE ILE B . n 
B 1 83 ASP 83 295 295 ASP ASP B . n 
B 1 84 ASP 84 296 296 ASP ASP B . n 
B 1 85 LEU 85 297 297 LEU LEU B . n 
B 1 86 PHE 86 298 298 PHE PHE B . n 
B 1 87 SER 87 299 299 SER SER B . n 
B 1 88 GLY 88 300 300 GLY GLY B . n 
B 1 89 LYS 89 301 301 LYS LYS B . n 
B 1 90 HIS 90 302 302 HIS HIS B . n 
# 
loop_
_pdbx_nonpoly_scheme.asym_id 
_pdbx_nonpoly_scheme.entity_id 
_pdbx_nonpoly_scheme.mon_id 
_pdbx_nonpoly_scheme.ndb_seq_num 
_pdbx_nonpoly_scheme.pdb_seq_num 
_pdbx_nonpoly_scheme.auth_seq_num 
_pdbx_nonpoly_scheme.pdb_mon_id 
_pdbx_nonpoly_scheme.auth_mon_id 
_pdbx_nonpoly_scheme.pdb_strand_id 
_pdbx_nonpoly_scheme.pdb_ins_code 
C 2 HOH 1   203 1   HOH HOH A . 
C 2 HOH 2   204 4   HOH HOH A . 
C 2 HOH 3   205 7   HOH HOH A . 
C 2 HOH 4   206 8   HOH HOH A . 
C 2 HOH 5   207 13  HOH HOH A . 
C 2 HOH 6   208 14  HOH HOH A . 
C 2 HOH 7   209 15  HOH HOH A . 
C 2 HOH 8   210 19  HOH HOH A . 
C 2 HOH 9   211 20  HOH HOH A . 
C 2 HOH 10  212 23  HOH HOH A . 
C 2 HOH 11  213 24  HOH HOH A . 
C 2 HOH 12  214 28  HOH HOH A . 
C 2 HOH 13  215 32  HOH HOH A . 
C 2 HOH 14  216 33  HOH HOH A . 
C 2 HOH 15  217 36  HOH HOH A . 
C 2 HOH 16  218 37  HOH HOH A . 
C 2 HOH 17  219 38  HOH HOH A . 
C 2 HOH 18  220 42  HOH HOH A . 
C 2 HOH 19  221 44  HOH HOH A . 
C 2 HOH 20  222 46  HOH HOH A . 
C 2 HOH 21  223 47  HOH HOH A . 
C 2 HOH 22  224 51  HOH HOH A . 
C 2 HOH 23  225 53  HOH HOH A . 
C 2 HOH 24  226 54  HOH HOH A . 
C 2 HOH 25  227 55  HOH HOH A . 
C 2 HOH 26  228 57  HOH HOH A . 
C 2 HOH 27  229 61  HOH HOH A . 
C 2 HOH 28  230 62  HOH HOH A . 
C 2 HOH 29  231 63  HOH HOH A . 
C 2 HOH 30  232 64  HOH HOH A . 
C 2 HOH 31  233 67  HOH HOH A . 
C 2 HOH 32  234 68  HOH HOH A . 
C 2 HOH 33  235 69  HOH HOH A . 
C 2 HOH 34  236 70  HOH HOH A . 
C 2 HOH 35  237 72  HOH HOH A . 
C 2 HOH 36  238 73  HOH HOH A . 
C 2 HOH 37  239 74  HOH HOH A . 
C 2 HOH 38  240 75  HOH HOH A . 
C 2 HOH 39  241 76  HOH HOH A . 
C 2 HOH 40  242 79  HOH HOH A . 
C 2 HOH 41  243 80  HOH HOH A . 
C 2 HOH 42  244 81  HOH HOH A . 
C 2 HOH 43  245 82  HOH HOH A . 
C 2 HOH 44  246 88  HOH HOH A . 
C 2 HOH 45  247 90  HOH HOH A . 
C 2 HOH 46  248 92  HOH HOH A . 
C 2 HOH 47  249 93  HOH HOH A . 
C 2 HOH 48  250 96  HOH HOH A . 
C 2 HOH 49  251 98  HOH HOH A . 
C 2 HOH 50  252 99  HOH HOH A . 
C 2 HOH 51  253 100 HOH HOH A . 
C 2 HOH 52  254 101 HOH HOH A . 
C 2 HOH 53  255 102 HOH HOH A . 
C 2 HOH 54  256 104 HOH HOH A . 
C 2 HOH 55  257 106 HOH HOH A . 
C 2 HOH 56  258 107 HOH HOH A . 
C 2 HOH 57  259 109 HOH HOH A . 
C 2 HOH 58  260 110 HOH HOH A . 
C 2 HOH 59  261 111 HOH HOH A . 
C 2 HOH 60  262 112 HOH HOH A . 
C 2 HOH 61  263 113 HOH HOH A . 
C 2 HOH 62  264 115 HOH HOH A . 
C 2 HOH 63  265 116 HOH HOH A . 
C 2 HOH 64  266 117 HOH HOH A . 
C 2 HOH 65  267 118 HOH HOH A . 
C 2 HOH 66  268 119 HOH HOH A . 
C 2 HOH 67  269 120 HOH HOH A . 
C 2 HOH 68  270 123 HOH HOH A . 
C 2 HOH 69  271 124 HOH HOH A . 
C 2 HOH 70  272 125 HOH HOH A . 
C 2 HOH 71  273 126 HOH HOH A . 
C 2 HOH 72  274 127 HOH HOH A . 
C 2 HOH 73  275 128 HOH HOH A . 
C 2 HOH 74  276 129 HOH HOH A . 
C 2 HOH 75  277 130 HOH HOH A . 
C 2 HOH 76  278 133 HOH HOH A . 
C 2 HOH 77  279 134 HOH HOH A . 
C 2 HOH 78  280 135 HOH HOH A . 
C 2 HOH 79  281 136 HOH HOH A . 
C 2 HOH 80  282 137 HOH HOH A . 
C 2 HOH 81  283 139 HOH HOH A . 
C 2 HOH 82  284 140 HOH HOH A . 
C 2 HOH 83  285 141 HOH HOH A . 
C 2 HOH 84  286 145 HOH HOH A . 
C 2 HOH 85  287 148 HOH HOH A . 
C 2 HOH 86  288 149 HOH HOH A . 
C 2 HOH 87  289 151 HOH HOH A . 
C 2 HOH 88  290 155 HOH HOH A . 
C 2 HOH 89  291 157 HOH HOH A . 
C 2 HOH 90  292 158 HOH HOH A . 
C 2 HOH 91  293 160 HOH HOH A . 
C 2 HOH 92  294 161 HOH HOH A . 
C 2 HOH 93  295 162 HOH HOH A . 
C 2 HOH 94  296 164 HOH HOH A . 
C 2 HOH 95  297 165 HOH HOH A . 
C 2 HOH 96  298 170 HOH HOH A . 
C 2 HOH 97  299 172 HOH HOH A . 
C 2 HOH 98  300 173 HOH HOH A . 
C 2 HOH 99  301 182 HOH HOH A . 
C 2 HOH 100 302 188 HOH HOH A . 
C 2 HOH 101 303 189 HOH HOH A . 
C 2 HOH 102 304 190 HOH HOH A . 
C 2 HOH 103 305 191 HOH HOH A . 
C 2 HOH 104 306 193 HOH HOH A . 
D 2 HOH 1   2   2   HOH HOH B . 
D 2 HOH 2   3   3   HOH HOH B . 
D 2 HOH 3   5   5   HOH HOH B . 
D 2 HOH 4   6   6   HOH HOH B . 
D 2 HOH 5   9   9   HOH HOH B . 
D 2 HOH 6   10  10  HOH HOH B . 
D 2 HOH 7   11  11  HOH HOH B . 
D 2 HOH 8   12  12  HOH HOH B . 
D 2 HOH 9   16  16  HOH HOH B . 
D 2 HOH 10  17  17  HOH HOH B . 
D 2 HOH 11  18  18  HOH HOH B . 
D 2 HOH 12  21  21  HOH HOH B . 
D 2 HOH 13  22  22  HOH HOH B . 
D 2 HOH 14  25  25  HOH HOH B . 
D 2 HOH 15  26  26  HOH HOH B . 
D 2 HOH 16  27  27  HOH HOH B . 
D 2 HOH 17  29  29  HOH HOH B . 
D 2 HOH 18  30  30  HOH HOH B . 
D 2 HOH 19  31  31  HOH HOH B . 
D 2 HOH 20  34  34  HOH HOH B . 
D 2 HOH 21  35  35  HOH HOH B . 
D 2 HOH 22  39  39  HOH HOH B . 
D 2 HOH 23  40  40  HOH HOH B . 
D 2 HOH 24  41  41  HOH HOH B . 
D 2 HOH 25  43  43  HOH HOH B . 
D 2 HOH 26  45  45  HOH HOH B . 
D 2 HOH 27  48  48  HOH HOH B . 
D 2 HOH 28  49  49  HOH HOH B . 
D 2 HOH 29  50  50  HOH HOH B . 
D 2 HOH 30  52  52  HOH HOH B . 
D 2 HOH 31  56  56  HOH HOH B . 
D 2 HOH 32  58  58  HOH HOH B . 
D 2 HOH 33  59  59  HOH HOH B . 
D 2 HOH 34  60  60  HOH HOH B . 
D 2 HOH 35  65  65  HOH HOH B . 
D 2 HOH 36  66  66  HOH HOH B . 
D 2 HOH 37  71  71  HOH HOH B . 
D 2 HOH 38  77  77  HOH HOH B . 
D 2 HOH 39  78  78  HOH HOH B . 
D 2 HOH 40  83  83  HOH HOH B . 
D 2 HOH 41  84  84  HOH HOH B . 
D 2 HOH 42  85  85  HOH HOH B . 
D 2 HOH 43  86  86  HOH HOH B . 
D 2 HOH 44  87  87  HOH HOH B . 
D 2 HOH 45  89  89  HOH HOH B . 
D 2 HOH 46  91  91  HOH HOH B . 
D 2 HOH 47  94  94  HOH HOH B . 
D 2 HOH 48  95  95  HOH HOH B . 
D 2 HOH 49  97  97  HOH HOH B . 
D 2 HOH 50  103 103 HOH HOH B . 
D 2 HOH 51  105 105 HOH HOH B . 
D 2 HOH 52  108 108 HOH HOH B . 
D 2 HOH 53  114 114 HOH HOH B . 
D 2 HOH 54  121 121 HOH HOH B . 
D 2 HOH 55  122 122 HOH HOH B . 
D 2 HOH 56  131 131 HOH HOH B . 
D 2 HOH 57  132 132 HOH HOH B . 
D 2 HOH 58  138 138 HOH HOH B . 
D 2 HOH 59  142 142 HOH HOH B . 
D 2 HOH 60  143 143 HOH HOH B . 
D 2 HOH 61  144 144 HOH HOH B . 
D 2 HOH 62  146 146 HOH HOH B . 
D 2 HOH 63  147 147 HOH HOH B . 
D 2 HOH 64  150 150 HOH HOH B . 
D 2 HOH 65  152 152 HOH HOH B . 
D 2 HOH 66  153 153 HOH HOH B . 
D 2 HOH 67  154 154 HOH HOH B . 
D 2 HOH 68  156 156 HOH HOH B . 
D 2 HOH 69  159 159 HOH HOH B . 
D 2 HOH 70  163 163 HOH HOH B . 
D 2 HOH 71  166 166 HOH HOH B . 
D 2 HOH 72  167 167 HOH HOH B . 
D 2 HOH 73  168 168 HOH HOH B . 
D 2 HOH 74  169 169 HOH HOH B . 
D 2 HOH 75  171 171 HOH HOH B . 
D 2 HOH 76  174 174 HOH HOH B . 
D 2 HOH 77  175 175 HOH HOH B . 
D 2 HOH 78  176 176 HOH HOH B . 
D 2 HOH 79  177 177 HOH HOH B . 
D 2 HOH 80  178 178 HOH HOH B . 
D 2 HOH 81  179 179 HOH HOH B . 
D 2 HOH 82  180 180 HOH HOH B . 
D 2 HOH 83  181 181 HOH HOH B . 
D 2 HOH 84  183 183 HOH HOH B . 
D 2 HOH 85  184 184 HOH HOH B . 
D 2 HOH 86  185 185 HOH HOH B . 
D 2 HOH 87  186 186 HOH HOH B . 
D 2 HOH 88  187 187 HOH HOH B . 
D 2 HOH 89  192 192 HOH HOH B . 
D 2 HOH 90  194 194 HOH HOH B . 
# 
loop_
_pdbx_unobs_or_zero_occ_atoms.id 
_pdbx_unobs_or_zero_occ_atoms.PDB_model_num 
_pdbx_unobs_or_zero_occ_atoms.polymer_flag 
_pdbx_unobs_or_zero_occ_atoms.occupancy_flag 
_pdbx_unobs_or_zero_occ_atoms.auth_asym_id 
_pdbx_unobs_or_zero_occ_atoms.auth_comp_id 
_pdbx_unobs_or_zero_occ_atoms.auth_seq_id 
_pdbx_unobs_or_zero_occ_atoms.PDB_ins_code 
_pdbx_unobs_or_zero_occ_atoms.auth_atom_id 
_pdbx_unobs_or_zero_occ_atoms.label_alt_id 
_pdbx_unobs_or_zero_occ_atoms.label_asym_id 
_pdbx_unobs_or_zero_occ_atoms.label_comp_id 
_pdbx_unobs_or_zero_occ_atoms.label_seq_id 
_pdbx_unobs_or_zero_occ_atoms.label_atom_id 
1  1 Y 0 A ASP 138 ? CG  ? A ASP 26 CG  
2  1 Y 0 A ASP 138 ? OD1 ? A ASP 26 OD1 
3  1 Y 0 A ASP 138 ? OD2 ? A ASP 26 OD2 
4  1 Y 0 B PHE 213 ? N   ? B PHE 1  N   
5  1 Y 0 B PHE 213 ? CB  ? B PHE 1  CB  
6  1 Y 0 B PHE 213 ? CG  ? B PHE 1  CG  
7  1 Y 0 B PHE 213 ? CD1 ? B PHE 1  CD1 
8  1 Y 0 B PHE 213 ? CD2 ? B PHE 1  CD2 
9  1 Y 0 B PHE 213 ? CE1 ? B PHE 1  CE1 
10 1 Y 0 B PHE 213 ? CE2 ? B PHE 1  CE2 
11 1 Y 0 B PHE 213 ? CZ  ? B PHE 1  CZ  
12 1 Y 1 B SER 279 ? CB  ? B SER 67 CB  
13 1 Y 1 B SER 279 ? OG  ? B SER 67 OG  
14 1 Y 0 B ASN 280 ? N   ? B ASN 68 N   
# 
loop_
_software.name 
_software.classification 
_software.version 
_software.citation_id 
_software.pdbx_ordinal 
DENZO     'data reduction' . ? 1 
SCALEPACK 'data scaling'   . ? 2 
SHARP     phasing          . ? 3 
REFMAC    refinement       . ? 4 
# 
_cell.entry_id           1G8Q 
_cell.length_a           31.485 
_cell.length_b           77.172 
_cell.length_c           38.462 
_cell.angle_alpha        90.00 
_cell.angle_beta         107.39 
_cell.angle_gamma        90.00 
_cell.Z_PDB              4 
_cell.pdbx_unique_axis   ? 
# 
_symmetry.entry_id                         1G8Q 
_symmetry.space_group_name_H-M             'P 1 21 1' 
_symmetry.pdbx_full_space_group_name_H-M   ? 
_symmetry.cell_setting                     monoclinic 
_symmetry.Int_Tables_number                4 
# 
_exptl.entry_id          1G8Q 
_exptl.method            'X-RAY DIFFRACTION' 
_exptl.crystals_number   1 
# 
_exptl_crystal.id                    1 
_exptl_crystal.density_meas          ? 
_exptl_crystal.density_Matthews      2.25 
_exptl_crystal.density_percent_sol   45.28 
_exptl_crystal.description           ? 
# 
_exptl_crystal_grow.crystal_id      1 
_exptl_crystal_grow.method          'VAPOR DIFFUSION, SITTING DROP' 
_exptl_crystal_grow.temp            298 
_exptl_crystal_grow.temp_details    ? 
_exptl_crystal_grow.pH              6.0 
_exptl_crystal_grow.pdbx_details    'PEG 4000, MES, NaCl, pH 6.0, VAPOR DIFFUSION, SITTING DROP, temperature 298K' 
_exptl_crystal_grow.pdbx_pH_range   ? 
# 
_diffrn.id                     1 
_diffrn.ambient_temp           100.0 
_diffrn.ambient_temp_details   ? 
_diffrn.crystal_id             1 
# 
_diffrn_detector.diffrn_id              1 
_diffrn_detector.detector               CCD 
_diffrn_detector.type                   MARRESEARCH 
_diffrn_detector.pdbx_collection_date   1999-11-19 
_diffrn_detector.details                ? 
# 
_diffrn_radiation.diffrn_id                        1 
_diffrn_radiation.wavelength_id                    1 
_diffrn_radiation.pdbx_monochromatic_or_laue_m_l   M 
_diffrn_radiation.monochromator                    'Sagitally focusing Ge(220) and a multilayer' 
_diffrn_radiation.pdbx_diffrn_protocol             'SINGLE WAVELENGTH' 
_diffrn_radiation.pdbx_scattering_type             x-ray 
# 
_diffrn_radiation_wavelength.id           1 
_diffrn_radiation_wavelength.wavelength   0.93 
_diffrn_radiation_wavelength.wt           1.0 
# 
_diffrn_source.diffrn_id                   1 
_diffrn_source.source                      SYNCHROTRON 
_diffrn_source.type                        ESRF 
_diffrn_source.pdbx_synchrotron_site       ESRF 
_diffrn_source.pdbx_synchrotron_beamline   ? 
_diffrn_source.pdbx_wavelength             ? 
_diffrn_source.pdbx_wavelength_list        0.93 
# 
_reflns.entry_id                     1G8Q 
_reflns.observed_criterion_sigma_I   1 
_reflns.observed_criterion_sigma_F   2 
_reflns.d_resolution_low             50.0 
_reflns.d_resolution_high            1.60 
_reflns.number_obs                   21557 
_reflns.number_all                   36910 
_reflns.percent_possible_obs         98.0 
_reflns.pdbx_Rmerge_I_obs            0.038 
_reflns.pdbx_Rsym_value              ? 
_reflns.pdbx_netI_over_sigmaI        5.2 
_reflns.B_iso_Wilson_estimate        26.3 
_reflns.pdbx_redundancy              6.9 
_reflns.R_free_details               ? 
_reflns.limit_h_max                  ? 
_reflns.limit_h_min                  ? 
_reflns.limit_k_max                  ? 
_reflns.limit_k_min                  ? 
_reflns.limit_l_max                  ? 
_reflns.limit_l_min                  ? 
_reflns.observed_criterion_F_max     ? 
_reflns.observed_criterion_F_min     ? 
_reflns.pdbx_diffrn_id               1 
_reflns.pdbx_ordinal                 1 
# 
_reflns_shell.d_res_high             1.60 
_reflns_shell.d_res_low              1.66 
_reflns_shell.percent_possible_all   98.0 
_reflns_shell.Rmerge_I_obs           0.303 
_reflns_shell.pdbx_Rsym_value        0.314 
_reflns_shell.meanI_over_sigI_obs    ? 
_reflns_shell.pdbx_redundancy        2.0 
_reflns_shell.percent_possible_obs   ? 
_reflns_shell.number_unique_all      2249 
_reflns_shell.pdbx_diffrn_id         ? 
_reflns_shell.pdbx_ordinal           1 
# 
_refine.entry_id                                 1G8Q 
_refine.ls_number_reflns_obs                     23143 
_refine.ls_number_reflns_all                     36910 
_refine.pdbx_ls_sigma_I                          0 
_refine.pdbx_ls_sigma_F                          0 
_refine.pdbx_data_cutoff_high_absF               ? 
_refine.pdbx_data_cutoff_low_absF                ? 
_refine.ls_d_res_low                             20 
_refine.ls_d_res_high                            1.60 
_refine.ls_percent_reflns_obs                    93.0 
_refine.ls_R_factor_obs                          ? 
_refine.ls_R_factor_all                          ? 
_refine.ls_R_factor_R_work                       0.188 
_refine.ls_R_factor_R_free                       0.238 
_refine.ls_R_factor_R_free_error                 ? 
_refine.ls_R_factor_R_free_error_details         ? 
_refine.ls_percent_reflns_R_free                 4.8 
_refine.ls_number_reflns_R_free                  1104 
_refine.ls_number_parameters                     ? 
_refine.ls_number_restraints                     ? 
_refine.occupancy_min                            ? 
_refine.occupancy_max                            ? 
_refine.B_iso_mean                               ? 
_refine.aniso_B[1][1]                            ? 
_refine.aniso_B[2][2]                            ? 
_refine.aniso_B[3][3]                            ? 
_refine.aniso_B[1][2]                            ? 
_refine.aniso_B[1][3]                            ? 
_refine.aniso_B[2][3]                            ? 
_refine.solvent_model_details                    ? 
_refine.solvent_model_param_ksol                 ? 
_refine.solvent_model_param_bsol                 ? 
_refine.pdbx_ls_cross_valid_method               THROUGHOUT 
_refine.details                                  ? 
_refine.pdbx_starting_model                      ? 
_refine.pdbx_method_to_determine_struct          MIR 
_refine.pdbx_isotropic_thermal_model             Isotropic 
_refine.pdbx_stereochemistry_target_values       'Engh & Huber' 
_refine.pdbx_stereochem_target_val_spec_case     ? 
_refine.pdbx_R_Free_selection_details            RANDOM 
_refine.pdbx_overall_ESU_R_Free                  ? 
_refine.overall_SU_B                             ? 
_refine.ls_redundancy_reflns_obs                 ? 
_refine.B_iso_min                                ? 
_refine.B_iso_max                                ? 
_refine.overall_SU_ML                            ? 
_refine.pdbx_overall_ESU_R                       ? 
_refine.pdbx_data_cutoff_high_rms_absF           ? 
_refine.correlation_coeff_Fo_to_Fc               ? 
_refine.correlation_coeff_Fo_to_Fc_free          ? 
_refine.overall_SU_R_Cruickshank_DPI             ? 
_refine.overall_SU_R_free                        ? 
_refine.pdbx_refine_id                           'X-RAY DIFFRACTION' 
_refine.pdbx_diffrn_id                           1 
_refine.pdbx_TLS_residual_ADP_flag               ? 
_refine.pdbx_solvent_vdw_probe_radii             ? 
_refine.pdbx_solvent_ion_probe_radii             ? 
_refine.pdbx_solvent_shrinkage_radii             ? 
_refine.pdbx_overall_phase_error                 ? 
_refine.pdbx_overall_SU_R_free_Cruickshank_DPI   ? 
_refine.pdbx_overall_SU_R_Blow_DPI               ? 
_refine.pdbx_overall_SU_R_free_Blow_DPI          ? 
# 
_refine_hist.pdbx_refine_id                   'X-RAY DIFFRACTION' 
_refine_hist.cycle_id                         LAST 
_refine_hist.pdbx_number_atoms_protein        1356 
_refine_hist.pdbx_number_atoms_nucleic_acid   0 
_refine_hist.pdbx_number_atoms_ligand         0 
_refine_hist.number_atoms_solvent             194 
_refine_hist.number_atoms_total               1550 
_refine_hist.d_res_high                       1.60 
_refine_hist.d_res_low                        20 
# 
_refine_ls_restr.type                      refmac 
_refine_ls_restr.dev_ideal                 0.022 
_refine_ls_restr.dev_ideal_target          ? 
_refine_ls_restr.weight                    ? 
_refine_ls_restr.number                    ? 
_refine_ls_restr.pdbx_refine_id            'X-RAY DIFFRACTION' 
_refine_ls_restr.pdbx_restraint_function   ? 
# 
_refine_ls_shell.pdbx_total_number_of_bins_used   ? 
_refine_ls_shell.d_res_high                       1.60 
_refine_ls_shell.d_res_low                        1.673 
_refine_ls_shell.number_reflns_R_work             ? 
_refine_ls_shell.R_factor_R_work                  0.291 
_refine_ls_shell.percent_reflns_obs               85.2 
_refine_ls_shell.R_factor_R_free                  0.373 
_refine_ls_shell.R_factor_R_free_error            0.082 
_refine_ls_shell.percent_reflns_R_free            ? 
_refine_ls_shell.number_reflns_R_free             116 
_refine_ls_shell.number_reflns_obs                2625 
_refine_ls_shell.redundancy_reflns_obs            ? 
_refine_ls_shell.number_reflns_all                ? 
_refine_ls_shell.pdbx_refine_id                   'X-RAY DIFFRACTION' 
_refine_ls_shell.R_factor_all                     ? 
# 
_struct.entry_id                  1G8Q 
_struct.title                     'CRYSTAL STRUCTURE OF HUMAN CD81 EXTRACELLULAR DOMAIN, A RECEPTOR FOR HEPATITIS C VIRUS' 
_struct.pdbx_model_details        ? 
_struct.pdbx_CASP_flag            ? 
_struct.pdbx_model_type_details   ? 
# 
_struct_keywords.entry_id        1G8Q 
_struct_keywords.pdbx_keywords   'IMMUNE SYSTEM' 
_struct_keywords.text            'Alpha Helical, immune system' 
# 
loop_
_struct_asym.id 
_struct_asym.pdbx_blank_PDB_chainid_flag 
_struct_asym.pdbx_modified 
_struct_asym.entity_id 
_struct_asym.details 
A N N 1 ? 
B N N 1 ? 
C N N 2 ? 
D N N 2 ? 
# 
_struct_ref.id                         1 
_struct_ref.entity_id                  1 
_struct_ref.db_name                    UNP 
_struct_ref.db_code                    CD81_HUMAN 
_struct_ref.pdbx_db_accession          P60033 
_struct_ref.pdbx_align_begin           113 
_struct_ref.pdbx_seq_one_letter_code   
;FVNKDQIAKDVKQFYDQALQQAVVDDDANNAKAVVKTFHETLDCCGSSTLTALTTSVLKNNLCPSGSNIISNLFKEDCHQ
KIDDLFSGKL
;
_struct_ref.pdbx_db_isoform            ? 
# 
loop_
_struct_ref_seq.align_id 
_struct_ref_seq.ref_id 
_struct_ref_seq.pdbx_PDB_id_code 
_struct_ref_seq.pdbx_strand_id 
_struct_ref_seq.seq_align_beg 
_struct_ref_seq.pdbx_seq_align_beg_ins_code 
_struct_ref_seq.seq_align_end 
_struct_ref_seq.pdbx_seq_align_end_ins_code 
_struct_ref_seq.pdbx_db_accession 
_struct_ref_seq.db_align_beg 
_struct_ref_seq.pdbx_db_align_beg_ins_code 
_struct_ref_seq.db_align_end 
_struct_ref_seq.pdbx_db_align_end_ins_code 
_struct_ref_seq.pdbx_auth_seq_align_beg 
_struct_ref_seq.pdbx_auth_seq_align_end 
1 1 1G8Q A 1 ? 90 ? P60033 113 ? 202 ? 113 202 
2 1 1G8Q B 1 ? 90 ? P60033 113 ? 202 ? 213 302 
# 
loop_
_struct_ref_seq_dif.align_id 
_struct_ref_seq_dif.pdbx_pdb_id_code 
_struct_ref_seq_dif.mon_id 
_struct_ref_seq_dif.pdbx_pdb_strand_id 
_struct_ref_seq_dif.seq_num 
_struct_ref_seq_dif.pdbx_pdb_ins_code 
_struct_ref_seq_dif.pdbx_seq_db_name 
_struct_ref_seq_dif.pdbx_seq_db_accession_code 
_struct_ref_seq_dif.db_mon_id 
_struct_ref_seq_dif.pdbx_seq_db_seq_num 
_struct_ref_seq_dif.details 
_struct_ref_seq_dif.pdbx_auth_seq_num 
_struct_ref_seq_dif.pdbx_ordinal 
1 1G8Q HIS A 90 ? UNP P60033 LEU 202 conflict 202 1 
2 1G8Q HIS B 90 ? UNP P60033 LEU 202 conflict 302 2 
# 
_pdbx_struct_assembly.id                   1 
_pdbx_struct_assembly.details              author_and_software_defined_assembly 
_pdbx_struct_assembly.method_details       PISA 
_pdbx_struct_assembly.oligomeric_details   dimeric 
_pdbx_struct_assembly.oligomeric_count     2 
# 
loop_
_pdbx_struct_assembly_prop.biol_id 
_pdbx_struct_assembly_prop.type 
_pdbx_struct_assembly_prop.value 
_pdbx_struct_assembly_prop.details 
1 'ABSA (A^2)' 1880 ? 
1 MORE         -17  ? 
1 'SSA (A^2)'  9150 ? 
# 
_pdbx_struct_assembly_gen.assembly_id       1 
_pdbx_struct_assembly_gen.oper_expression   1 
_pdbx_struct_assembly_gen.asym_id_list      A,B,C,D 
# 
_pdbx_struct_oper_list.id                   1 
_pdbx_struct_oper_list.type                 'identity operation' 
_pdbx_struct_oper_list.name                 1_555 
_pdbx_struct_oper_list.symmetry_operation   x,y,z 
_pdbx_struct_oper_list.matrix[1][1]         1.0000000000 
_pdbx_struct_oper_list.matrix[1][2]         0.0000000000 
_pdbx_struct_oper_list.matrix[1][3]         0.0000000000 
_pdbx_struct_oper_list.vector[1]            0.0000000000 
_pdbx_struct_oper_list.matrix[2][1]         0.0000000000 
_pdbx_struct_oper_list.matrix[2][2]         1.0000000000 
_pdbx_struct_oper_list.matrix[2][3]         0.0000000000 
_pdbx_struct_oper_list.vector[2]            0.0000000000 
_pdbx_struct_oper_list.matrix[3][1]         0.0000000000 
_pdbx_struct_oper_list.matrix[3][2]         0.0000000000 
_pdbx_struct_oper_list.matrix[3][3]         1.0000000000 
_pdbx_struct_oper_list.vector[3]            0.0000000000 
# 
_struct_biol.id                    1 
_struct_biol.pdbx_parent_biol_id   ? 
_struct_biol.details               ? 
# 
loop_
_struct_conf.conf_type_id 
_struct_conf.id 
_struct_conf.pdbx_PDB_helix_id 
_struct_conf.beg_label_comp_id 
_struct_conf.beg_label_asym_id 
_struct_conf.beg_label_seq_id 
_struct_conf.pdbx_beg_PDB_ins_code 
_struct_conf.end_label_comp_id 
_struct_conf.end_label_asym_id 
_struct_conf.end_label_seq_id 
_struct_conf.pdbx_end_PDB_ins_code 
_struct_conf.beg_auth_comp_id 
_struct_conf.beg_auth_asym_id 
_struct_conf.beg_auth_seq_id 
_struct_conf.end_auth_comp_id 
_struct_conf.end_auth_asym_id 
_struct_conf.end_auth_seq_id 
_struct_conf.pdbx_PDB_helix_class 
_struct_conf.details 
_struct_conf.pdbx_PDB_helix_length 
HELX_P HELX_P1  1  ASN A 3  ? ASP A 25 ? ASN A 115 ASP A 137 1 ? 23 
HELX_P HELX_P2  2  ALA A 28 ? ASP A 43 ? ALA A 140 ASP A 155 1 ? 16 
HELX_P HELX_P3  3  LEU A 50 ? ALA A 52 ? LEU A 162 ALA A 164 5 ? 3  
HELX_P HELX_P4  4  LEU A 53 ? ASN A 60 ? LEU A 165 ASN A 172 1 ? 8  
HELX_P HELX_P5  5  ASN A 68 ? PHE A 74 ? ASN A 180 PHE A 186 1 ? 7  
HELX_P HELX_P6  6  ASP A 77 ? GLY A 88 ? ASP A 189 GLY A 200 1 ? 12 
HELX_P HELX_P7  7  ASN B 3  ? VAL B 24 ? ASN B 215 VAL B 236 1 ? 22 
HELX_P HELX_P8  8  ASN B 30 ? ASP B 43 ? ASN B 242 ASP B 255 1 ? 14 
HELX_P HELX_P9  9  LEU B 50 ? ASN B 60 ? LEU B 262 ASN B 272 1 ? 11 
HELX_P HELX_P10 10 GLY B 66 ? ASN B 72 ? GLY B 278 ASN B 284 1 ? 7  
HELX_P HELX_P11 11 ASP B 77 ? GLY B 88 ? ASP B 289 GLY B 300 1 ? 12 
# 
_struct_conf_type.id          HELX_P 
_struct_conf_type.criteria    ? 
_struct_conf_type.reference   ? 
# 
loop_
_struct_conn.id 
_struct_conn.conn_type_id 
_struct_conn.pdbx_leaving_atom_flag 
_struct_conn.pdbx_PDB_id 
_struct_conn.ptnr1_label_asym_id 
_struct_conn.ptnr1_label_comp_id 
_struct_conn.ptnr1_label_seq_id 
_struct_conn.ptnr1_label_atom_id 
_struct_conn.pdbx_ptnr1_label_alt_id 
_struct_conn.pdbx_ptnr1_PDB_ins_code 
_struct_conn.pdbx_ptnr1_standard_comp_id 
_struct_conn.ptnr1_symmetry 
_struct_conn.ptnr2_label_asym_id 
_struct_conn.ptnr2_label_comp_id 
_struct_conn.ptnr2_label_seq_id 
_struct_conn.ptnr2_label_atom_id 
_struct_conn.pdbx_ptnr2_label_alt_id 
_struct_conn.pdbx_ptnr2_PDB_ins_code 
_struct_conn.ptnr1_auth_asym_id 
_struct_conn.ptnr1_auth_comp_id 
_struct_conn.ptnr1_auth_seq_id 
_struct_conn.ptnr2_auth_asym_id 
_struct_conn.ptnr2_auth_comp_id 
_struct_conn.ptnr2_auth_seq_id 
_struct_conn.ptnr2_symmetry 
_struct_conn.pdbx_ptnr3_label_atom_id 
_struct_conn.pdbx_ptnr3_label_seq_id 
_struct_conn.pdbx_ptnr3_label_comp_id 
_struct_conn.pdbx_ptnr3_label_asym_id 
_struct_conn.pdbx_ptnr3_label_alt_id 
_struct_conn.pdbx_ptnr3_PDB_ins_code 
_struct_conn.details 
_struct_conn.pdbx_dist_value 
_struct_conn.pdbx_value_order 
_struct_conn.pdbx_role 
disulf1 disulf ? ? A CYS 44 SG ? ? ? 1_555 A CYS 78 SG ? ? A CYS 156 A CYS 190 1_555 ? ? ? ? ? ? ? 2.063 ? ? 
disulf2 disulf ? ? A CYS 45 SG ? ? ? 1_555 A CYS 63 SG ? ? A CYS 157 A CYS 175 1_555 ? ? ? ? ? ? ? 2.009 ? ? 
disulf3 disulf ? ? B CYS 44 SG ? ? ? 1_555 B CYS 78 SG ? ? B CYS 256 B CYS 290 1_555 ? ? ? ? ? ? ? 2.089 ? ? 
disulf4 disulf ? ? B CYS 45 SG ? ? ? 1_555 B CYS 63 SG ? ? B CYS 257 B CYS 275 1_555 ? ? ? ? ? ? ? 1.996 ? ? 
# 
_struct_conn_type.id          disulf 
_struct_conn_type.criteria    ? 
_struct_conn_type.reference   ? 
# 
loop_
_pdbx_modification_feature.ordinal 
_pdbx_modification_feature.label_comp_id 
_pdbx_modification_feature.label_asym_id 
_pdbx_modification_feature.label_seq_id 
_pdbx_modification_feature.label_alt_id 
_pdbx_modification_feature.modified_residue_label_comp_id 
_pdbx_modification_feature.modified_residue_label_asym_id 
_pdbx_modification_feature.modified_residue_label_seq_id 
_pdbx_modification_feature.modified_residue_label_alt_id 
_pdbx_modification_feature.auth_comp_id 
_pdbx_modification_feature.auth_asym_id 
_pdbx_modification_feature.auth_seq_id 
_pdbx_modification_feature.PDB_ins_code 
_pdbx_modification_feature.symmetry 
_pdbx_modification_feature.modified_residue_auth_comp_id 
_pdbx_modification_feature.modified_residue_auth_asym_id 
_pdbx_modification_feature.modified_residue_auth_seq_id 
_pdbx_modification_feature.modified_residue_PDB_ins_code 
_pdbx_modification_feature.modified_residue_symmetry 
_pdbx_modification_feature.comp_id_linking_atom 
_pdbx_modification_feature.modified_residue_id_linking_atom 
_pdbx_modification_feature.modified_residue_id 
_pdbx_modification_feature.ref_pcm_id 
_pdbx_modification_feature.ref_comp_id 
_pdbx_modification_feature.type 
_pdbx_modification_feature.category 
1 CYS A 44 ? CYS A 78 ? CYS A 156 ? 1_555 CYS A 190 ? 1_555 SG SG . . . None 'Disulfide bridge' 
2 CYS A 45 ? CYS A 63 ? CYS A 157 ? 1_555 CYS A 175 ? 1_555 SG SG . . . None 'Disulfide bridge' 
3 CYS B 44 ? CYS B 78 ? CYS B 256 ? 1_555 CYS B 290 ? 1_555 SG SG . . . None 'Disulfide bridge' 
4 CYS B 45 ? CYS B 63 ? CYS B 257 ? 1_555 CYS B 275 ? 1_555 SG SG . . . None 'Disulfide bridge' 
# 
_pdbx_entry_details.entry_id                   1G8Q 
_pdbx_entry_details.compound_details           ? 
_pdbx_entry_details.source_details             ? 
_pdbx_entry_details.nonpolymer_details         ? 
_pdbx_entry_details.sequence_details           ? 
_pdbx_entry_details.has_ligand_of_interest     ? 
_pdbx_entry_details.has_protein_modification   Y 
# 
loop_
_pdbx_validate_close_contact.id 
_pdbx_validate_close_contact.PDB_model_num 
_pdbx_validate_close_contact.auth_atom_id_1 
_pdbx_validate_close_contact.auth_asym_id_1 
_pdbx_validate_close_contact.auth_comp_id_1 
_pdbx_validate_close_contact.auth_seq_id_1 
_pdbx_validate_close_contact.PDB_ins_code_1 
_pdbx_validate_close_contact.label_alt_id_1 
_pdbx_validate_close_contact.auth_atom_id_2 
_pdbx_validate_close_contact.auth_asym_id_2 
_pdbx_validate_close_contact.auth_comp_id_2 
_pdbx_validate_close_contact.auth_seq_id_2 
_pdbx_validate_close_contact.PDB_ins_code_2 
_pdbx_validate_close_contact.label_alt_id_2 
_pdbx_validate_close_contact.dist 
1 1 O   B SER 277 ? ? N B GLY 278 ? ? 0.87 
2 1 OD2 A ASP 138 ? ? O A HOH 267 ? ? 1.91 
3 1 OD2 A ASP 155 ? ? O A HOH 292 ? ? 2.03 
4 1 O   A HIS 202 ? ? O A HOH 216 ? ? 2.08 
5 1 NZ  B LYS 271 ? ? O B HOH 154 ? ? 2.10 
6 1 O   A HOH 279 ? ? O B HOH 168 ? ? 2.12 
7 1 CG  B GLN 229 ? ? O B HOH 194 ? ? 2.17 
8 1 O   A HOH 221 ? ? O A HOH 279 ? ? 2.19 
# 
loop_
_pdbx_validate_symm_contact.id 
_pdbx_validate_symm_contact.PDB_model_num 
_pdbx_validate_symm_contact.auth_atom_id_1 
_pdbx_validate_symm_contact.auth_asym_id_1 
_pdbx_validate_symm_contact.auth_comp_id_1 
_pdbx_validate_symm_contact.auth_seq_id_1 
_pdbx_validate_symm_contact.PDB_ins_code_1 
_pdbx_validate_symm_contact.label_alt_id_1 
_pdbx_validate_symm_contact.site_symmetry_1 
_pdbx_validate_symm_contact.auth_atom_id_2 
_pdbx_validate_symm_contact.auth_asym_id_2 
_pdbx_validate_symm_contact.auth_comp_id_2 
_pdbx_validate_symm_contact.auth_seq_id_2 
_pdbx_validate_symm_contact.PDB_ins_code_2 
_pdbx_validate_symm_contact.label_alt_id_2 
_pdbx_validate_symm_contact.site_symmetry_2 
_pdbx_validate_symm_contact.dist 
1  1 CZ  B PHE 213 ? ? 1_555 O A HOH 300 ? ? 1_655 0.78 
2  1 OD1 A ASP 138 ? ? 1_555 O B HOH 180 ? ? 2_646 1.37 
3  1 CE1 B PHE 213 ? ? 1_555 O A HOH 300 ? ? 1_655 1.43 
4  1 CE2 B PHE 213 ? ? 1_555 O A HOH 300 ? ? 1_655 1.66 
5  1 C   B ILE 282 ? ? 1_555 O A HOH 285 ? ? 2_556 1.83 
6  1 CG2 B ILE 282 ? ? 1_555 O A HOH 285 ? ? 2_556 1.87 
7  1 O   A HOH 245 ? ? 1_555 O B HOH 143 ? ? 1_455 2.15 
8  1 CE2 B PHE 213 ? ? 1_555 O A HOH 223 ? ? 1_655 2.15 
9  1 O   B ILE 282 ? ? 1_555 O A HOH 285 ? ? 2_556 2.17 
10 1 CB  B ILE 282 ? ? 1_555 O A HOH 285 ? ? 2_556 2.17 
# 
_pdbx_validate_rmsd_bond.id                        1 
_pdbx_validate_rmsd_bond.PDB_model_num             1 
_pdbx_validate_rmsd_bond.auth_atom_id_1            CB 
_pdbx_validate_rmsd_bond.auth_asym_id_1            A 
_pdbx_validate_rmsd_bond.auth_comp_id_1            ASP 
_pdbx_validate_rmsd_bond.auth_seq_id_1             138 
_pdbx_validate_rmsd_bond.PDB_ins_code_1            ? 
_pdbx_validate_rmsd_bond.label_alt_id_1            ? 
_pdbx_validate_rmsd_bond.auth_atom_id_2            CG 
_pdbx_validate_rmsd_bond.auth_asym_id_2            A 
_pdbx_validate_rmsd_bond.auth_comp_id_2            ASP 
_pdbx_validate_rmsd_bond.auth_seq_id_2             138 
_pdbx_validate_rmsd_bond.PDB_ins_code_2            ? 
_pdbx_validate_rmsd_bond.label_alt_id_2            ? 
_pdbx_validate_rmsd_bond.bond_value                1.807 
_pdbx_validate_rmsd_bond.bond_target_value         1.513 
_pdbx_validate_rmsd_bond.bond_deviation            0.294 
_pdbx_validate_rmsd_bond.bond_standard_deviation   0.021 
_pdbx_validate_rmsd_bond.linker_flag               N 
# 
loop_
_pdbx_validate_rmsd_angle.id 
_pdbx_validate_rmsd_angle.PDB_model_num 
_pdbx_validate_rmsd_angle.auth_atom_id_1 
_pdbx_validate_rmsd_angle.auth_asym_id_1 
_pdbx_validate_rmsd_angle.auth_comp_id_1 
_pdbx_validate_rmsd_angle.auth_seq_id_1 
_pdbx_validate_rmsd_angle.PDB_ins_code_1 
_pdbx_validate_rmsd_angle.label_alt_id_1 
_pdbx_validate_rmsd_angle.auth_atom_id_2 
_pdbx_validate_rmsd_angle.auth_asym_id_2 
_pdbx_validate_rmsd_angle.auth_comp_id_2 
_pdbx_validate_rmsd_angle.auth_seq_id_2 
_pdbx_validate_rmsd_angle.PDB_ins_code_2 
_pdbx_validate_rmsd_angle.label_alt_id_2 
_pdbx_validate_rmsd_angle.auth_atom_id_3 
_pdbx_validate_rmsd_angle.auth_asym_id_3 
_pdbx_validate_rmsd_angle.auth_comp_id_3 
_pdbx_validate_rmsd_angle.auth_seq_id_3 
_pdbx_validate_rmsd_angle.PDB_ins_code_3 
_pdbx_validate_rmsd_angle.label_alt_id_3 
_pdbx_validate_rmsd_angle.angle_value 
_pdbx_validate_rmsd_angle.angle_target_value 
_pdbx_validate_rmsd_angle.angle_deviation 
_pdbx_validate_rmsd_angle.angle_standard_deviation 
_pdbx_validate_rmsd_angle.linker_flag 
1  1 CB  A PHE 126 ? ? CG  A PHE 126 ? ? CD1 A PHE 126 ? ? 116.30 120.80 -4.50  0.70 N 
2  1 CB  A TYR 127 ? ? CG  A TYR 127 ? ? CD2 A TYR 127 ? ? 114.26 121.00 -6.74  0.60 N 
3  1 CB  A TYR 127 ? ? CG  A TYR 127 ? ? CD1 A TYR 127 ? ? 126.68 121.00 5.68   0.60 N 
4  1 CA  A ASP 138 ? ? CB  A ASP 138 ? ? CG  A ASP 138 ? ? 97.61  113.40 -15.79 2.20 N 
5  1 O   A ASN 141 ? ? C   A ASN 141 ? ? N   A ASN 142 ? ? 134.47 122.70 11.77  1.60 Y 
6  1 CA  A VAL 147 ? ? CB  A VAL 147 ? ? CG2 A VAL 147 ? ? 96.70  110.90 -14.20 1.50 N 
7  1 CB  A HIS 151 ? ? CG  A HIS 151 ? ? ND1 A HIS 151 ? ? 112.92 121.40 -8.48  1.30 N 
8  1 N   A SER 159 ? ? CA  A SER 159 ? ? CB  A SER 159 ? ? 120.11 110.50 9.61   1.50 N 
9  1 CB  A LEU 165 ? ? CG  A LEU 165 ? ? CD2 A LEU 165 ? ? 125.02 111.00 14.02  1.70 N 
10 1 CA  A THR 167 ? ? C   A THR 167 ? ? O   A THR 167 ? ? 133.67 120.10 13.57  2.10 N 
11 1 CB  A PHE 186 ? ? CG  A PHE 186 ? ? CD2 A PHE 186 ? ? 116.00 120.80 -4.80  0.70 N 
12 1 OD1 A ASP 189 ? ? CG  A ASP 189 ? ? OD2 A ASP 189 ? ? 107.35 123.30 -15.95 1.90 N 
13 1 CB  A ASP 189 ? ? CG  A ASP 189 ? ? OD2 A ASP 189 ? ? 133.22 118.30 14.92  0.90 N 
14 1 CA  B PHE 213 ? ? CB  B PHE 213 ? ? CG  B PHE 213 ? ? 132.09 113.90 18.19  2.40 N 
15 1 CB  B SER 268 ? ? CA  B SER 268 ? ? C   B SER 268 ? ? 124.26 110.10 14.16  1.90 N 
16 1 CG  B PHE 286 ? ? CD1 B PHE 286 ? ? CE1 B PHE 286 ? ? 127.43 120.80 6.63   1.10 N 
17 1 CB  B ASP 296 ? ? CG  B ASP 296 ? ? OD2 B ASP 296 ? ? 111.23 118.30 -7.07  0.90 N 
# 
_pdbx_validate_torsion.id              1 
_pdbx_validate_torsion.PDB_model_num   1 
_pdbx_validate_torsion.auth_comp_id    LYS 
_pdbx_validate_torsion.auth_asym_id    A 
_pdbx_validate_torsion.auth_seq_id     201 
_pdbx_validate_torsion.PDB_ins_code    ? 
_pdbx_validate_torsion.label_alt_id    ? 
_pdbx_validate_torsion.phi             -100.97 
_pdbx_validate_torsion.psi             -78.74 
# 
_pdbx_validate_main_chain_plane.id                       1 
_pdbx_validate_main_chain_plane.PDB_model_num            1 
_pdbx_validate_main_chain_plane.auth_comp_id             SER 
_pdbx_validate_main_chain_plane.auth_asym_id             B 
_pdbx_validate_main_chain_plane.auth_seq_id              259 
_pdbx_validate_main_chain_plane.PDB_ins_code             ? 
_pdbx_validate_main_chain_plane.label_alt_id             ? 
_pdbx_validate_main_chain_plane.improper_torsion_angle   -10.20 
# 
_pdbx_validate_polymer_linkage.id               1 
_pdbx_validate_polymer_linkage.PDB_model_num    1 
_pdbx_validate_polymer_linkage.auth_atom_id_1   C 
_pdbx_validate_polymer_linkage.auth_asym_id_1   B 
_pdbx_validate_polymer_linkage.auth_comp_id_1   SER 
_pdbx_validate_polymer_linkage.auth_seq_id_1    277 
_pdbx_validate_polymer_linkage.PDB_ins_code_1   ? 
_pdbx_validate_polymer_linkage.label_alt_id_1   ? 
_pdbx_validate_polymer_linkage.auth_atom_id_2   N 
_pdbx_validate_polymer_linkage.auth_asym_id_2   B 
_pdbx_validate_polymer_linkage.auth_comp_id_2   GLY 
_pdbx_validate_polymer_linkage.auth_seq_id_2    278 
_pdbx_validate_polymer_linkage.PDB_ins_code_2   ? 
_pdbx_validate_polymer_linkage.label_alt_id_2   ? 
_pdbx_validate_polymer_linkage.dist             1.68 
# 
loop_
_pdbx_unobs_or_zero_occ_residues.id 
_pdbx_unobs_or_zero_occ_residues.PDB_model_num 
_pdbx_unobs_or_zero_occ_residues.polymer_flag 
_pdbx_unobs_or_zero_occ_residues.occupancy_flag 
_pdbx_unobs_or_zero_occ_residues.auth_asym_id 
_pdbx_unobs_or_zero_occ_residues.auth_comp_id 
_pdbx_unobs_or_zero_occ_residues.auth_seq_id 
_pdbx_unobs_or_zero_occ_residues.PDB_ins_code 
_pdbx_unobs_or_zero_occ_residues.label_asym_id 
_pdbx_unobs_or_zero_occ_residues.label_comp_id 
_pdbx_unobs_or_zero_occ_residues.label_seq_id 
1 1 Y 1 B ASP 238 ? B ASP 26 
2 1 Y 1 B ASP 239 ? B ASP 27 
3 1 Y 1 B ALA 240 ? B ALA 28 
4 1 Y 1 B ASN 241 ? B ASN 29 
5 1 Y 0 B GLY 278 ? B GLY 66 
6 1 Y 0 B SER 279 ? B SER 67 
# 
loop_
_chem_comp_atom.comp_id 
_chem_comp_atom.atom_id 
_chem_comp_atom.type_symbol 
_chem_comp_atom.pdbx_aromatic_flag 
_chem_comp_atom.pdbx_stereo_config 
_chem_comp_atom.pdbx_ordinal 
ALA N    N N N 1   
ALA CA   C N S 2   
ALA C    C N N 3   
ALA O    O N N 4   
ALA CB   C N N 5   
ALA OXT  O N N 6   
ALA H    H N N 7   
ALA H2   H N N 8   
ALA HA   H N N 9   
ALA HB1  H N N 10  
ALA HB2  H N N 11  
ALA HB3  H N N 12  
ALA HXT  H N N 13  
ASN N    N N N 14  
ASN CA   C N S 15  
ASN C    C N N 16  
ASN O    O N N 17  
ASN CB   C N N 18  
ASN CG   C N N 19  
ASN OD1  O N N 20  
ASN ND2  N N N 21  
ASN OXT  O N N 22  
ASN H    H N N 23  
ASN H2   H N N 24  
ASN HA   H N N 25  
ASN HB2  H N N 26  
ASN HB3  H N N 27  
ASN HD21 H N N 28  
ASN HD22 H N N 29  
ASN HXT  H N N 30  
ASP N    N N N 31  
ASP CA   C N S 32  
ASP C    C N N 33  
ASP O    O N N 34  
ASP CB   C N N 35  
ASP CG   C N N 36  
ASP OD1  O N N 37  
ASP OD2  O N N 38  
ASP OXT  O N N 39  
ASP H    H N N 40  
ASP H2   H N N 41  
ASP HA   H N N 42  
ASP HB2  H N N 43  
ASP HB3  H N N 44  
ASP HD2  H N N 45  
ASP HXT  H N N 46  
CYS N    N N N 47  
CYS CA   C N R 48  
CYS C    C N N 49  
CYS O    O N N 50  
CYS CB   C N N 51  
CYS SG   S N N 52  
CYS OXT  O N N 53  
CYS H    H N N 54  
CYS H2   H N N 55  
CYS HA   H N N 56  
CYS HB2  H N N 57  
CYS HB3  H N N 58  
CYS HG   H N N 59  
CYS HXT  H N N 60  
GLN N    N N N 61  
GLN CA   C N S 62  
GLN C    C N N 63  
GLN O    O N N 64  
GLN CB   C N N 65  
GLN CG   C N N 66  
GLN CD   C N N 67  
GLN OE1  O N N 68  
GLN NE2  N N N 69  
GLN OXT  O N N 70  
GLN H    H N N 71  
GLN H2   H N N 72  
GLN HA   H N N 73  
GLN HB2  H N N 74  
GLN HB3  H N N 75  
GLN HG2  H N N 76  
GLN HG3  H N N 77  
GLN HE21 H N N 78  
GLN HE22 H N N 79  
GLN HXT  H N N 80  
GLU N    N N N 81  
GLU CA   C N S 82  
GLU C    C N N 83  
GLU O    O N N 84  
GLU CB   C N N 85  
GLU CG   C N N 86  
GLU CD   C N N 87  
GLU OE1  O N N 88  
GLU OE2  O N N 89  
GLU OXT  O N N 90  
GLU H    H N N 91  
GLU H2   H N N 92  
GLU HA   H N N 93  
GLU HB2  H N N 94  
GLU HB3  H N N 95  
GLU HG2  H N N 96  
GLU HG3  H N N 97  
GLU HE2  H N N 98  
GLU HXT  H N N 99  
GLY N    N N N 100 
GLY CA   C N N 101 
GLY C    C N N 102 
GLY O    O N N 103 
GLY OXT  O N N 104 
GLY H    H N N 105 
GLY H2   H N N 106 
GLY HA2  H N N 107 
GLY HA3  H N N 108 
GLY HXT  H N N 109 
HIS N    N N N 110 
HIS CA   C N S 111 
HIS C    C N N 112 
HIS O    O N N 113 
HIS CB   C N N 114 
HIS CG   C Y N 115 
HIS ND1  N Y N 116 
HIS CD2  C Y N 117 
HIS CE1  C Y N 118 
HIS NE2  N Y N 119 
HIS OXT  O N N 120 
HIS H    H N N 121 
HIS H2   H N N 122 
HIS HA   H N N 123 
HIS HB2  H N N 124 
HIS HB3  H N N 125 
HIS HD1  H N N 126 
HIS HD2  H N N 127 
HIS HE1  H N N 128 
HIS HE2  H N N 129 
HIS HXT  H N N 130 
HOH O    O N N 131 
HOH H1   H N N 132 
HOH H2   H N N 133 
ILE N    N N N 134 
ILE CA   C N S 135 
ILE C    C N N 136 
ILE O    O N N 137 
ILE CB   C N S 138 
ILE CG1  C N N 139 
ILE CG2  C N N 140 
ILE CD1  C N N 141 
ILE OXT  O N N 142 
ILE H    H N N 143 
ILE H2   H N N 144 
ILE HA   H N N 145 
ILE HB   H N N 146 
ILE HG12 H N N 147 
ILE HG13 H N N 148 
ILE HG21 H N N 149 
ILE HG22 H N N 150 
ILE HG23 H N N 151 
ILE HD11 H N N 152 
ILE HD12 H N N 153 
ILE HD13 H N N 154 
ILE HXT  H N N 155 
LEU N    N N N 156 
LEU CA   C N S 157 
LEU C    C N N 158 
LEU O    O N N 159 
LEU CB   C N N 160 
LEU CG   C N N 161 
LEU CD1  C N N 162 
LEU CD2  C N N 163 
LEU OXT  O N N 164 
LEU H    H N N 165 
LEU H2   H N N 166 
LEU HA   H N N 167 
LEU HB2  H N N 168 
LEU HB3  H N N 169 
LEU HG   H N N 170 
LEU HD11 H N N 171 
LEU HD12 H N N 172 
LEU HD13 H N N 173 
LEU HD21 H N N 174 
LEU HD22 H N N 175 
LEU HD23 H N N 176 
LEU HXT  H N N 177 
LYS N    N N N 178 
LYS CA   C N S 179 
LYS C    C N N 180 
LYS O    O N N 181 
LYS CB   C N N 182 
LYS CG   C N N 183 
LYS CD   C N N 184 
LYS CE   C N N 185 
LYS NZ   N N N 186 
LYS OXT  O N N 187 
LYS H    H N N 188 
LYS H2   H N N 189 
LYS HA   H N N 190 
LYS HB2  H N N 191 
LYS HB3  H N N 192 
LYS HG2  H N N 193 
LYS HG3  H N N 194 
LYS HD2  H N N 195 
LYS HD3  H N N 196 
LYS HE2  H N N 197 
LYS HE3  H N N 198 
LYS HZ1  H N N 199 
LYS HZ2  H N N 200 
LYS HZ3  H N N 201 
LYS HXT  H N N 202 
PHE N    N N N 203 
PHE CA   C N S 204 
PHE C    C N N 205 
PHE O    O N N 206 
PHE CB   C N N 207 
PHE CG   C Y N 208 
PHE CD1  C Y N 209 
PHE CD2  C Y N 210 
PHE CE1  C Y N 211 
PHE CE2  C Y N 212 
PHE CZ   C Y N 213 
PHE OXT  O N N 214 
PHE H    H N N 215 
PHE H2   H N N 216 
PHE HA   H N N 217 
PHE HB2  H N N 218 
PHE HB3  H N N 219 
PHE HD1  H N N 220 
PHE HD2  H N N 221 
PHE HE1  H N N 222 
PHE HE2  H N N 223 
PHE HZ   H N N 224 
PHE HXT  H N N 225 
PRO N    N N N 226 
PRO CA   C N S 227 
PRO C    C N N 228 
PRO O    O N N 229 
PRO CB   C N N 230 
PRO CG   C N N 231 
PRO CD   C N N 232 
PRO OXT  O N N 233 
PRO H    H N N 234 
PRO HA   H N N 235 
PRO HB2  H N N 236 
PRO HB3  H N N 237 
PRO HG2  H N N 238 
PRO HG3  H N N 239 
PRO HD2  H N N 240 
PRO HD3  H N N 241 
PRO HXT  H N N 242 
SER N    N N N 243 
SER CA   C N S 244 
SER C    C N N 245 
SER O    O N N 246 
SER CB   C N N 247 
SER OG   O N N 248 
SER OXT  O N N 249 
SER H    H N N 250 
SER H2   H N N 251 
SER HA   H N N 252 
SER HB2  H N N 253 
SER HB3  H N N 254 
SER HG   H N N 255 
SER HXT  H N N 256 
THR N    N N N 257 
THR CA   C N S 258 
THR C    C N N 259 
THR O    O N N 260 
THR CB   C N R 261 
THR OG1  O N N 262 
THR CG2  C N N 263 
THR OXT  O N N 264 
THR H    H N N 265 
THR H2   H N N 266 
THR HA   H N N 267 
THR HB   H N N 268 
THR HG1  H N N 269 
THR HG21 H N N 270 
THR HG22 H N N 271 
THR HG23 H N N 272 
THR HXT  H N N 273 
TYR N    N N N 274 
TYR CA   C N S 275 
TYR C    C N N 276 
TYR O    O N N 277 
TYR CB   C N N 278 
TYR CG   C Y N 279 
TYR CD1  C Y N 280 
TYR CD2  C Y N 281 
TYR CE1  C Y N 282 
TYR CE2  C Y N 283 
TYR CZ   C Y N 284 
TYR OH   O N N 285 
TYR OXT  O N N 286 
TYR H    H N N 287 
TYR H2   H N N 288 
TYR HA   H N N 289 
TYR HB2  H N N 290 
TYR HB3  H N N 291 
TYR HD1  H N N 292 
TYR HD2  H N N 293 
TYR HE1  H N N 294 
TYR HE2  H N N 295 
TYR HH   H N N 296 
TYR HXT  H N N 297 
VAL N    N N N 298 
VAL CA   C N S 299 
VAL C    C N N 300 
VAL O    O N N 301 
VAL CB   C N N 302 
VAL CG1  C N N 303 
VAL CG2  C N N 304 
VAL OXT  O N N 305 
VAL H    H N N 306 
VAL H2   H N N 307 
VAL HA   H N N 308 
VAL HB   H N N 309 
VAL HG11 H N N 310 
VAL HG12 H N N 311 
VAL HG13 H N N 312 
VAL HG21 H N N 313 
VAL HG22 H N N 314 
VAL HG23 H N N 315 
VAL HXT  H N N 316 
# 
loop_
_chem_comp_bond.comp_id 
_chem_comp_bond.atom_id_1 
_chem_comp_bond.atom_id_2 
_chem_comp_bond.value_order 
_chem_comp_bond.pdbx_aromatic_flag 
_chem_comp_bond.pdbx_stereo_config 
_chem_comp_bond.pdbx_ordinal 
ALA N   CA   sing N N 1   
ALA N   H    sing N N 2   
ALA N   H2   sing N N 3   
ALA CA  C    sing N N 4   
ALA CA  CB   sing N N 5   
ALA CA  HA   sing N N 6   
ALA C   O    doub N N 7   
ALA C   OXT  sing N N 8   
ALA CB  HB1  sing N N 9   
ALA CB  HB2  sing N N 10  
ALA CB  HB3  sing N N 11  
ALA OXT HXT  sing N N 12  
ASN N   CA   sing N N 13  
ASN N   H    sing N N 14  
ASN N   H2   sing N N 15  
ASN CA  C    sing N N 16  
ASN CA  CB   sing N N 17  
ASN CA  HA   sing N N 18  
ASN C   O    doub N N 19  
ASN C   OXT  sing N N 20  
ASN CB  CG   sing N N 21  
ASN CB  HB2  sing N N 22  
ASN CB  HB3  sing N N 23  
ASN CG  OD1  doub N N 24  
ASN CG  ND2  sing N N 25  
ASN ND2 HD21 sing N N 26  
ASN ND2 HD22 sing N N 27  
ASN OXT HXT  sing N N 28  
ASP N   CA   sing N N 29  
ASP N   H    sing N N 30  
ASP N   H2   sing N N 31  
ASP CA  C    sing N N 32  
ASP CA  CB   sing N N 33  
ASP CA  HA   sing N N 34  
ASP C   O    doub N N 35  
ASP C   OXT  sing N N 36  
ASP CB  CG   sing N N 37  
ASP CB  HB2  sing N N 38  
ASP CB  HB3  sing N N 39  
ASP CG  OD1  doub N N 40  
ASP CG  OD2  sing N N 41  
ASP OD2 HD2  sing N N 42  
ASP OXT HXT  sing N N 43  
CYS N   CA   sing N N 44  
CYS N   H    sing N N 45  
CYS N   H2   sing N N 46  
CYS CA  C    sing N N 47  
CYS CA  CB   sing N N 48  
CYS CA  HA   sing N N 49  
CYS C   O    doub N N 50  
CYS C   OXT  sing N N 51  
CYS CB  SG   sing N N 52  
CYS CB  HB2  sing N N 53  
CYS CB  HB3  sing N N 54  
CYS SG  HG   sing N N 55  
CYS OXT HXT  sing N N 56  
GLN N   CA   sing N N 57  
GLN N   H    sing N N 58  
GLN N   H2   sing N N 59  
GLN CA  C    sing N N 60  
GLN CA  CB   sing N N 61  
GLN CA  HA   sing N N 62  
GLN C   O    doub N N 63  
GLN C   OXT  sing N N 64  
GLN CB  CG   sing N N 65  
GLN CB  HB2  sing N N 66  
GLN CB  HB3  sing N N 67  
GLN CG  CD   sing N N 68  
GLN CG  HG2  sing N N 69  
GLN CG  HG3  sing N N 70  
GLN CD  OE1  doub N N 71  
GLN CD  NE2  sing N N 72  
GLN NE2 HE21 sing N N 73  
GLN NE2 HE22 sing N N 74  
GLN OXT HXT  sing N N 75  
GLU N   CA   sing N N 76  
GLU N   H    sing N N 77  
GLU N   H2   sing N N 78  
GLU CA  C    sing N N 79  
GLU CA  CB   sing N N 80  
GLU CA  HA   sing N N 81  
GLU C   O    doub N N 82  
GLU C   OXT  sing N N 83  
GLU CB  CG   sing N N 84  
GLU CB  HB2  sing N N 85  
GLU CB  HB3  sing N N 86  
GLU CG  CD   sing N N 87  
GLU CG  HG2  sing N N 88  
GLU CG  HG3  sing N N 89  
GLU CD  OE1  doub N N 90  
GLU CD  OE2  sing N N 91  
GLU OE2 HE2  sing N N 92  
GLU OXT HXT  sing N N 93  
GLY N   CA   sing N N 94  
GLY N   H    sing N N 95  
GLY N   H2   sing N N 96  
GLY CA  C    sing N N 97  
GLY CA  HA2  sing N N 98  
GLY CA  HA3  sing N N 99  
GLY C   O    doub N N 100 
GLY C   OXT  sing N N 101 
GLY OXT HXT  sing N N 102 
HIS N   CA   sing N N 103 
HIS N   H    sing N N 104 
HIS N   H2   sing N N 105 
HIS CA  C    sing N N 106 
HIS CA  CB   sing N N 107 
HIS CA  HA   sing N N 108 
HIS C   O    doub N N 109 
HIS C   OXT  sing N N 110 
HIS CB  CG   sing N N 111 
HIS CB  HB2  sing N N 112 
HIS CB  HB3  sing N N 113 
HIS CG  ND1  sing Y N 114 
HIS CG  CD2  doub Y N 115 
HIS ND1 CE1  doub Y N 116 
HIS ND1 HD1  sing N N 117 
HIS CD2 NE2  sing Y N 118 
HIS CD2 HD2  sing N N 119 
HIS CE1 NE2  sing Y N 120 
HIS CE1 HE1  sing N N 121 
HIS NE2 HE2  sing N N 122 
HIS OXT HXT  sing N N 123 
HOH O   H1   sing N N 124 
HOH O   H2   sing N N 125 
ILE N   CA   sing N N 126 
ILE N   H    sing N N 127 
ILE N   H2   sing N N 128 
ILE CA  C    sing N N 129 
ILE CA  CB   sing N N 130 
ILE CA  HA   sing N N 131 
ILE C   O    doub N N 132 
ILE C   OXT  sing N N 133 
ILE CB  CG1  sing N N 134 
ILE CB  CG2  sing N N 135 
ILE CB  HB   sing N N 136 
ILE CG1 CD1  sing N N 137 
ILE CG1 HG12 sing N N 138 
ILE CG1 HG13 sing N N 139 
ILE CG2 HG21 sing N N 140 
ILE CG2 HG22 sing N N 141 
ILE CG2 HG23 sing N N 142 
ILE CD1 HD11 sing N N 143 
ILE CD1 HD12 sing N N 144 
ILE CD1 HD13 sing N N 145 
ILE OXT HXT  sing N N 146 
LEU N   CA   sing N N 147 
LEU N   H    sing N N 148 
LEU N   H2   sing N N 149 
LEU CA  C    sing N N 150 
LEU CA  CB   sing N N 151 
LEU CA  HA   sing N N 152 
LEU C   O    doub N N 153 
LEU C   OXT  sing N N 154 
LEU CB  CG   sing N N 155 
LEU CB  HB2  sing N N 156 
LEU CB  HB3  sing N N 157 
LEU CG  CD1  sing N N 158 
LEU CG  CD2  sing N N 159 
LEU CG  HG   sing N N 160 
LEU CD1 HD11 sing N N 161 
LEU CD1 HD12 sing N N 162 
LEU CD1 HD13 sing N N 163 
LEU CD2 HD21 sing N N 164 
LEU CD2 HD22 sing N N 165 
LEU CD2 HD23 sing N N 166 
LEU OXT HXT  sing N N 167 
LYS N   CA   sing N N 168 
LYS N   H    sing N N 169 
LYS N   H2   sing N N 170 
LYS CA  C    sing N N 171 
LYS CA  CB   sing N N 172 
LYS CA  HA   sing N N 173 
LYS C   O    doub N N 174 
LYS C   OXT  sing N N 175 
LYS CB  CG   sing N N 176 
LYS CB  HB2  sing N N 177 
LYS CB  HB3  sing N N 178 
LYS CG  CD   sing N N 179 
LYS CG  HG2  sing N N 180 
LYS CG  HG3  sing N N 181 
LYS CD  CE   sing N N 182 
LYS CD  HD2  sing N N 183 
LYS CD  HD3  sing N N 184 
LYS CE  NZ   sing N N 185 
LYS CE  HE2  sing N N 186 
LYS CE  HE3  sing N N 187 
LYS NZ  HZ1  sing N N 188 
LYS NZ  HZ2  sing N N 189 
LYS NZ  HZ3  sing N N 190 
LYS OXT HXT  sing N N 191 
PHE N   CA   sing N N 192 
PHE N   H    sing N N 193 
PHE N   H2   sing N N 194 
PHE CA  C    sing N N 195 
PHE CA  CB   sing N N 196 
PHE CA  HA   sing N N 197 
PHE C   O    doub N N 198 
PHE C   OXT  sing N N 199 
PHE CB  CG   sing N N 200 
PHE CB  HB2  sing N N 201 
PHE CB  HB3  sing N N 202 
PHE CG  CD1  doub Y N 203 
PHE CG  CD2  sing Y N 204 
PHE CD1 CE1  sing Y N 205 
PHE CD1 HD1  sing N N 206 
PHE CD2 CE2  doub Y N 207 
PHE CD2 HD2  sing N N 208 
PHE CE1 CZ   doub Y N 209 
PHE CE1 HE1  sing N N 210 
PHE CE2 CZ   sing Y N 211 
PHE CE2 HE2  sing N N 212 
PHE CZ  HZ   sing N N 213 
PHE OXT HXT  sing N N 214 
PRO N   CA   sing N N 215 
PRO N   CD   sing N N 216 
PRO N   H    sing N N 217 
PRO CA  C    sing N N 218 
PRO CA  CB   sing N N 219 
PRO CA  HA   sing N N 220 
PRO C   O    doub N N 221 
PRO C   OXT  sing N N 222 
PRO CB  CG   sing N N 223 
PRO CB  HB2  sing N N 224 
PRO CB  HB3  sing N N 225 
PRO CG  CD   sing N N 226 
PRO CG  HG2  sing N N 227 
PRO CG  HG3  sing N N 228 
PRO CD  HD2  sing N N 229 
PRO CD  HD3  sing N N 230 
PRO OXT HXT  sing N N 231 
SER N   CA   sing N N 232 
SER N   H    sing N N 233 
SER N   H2   sing N N 234 
SER CA  C    sing N N 235 
SER CA  CB   sing N N 236 
SER CA  HA   sing N N 237 
SER C   O    doub N N 238 
SER C   OXT  sing N N 239 
SER CB  OG   sing N N 240 
SER CB  HB2  sing N N 241 
SER CB  HB3  sing N N 242 
SER OG  HG   sing N N 243 
SER OXT HXT  sing N N 244 
THR N   CA   sing N N 245 
THR N   H    sing N N 246 
THR N   H2   sing N N 247 
THR CA  C    sing N N 248 
THR CA  CB   sing N N 249 
THR CA  HA   sing N N 250 
THR C   O    doub N N 251 
THR C   OXT  sing N N 252 
THR CB  OG1  sing N N 253 
THR CB  CG2  sing N N 254 
THR CB  HB   sing N N 255 
THR OG1 HG1  sing N N 256 
THR CG2 HG21 sing N N 257 
THR CG2 HG22 sing N N 258 
THR CG2 HG23 sing N N 259 
THR OXT HXT  sing N N 260 
TYR N   CA   sing N N 261 
TYR N   H    sing N N 262 
TYR N   H2   sing N N 263 
TYR CA  C    sing N N 264 
TYR CA  CB   sing N N 265 
TYR CA  HA   sing N N 266 
TYR C   O    doub N N 267 
TYR C   OXT  sing N N 268 
TYR CB  CG   sing N N 269 
TYR CB  HB2  sing N N 270 
TYR CB  HB3  sing N N 271 
TYR CG  CD1  doub Y N 272 
TYR CG  CD2  sing Y N 273 
TYR CD1 CE1  sing Y N 274 
TYR CD1 HD1  sing N N 275 
TYR CD2 CE2  doub Y N 276 
TYR CD2 HD2  sing N N 277 
TYR CE1 CZ   doub Y N 278 
TYR CE1 HE1  sing N N 279 
TYR CE2 CZ   sing Y N 280 
TYR CE2 HE2  sing N N 281 
TYR CZ  OH   sing N N 282 
TYR OH  HH   sing N N 283 
TYR OXT HXT  sing N N 284 
VAL N   CA   sing N N 285 
VAL N   H    sing N N 286 
VAL N   H2   sing N N 287 
VAL CA  C    sing N N 288 
VAL CA  CB   sing N N 289 
VAL CA  HA   sing N N 290 
VAL C   O    doub N N 291 
VAL C   OXT  sing N N 292 
VAL CB  CG1  sing N N 293 
VAL CB  CG2  sing N N 294 
VAL CB  HB   sing N N 295 
VAL CG1 HG11 sing N N 296 
VAL CG1 HG12 sing N N 297 
VAL CG1 HG13 sing N N 298 
VAL CG2 HG21 sing N N 299 
VAL CG2 HG22 sing N N 300 
VAL CG2 HG23 sing N N 301 
VAL OXT HXT  sing N N 302 
# 
_atom_sites.entry_id                    1G8Q 
_atom_sites.fract_transf_matrix[1][1]   -0.02754692 
_atom_sites.fract_transf_matrix[1][2]   0.00787862 
_atom_sites.fract_transf_matrix[1][3]   -0.01693455 
_atom_sites.fract_transf_matrix[2][1]   0.00720702 
_atom_sites.fract_transf_matrix[2][2]   0.00605369 
_atom_sites.fract_transf_matrix[2][3]   -0.00890626 
_atom_sites.fract_transf_matrix[3][1]   -0.00478867 
_atom_sites.fract_transf_matrix[3][2]   -0.02022137 
_atom_sites.fract_transf_matrix[3][3]   -0.01761974 
_atom_sites.fract_transf_vector[1]      0.312548 
_atom_sites.fract_transf_vector[2]      0.606341 
_atom_sites.fract_transf_vector[3]      0.424204 
# 
loop_
_atom_type.symbol 
C 
N 
O 
S 
# 
loop_
_atom_site.group_PDB 
_atom_site.id 
_atom_site.type_symbol 
_atom_site.label_atom_id 
_atom_site.label_alt_id 
_atom_site.label_comp_id 
_atom_site.label_asym_id 
_atom_site.label_entity_id 
_atom_site.label_seq_id 
_atom_site.pdbx_PDB_ins_code 
_atom_site.Cartn_x 
_atom_site.Cartn_y 
_atom_site.Cartn_z 
_atom_site.occupancy 
_atom_site.B_iso_or_equiv 
_atom_site.pdbx_formal_charge 
_atom_site.auth_seq_id 
_atom_site.auth_comp_id 
_atom_site.auth_asym_id 
_atom_site.auth_atom_id 
_atom_site.pdbx_PDB_model_num 
ATOM   1    N N   . PHE A 1 1  ? -6.182  17.588  9.895   1.00 39.24 ? 113 PHE A N   1 
ATOM   2    C CA  . PHE A 1 1  ? -4.759  17.183  10.223  1.00 34.94 ? 113 PHE A CA  1 
ATOM   3    C C   . PHE A 1 1  ? -4.739  15.633  9.988   1.00 35.10 ? 113 PHE A C   1 
ATOM   4    O O   . PHE A 1 1  ? -5.754  14.999  10.159  1.00 35.93 ? 113 PHE A O   1 
ATOM   5    C CB  . PHE A 1 1  ? -4.426  17.367  11.662  1.00 35.75 ? 113 PHE A CB  1 
ATOM   6    C CG  . PHE A 1 1  ? -4.331  18.843  12.063  1.00 34.69 ? 113 PHE A CG  1 
ATOM   7    C CD1 . PHE A 1 1  ? -3.428  19.714  11.471  1.00 33.45 ? 113 PHE A CD1 1 
ATOM   8    C CD2 . PHE A 1 1  ? -5.150  19.267  13.082  1.00 31.71 ? 113 PHE A CD2 1 
ATOM   9    C CE1 . PHE A 1 1  ? -3.289  20.995  11.882  1.00 41.37 ? 113 PHE A CE1 1 
ATOM   10   C CE2 . PHE A 1 1  ? -5.044  20.614  13.482  1.00 34.14 ? 113 PHE A CE2 1 
ATOM   11   C CZ  . PHE A 1 1  ? -4.159  21.413  12.863  1.00 29.25 ? 113 PHE A CZ  1 
ATOM   12   N N   . VAL A 1 2  ? -3.567  15.211  9.604   1.00 30.58 ? 114 VAL A N   1 
ATOM   13   C CA  . VAL A 1 2  ? -3.487  13.738  9.279   1.00 29.62 ? 114 VAL A CA  1 
ATOM   14   C C   . VAL A 1 2  ? -3.491  12.980  10.561  1.00 34.38 ? 114 VAL A C   1 
ATOM   15   O O   . VAL A 1 2  ? -2.818  13.221  11.590  1.00 39.07 ? 114 VAL A O   1 
ATOM   16   C CB  . VAL A 1 2  ? -2.065  13.645  8.648   1.00 28.69 ? 114 VAL A CB  1 
ATOM   17   C CG1 . VAL A 1 2  ? -1.578  12.204  8.654   1.00 38.63 ? 114 VAL A CG1 1 
ATOM   18   C CG2 . VAL A 1 2  ? -2.038  14.405  7.348   1.00 32.13 ? 114 VAL A CG2 1 
ATOM   19   N N   . ASN A 1 3  ? -4.238  11.880  10.559  1.00 25.83 ? 115 ASN A N   1 
ATOM   20   C CA  . ASN A 1 3  ? -4.428  11.015  11.681  1.00 26.00 ? 115 ASN A CA  1 
ATOM   21   C C   . ASN A 1 3  ? -3.942  9.569   11.306  1.00 29.46 ? 115 ASN A C   1 
ATOM   22   O O   . ASN A 1 3  ? -4.786  8.916   10.690  1.00 29.57 ? 115 ASN A O   1 
ATOM   23   C CB  . ASN A 1 3  ? -5.943  10.953  11.936  1.00 32.45 ? 115 ASN A CB  1 
ATOM   24   C CG  . ASN A 1 3  ? -6.329  10.343  13.263  1.00 37.56 ? 115 ASN A CG  1 
ATOM   25   O OD1 . ASN A 1 3  ? -5.639  9.468   13.785  1.00 37.64 ? 115 ASN A OD1 1 
ATOM   26   N ND2 . ASN A 1 3  ? -7.463  10.858  13.816  1.00 41.69 ? 115 ASN A ND2 1 
ATOM   27   N N   . LYS A 1 4  ? -2.679  9.332   11.543  1.00 28.35 ? 116 LYS A N   1 
ATOM   28   C CA  . LYS A 1 4  ? -2.163  8.001   11.144  1.00 31.24 ? 116 LYS A CA  1 
ATOM   29   C C   . LYS A 1 4  ? -2.905  6.802   11.686  1.00 29.73 ? 116 LYS A C   1 
ATOM   30   O O   . LYS A 1 4  ? -3.159  5.841   10.965  1.00 27.86 ? 116 LYS A O   1 
ATOM   31   C CB  . LYS A 1 4  ? -0.698  7.963   11.531  1.00 32.44 ? 116 LYS A CB  1 
ATOM   32   C CG  . LYS A 1 4  ? 0.050   6.696   11.171  1.00 42.56 ? 116 LYS A CG  1 
ATOM   33   C CD  . LYS A 1 4  ? 0.348   6.014   12.496  1.00 59.59 ? 116 LYS A CD  1 
ATOM   34   C CE  . LYS A 1 4  ? 1.549   5.092   12.290  1.00 54.79 ? 116 LYS A CE  1 
ATOM   35   N NZ  . LYS A 1 4  ? 1.452   4.038   13.316  1.00 44.76 ? 116 LYS A NZ  1 
ATOM   36   N N   . ASP A 1 5  ? -3.248  6.820   12.978  1.00 30.24 ? 117 ASP A N   1 
ATOM   37   C CA  . ASP A 1 5  ? -4.059  5.691   13.506  1.00 30.86 ? 117 ASP A CA  1 
ATOM   38   C C   . ASP A 1 5  ? -5.374  5.625   12.781  1.00 31.67 ? 117 ASP A C   1 
ATOM   39   O O   . ASP A 1 5  ? -5.730  4.443   12.508  1.00 29.62 ? 117 ASP A O   1 
ATOM   40   C CB  . ASP A 1 5  ? -4.364  5.868   15.002  1.00 36.10 ? 117 ASP A CB  1 
ATOM   41   C CG  . ASP A 1 5  ? -3.139  5.783   15.884  1.00 42.66 ? 117 ASP A CG  1 
ATOM   42   O OD1 . ASP A 1 5  ? -3.230  6.265   17.065  1.00 44.88 ? 117 ASP A OD1 1 
ATOM   43   O OD2 . ASP A 1 5  ? -2.123  5.254   15.378  1.00 46.14 ? 117 ASP A OD2 1 
ATOM   44   N N   . GLN A 1 6  ? -6.105  6.656   12.416  1.00 27.21 ? 118 GLN A N   1 
ATOM   45   C CA  . GLN A 1 6  ? -7.394  6.480   11.736  1.00 23.73 ? 118 GLN A CA  1 
ATOM   46   C C   . GLN A 1 6  ? -7.148  5.934   10.289  1.00 25.02 ? 118 GLN A C   1 
ATOM   47   O O   . GLN A 1 6  ? -7.910  5.070   9.802   1.00 28.58 ? 118 GLN A O   1 
ATOM   48   C CB  . GLN A 1 6  ? -8.247  7.737   11.683  1.00 33.27 ? 118 GLN A CB  1 
ATOM   49   C CG  . GLN A 1 6  ? -9.669  7.382   12.145  1.00 51.73 ? 118 GLN A CG  1 
ATOM   50   C CD  . GLN A 1 6  ? -9.742  7.250   13.653  1.00 60.56 ? 118 GLN A CD  1 
ATOM   51   O OE1 . GLN A 1 6  ? -9.958  6.140   14.156  1.00 68.76 ? 118 GLN A OE1 1 
ATOM   52   N NE2 . GLN A 1 6  ? -9.555  8.307   14.446  1.00 56.06 ? 118 GLN A NE2 1 
ATOM   53   N N   . ILE A 1 7  ? -6.131  6.492   9.694   1.00 25.35 ? 119 ILE A N   1 
ATOM   54   C CA  . ILE A 1 7  ? -5.835  6.090   8.278   1.00 23.35 ? 119 ILE A CA  1 
ATOM   55   C C   . ILE A 1 7  ? -5.546  4.604   8.272   1.00 23.36 ? 119 ILE A C   1 
ATOM   56   O O   . ILE A 1 7  ? -6.055  3.873   7.349   1.00 25.20 ? 119 ILE A O   1 
ATOM   57   C CB  . ILE A 1 7  ? -4.637  6.914   7.734   1.00 28.02 ? 119 ILE A CB  1 
ATOM   58   C CG1 . ILE A 1 7  ? -5.006  8.386   7.576   1.00 29.50 ? 119 ILE A CG1 1 
ATOM   59   C CG2 . ILE A 1 7  ? -4.170  6.282   6.376   1.00 23.83 ? 119 ILE A CG2 1 
ATOM   60   C CD1 . ILE A 1 7  ? -3.856  9.351   7.247   1.00 30.12 ? 119 ILE A CD1 1 
ATOM   61   N N   . ALA A 1 8  ? -4.683  4.116   9.188   1.00 24.29 ? 120 ALA A N   1 
ATOM   62   C CA  . ALA A 1 8  ? -4.378  2.653   9.116   1.00 25.45 ? 120 ALA A CA  1 
ATOM   63   C C   . ALA A 1 8  ? -5.618  1.790   9.391   1.00 24.83 ? 120 ALA A C   1 
ATOM   64   O O   . ALA A 1 8  ? -5.837  0.810   8.659   1.00 25.98 ? 120 ALA A O   1 
ATOM   65   C CB  . ALA A 1 8  ? -3.338  2.207   10.183  1.00 29.86 ? 120 ALA A CB  1 
ATOM   66   N N   . LYS A 1 9  ? -6.461  2.275   10.352  1.00 25.79 ? 121 LYS A N   1 
ATOM   67   C CA  . LYS A 1 9  ? -7.693  1.531   10.600  1.00 28.41 ? 121 LYS A CA  1 
ATOM   68   C C   . LYS A 1 9  ? -8.570  1.546   9.352   1.00 24.24 ? 121 LYS A C   1 
ATOM   69   O O   . LYS A 1 9  ? -9.107  0.458   8.941   1.00 26.75 ? 121 LYS A O   1 
ATOM   70   C CB  . LYS A 1 9  ? -8.377  2.234   11.812  1.00 32.64 ? 121 LYS A CB  1 
ATOM   71   C CG  . LYS A 1 9  ? -9.848  2.558   11.584  1.00 44.31 ? 121 LYS A CG  1 
ATOM   72   C CD  . LYS A 1 9  ? -10.032 4.055   11.420  1.00 69.09 ? 121 LYS A CD  1 
ATOM   73   C CE  . LYS A 1 9  ? -11.476 4.518   11.442  1.00 57.61 ? 121 LYS A CE  1 
ATOM   74   N NZ  . LYS A 1 9  ? -11.564 5.904   10.909  1.00 50.39 ? 121 LYS A NZ  1 
ATOM   75   N N   . ASP A 1 10 ? -8.619  2.618   8.625   1.00 23.37 ? 122 ASP A N   1 
ATOM   76   C CA  . ASP A 1 10 ? -9.438  2.758   7.428   1.00 24.26 ? 122 ASP A CA  1 
ATOM   77   C C   . ASP A 1 10 ? -8.832  1.898   6.257   1.00 24.20 ? 122 ASP A C   1 
ATOM   78   O O   . ASP A 1 10 ? -9.603  1.283   5.521   1.00 23.00 ? 122 ASP A O   1 
ATOM   79   C CB  . ASP A 1 10 ? -9.704  4.132   6.883   1.00 22.89 ? 122 ASP A CB  1 
ATOM   80   C CG  . ASP A 1 10 ? -10.604 4.949   7.863   1.00 26.88 ? 122 ASP A CG  1 
ATOM   81   O OD1 . ASP A 1 10 ? -11.198 4.398   8.823   1.00 32.41 ? 122 ASP A OD1 1 
ATOM   82   O OD2 . ASP A 1 10 ? -10.675 6.171   7.577   1.00 31.40 ? 122 ASP A OD2 1 
ATOM   83   N N   . VAL A 1 11 ? -7.532  1.866   6.115   1.00 25.26 ? 123 VAL A N   1 
ATOM   84   C CA  . VAL A 1 11 ? -6.920  0.974   5.107   1.00 22.33 ? 123 VAL A CA  1 
ATOM   85   C C   . VAL A 1 11 ? -7.240  -0.473  5.397   1.00 20.29 ? 123 VAL A C   1 
ATOM   86   O O   . VAL A 1 11 ? -7.565  -1.265  4.512   1.00 22.67 ? 123 VAL A O   1 
ATOM   87   C CB  . VAL A 1 11 ? -5.389  1.206   4.983   1.00 18.96 ? 123 VAL A CB  1 
ATOM   88   C CG1 . VAL A 1 11 ? -4.883  0.295   3.861   1.00 20.18 ? 123 VAL A CG1 1 
ATOM   89   C CG2 . VAL A 1 11 ? -5.267  2.707   4.506   1.00 23.67 ? 123 VAL A CG2 1 
ATOM   90   N N   . LYS A 1 12 ? -7.081  -0.838  6.712   1.00 21.86 ? 124 LYS A N   1 
ATOM   91   C CA  . LYS A 1 12 ? -7.408  -2.294  7.029   1.00 24.09 ? 124 LYS A CA  1 
ATOM   92   C C   . LYS A 1 12 ? -8.874  -2.586  6.697   1.00 25.15 ? 124 LYS A C   1 
ATOM   93   O O   . LYS A 1 12 ? -9.207  -3.629  6.104   1.00 24.94 ? 124 LYS A O   1 
ATOM   94   C CB  . LYS A 1 12 ? -7.183  -2.457  8.540   1.00 25.89 ? 124 LYS A CB  1 
ATOM   95   C CG  . LYS A 1 12 ? -5.690  -2.395  8.864   1.00 25.29 ? 124 LYS A CG  1 
ATOM   96   C CD  . LYS A 1 12 ? -5.544  -2.486  10.398  1.00 29.66 ? 124 LYS A CD  1 
ATOM   97   C CE  . LYS A 1 12 ? -4.112  -2.061  10.755  1.00 33.26 ? 124 LYS A CE  1 
ATOM   98   N NZ  . LYS A 1 12 ? -4.002  -2.155  12.260  1.00 31.77 ? 124 LYS A NZ  1 
ATOM   99   N N   . GLN A 1 13 ? -9.799  -1.687  6.939   1.00 22.36 ? 125 GLN A N   1 
ATOM   100  C CA  . GLN A 1 13 ? -11.210 -1.889  6.651   1.00 25.16 ? 125 GLN A CA  1 
ATOM   101  C C   . GLN A 1 13 ? -11.520 -1.934  5.181   1.00 22.14 ? 125 GLN A C   1 
ATOM   102  O O   . GLN A 1 13 ? -12.217 -2.766  4.676   1.00 26.91 ? 125 GLN A O   1 
ATOM   103  C CB  . GLN A 1 13 ? -12.065 -0.814  7.348   1.00 29.01 ? 125 GLN A CB  1 
ATOM   104  C CG  . GLN A 1 13 ? -13.528 -1.156  7.161   1.00 28.57 ? 125 GLN A CG  1 
ATOM   105  C CD  . GLN A 1 13 ? -13.976 -2.567  7.449   1.00 54.17 ? 125 GLN A CD  1 
ATOM   106  O OE1 . GLN A 1 13 ? -13.398 -3.433  8.130   1.00 49.09 ? 125 GLN A OE1 1 
ATOM   107  N NE2 . GLN A 1 13 ? -15.157 -2.933  6.917   1.00 56.90 ? 125 GLN A NE2 1 
ATOM   108  N N   . PHE A 1 14 ? -10.895 -1.006  4.384   1.00 21.36 ? 126 PHE A N   1 
ATOM   109  C CA  . PHE A 1 14 ? -10.983 -1.089  2.943   1.00 24.32 ? 126 PHE A CA  1 
ATOM   110  C C   . PHE A 1 14 ? -10.586 -2.417  2.376   1.00 22.26 ? 126 PHE A C   1 
ATOM   111  O O   . PHE A 1 14 ? -11.177 -3.079  1.551   1.00 22.96 ? 126 PHE A O   1 
ATOM   112  C CB  . PHE A 1 14 ? -10.080 -0.039  2.321   1.00 20.57 ? 126 PHE A CB  1 
ATOM   113  C CG  . PHE A 1 14 ? -10.150 0.062   0.839   1.00 22.49 ? 126 PHE A CG  1 
ATOM   114  C CD1 . PHE A 1 14 ? -11.271 0.732   0.310   1.00 24.90 ? 126 PHE A CD1 1 
ATOM   115  C CD2 . PHE A 1 14 ? -9.192  -0.530  -0.005  1.00 24.61 ? 126 PHE A CD2 1 
ATOM   116  C CE1 . PHE A 1 14 ? -11.399 0.853   -1.074  1.00 28.22 ? 126 PHE A CE1 1 
ATOM   117  C CE2 . PHE A 1 14 ? -9.352  -0.359  -1.370  1.00 21.62 ? 126 PHE A CE2 1 
ATOM   118  C CZ  . PHE A 1 14 ? -10.433 0.249   -1.895  1.00 27.52 ? 126 PHE A CZ  1 
ATOM   119  N N   . TYR A 1 15 ? -9.425  -2.935  2.900   1.00 20.08 ? 127 TYR A N   1 
ATOM   120  C CA  . TYR A 1 15 ? -8.932  -4.263  2.467   1.00 20.07 ? 127 TYR A CA  1 
ATOM   121  C C   . TYR A 1 15 ? -9.959  -5.317  2.851   1.00 18.65 ? 127 TYR A C   1 
ATOM   122  O O   . TYR A 1 15 ? -10.229 -6.191  1.956   1.00 21.80 ? 127 TYR A O   1 
ATOM   123  C CB  . TYR A 1 15 ? -7.576  -4.538  3.258   1.00 24.10 ? 127 TYR A CB  1 
ATOM   124  C CG  . TYR A 1 15 ? -7.133  -5.971  2.951   1.00 22.09 ? 127 TYR A CG  1 
ATOM   125  C CD1 . TYR A 1 15 ? -6.504  -6.409  1.808   1.00 21.15 ? 127 TYR A CD1 1 
ATOM   126  C CD2 . TYR A 1 15 ? -7.450  -6.908  3.965   1.00 21.40 ? 127 TYR A CD2 1 
ATOM   127  C CE1 . TYR A 1 15 ? -6.179  -7.746  1.585   1.00 17.95 ? 127 TYR A CE1 1 
ATOM   128  C CE2 . TYR A 1 15 ? -7.141  -8.279  3.792   1.00 23.42 ? 127 TYR A CE2 1 
ATOM   129  C CZ  . TYR A 1 15 ? -6.509  -8.662  2.638   1.00 22.63 ? 127 TYR A CZ  1 
ATOM   130  O OH  . TYR A 1 15 ? -6.214  -10.011 2.505   1.00 22.57 ? 127 TYR A OH  1 
ATOM   131  N N   . ASP A 1 16 ? -10.472 -5.247  4.082   1.00 23.53 ? 128 ASP A N   1 
ATOM   132  C CA  . ASP A 1 16 ? -11.420 -6.377  4.437   1.00 22.47 ? 128 ASP A CA  1 
ATOM   133  C C   . ASP A 1 16 ? -12.735 -6.244  3.684   1.00 24.09 ? 128 ASP A C   1 
ATOM   134  O O   . ASP A 1 16 ? -13.274 -7.296  3.266   1.00 22.97 ? 128 ASP A O   1 
ATOM   135  C CB  . ASP A 1 16 ? -11.833 -6.126  5.919   1.00 26.18 ? 128 ASP A CB  1 
ATOM   136  C CG  . ASP A 1 16 ? -10.728 -6.600  6.856   1.00 30.00 ? 128 ASP A CG  1 
ATOM   137  O OD1 . ASP A 1 16 ? -10.931 -6.376  8.073   1.00 33.09 ? 128 ASP A OD1 1 
ATOM   138  O OD2 . ASP A 1 16 ? -9.734  -7.208  6.424   1.00 27.78 ? 128 ASP A OD2 1 
ATOM   139  N N   . GLN A 1 17 ? -13.166 -5.013  3.369   1.00 22.90 ? 129 GLN A N   1 
ATOM   140  C CA  . GLN A 1 17 ? -14.367 -4.936  2.479   1.00 22.90 ? 129 GLN A CA  1 
ATOM   141  C C   . GLN A 1 17 ? -13.997 -5.543  1.140   1.00 22.52 ? 129 GLN A C   1 
ATOM   142  O O   . GLN A 1 17 ? -14.842 -6.286  0.557   1.00 24.95 ? 129 GLN A O   1 
ATOM   143  C CB  . GLN A 1 17 ? -14.641 -3.426  2.114   1.00 25.15 ? 129 GLN A CB  1 
ATOM   144  C CG  . GLN A 1 17 ? -15.032 -2.708  3.355   1.00 25.16 ? 129 GLN A CG  1 
ATOM   145  C CD  . GLN A 1 17 ? -15.144 -1.156  3.129   1.00 26.58 ? 129 GLN A CD  1 
ATOM   146  O OE1 . GLN A 1 17 ? -15.539 -0.534  4.115   1.00 30.99 ? 129 GLN A OE1 1 
ATOM   147  N NE2 . GLN A 1 17 ? -14.771 -0.704  1.903   1.00 31.51 ? 129 GLN A NE2 1 
ATOM   148  N N   . ALA A 1 18 ? -12.836 -5.258  0.519   1.00 20.21 ? 130 ALA A N   1 
ATOM   149  C CA  . ALA A 1 18 ? -12.597 -5.900  -0.754  1.00 19.29 ? 130 ALA A CA  1 
ATOM   150  C C   . ALA A 1 18 ? -12.499 -7.357  -0.705  1.00 22.30 ? 130 ALA A C   1 
ATOM   151  O O   . ALA A 1 18 ? -12.859 -8.141  -1.625  1.00 23.00 ? 130 ALA A O   1 
ATOM   152  C CB  . ALA A 1 18 ? -11.287 -5.301  -1.421  1.00 21.56 ? 130 ALA A CB  1 
ATOM   153  N N   . LEU A 1 19 ? -11.842 -7.905  0.377   1.00 19.17 ? 131 LEU A N   1 
ATOM   154  C CA  . LEU A 1 19 ? -11.601 -9.375  0.453   1.00 21.49 ? 131 LEU A CA  1 
ATOM   155  C C   . LEU A 1 19 ? -12.982 -10.093 0.600   1.00 21.26 ? 131 LEU A C   1 
ATOM   156  O O   . LEU A 1 19 ? -13.169 -11.130 -0.011  1.00 22.13 ? 131 LEU A O   1 
ATOM   157  C CB  . LEU A 1 19 ? -10.737 -9.639  1.709   1.00 21.78 ? 131 LEU A CB  1 
ATOM   158  C CG  . LEU A 1 19 ? -10.189 -11.122 1.688   1.00 26.50 ? 131 LEU A CG  1 
ATOM   159  C CD1 . LEU A 1 19 ? -9.128  -11.199 0.554   1.00 24.46 ? 131 LEU A CD1 1 
ATOM   160  C CD2 . LEU A 1 19 ? -9.501  -11.400 3.012   1.00 23.66 ? 131 LEU A CD2 1 
ATOM   161  N N   . GLN A 1 20 ? -13.833 -9.484  1.406   1.00 22.34 ? 132 GLN A N   1 
ATOM   162  C CA  . GLN A 1 20 ? -15.155 -10.133 1.603   1.00 23.45 ? 132 GLN A CA  1 
ATOM   163  C C   . GLN A 1 20 ? -15.915 -10.134 0.318   1.00 22.56 ? 132 GLN A C   1 
ATOM   164  O O   . GLN A 1 20 ? -16.507 -11.174 0.002   1.00 23.72 ? 132 GLN A O   1 
ATOM   165  C CB  . GLN A 1 20 ? -15.947 -9.387  2.716   1.00 22.67 ? 132 GLN A CB  1 
ATOM   166  C CG  . GLN A 1 20 ? -15.262 -9.685  4.082   1.00 23.87 ? 132 GLN A CG  1 
ATOM   167  C CD  . GLN A 1 20 ? -15.975 -8.867  5.176   1.00 25.58 ? 132 GLN A CD  1 
ATOM   168  O OE1 . GLN A 1 20 ? -16.634 -9.440  6.079   1.00 28.70 ? 132 GLN A OE1 1 
ATOM   169  N NE2 . GLN A 1 20 ? -15.800 -7.535  5.275   1.00 25.53 ? 132 GLN A NE2 1 
ATOM   170  N N   . GLN A 1 21 ? -15.913 -9.054  -0.506  1.00 21.29 ? 133 GLN A N   1 
ATOM   171  C CA  . GLN A 1 21 ? -16.664 -9.054  -1.752  1.00 21.06 ? 133 GLN A CA  1 
ATOM   172  C C   . GLN A 1 21 ? -15.993 -9.967  -2.767  1.00 22.06 ? 133 GLN A C   1 
ATOM   173  O O   . GLN A 1 21 ? -16.605 -10.725 -3.554  1.00 24.74 ? 133 GLN A O   1 
ATOM   174  C CB  . GLN A 1 21 ? -16.551 -7.600  -2.313  1.00 23.19 ? 133 GLN A CB  1 
ATOM   175  C CG  . GLN A 1 21 ? -17.449 -7.561  -3.561  1.00 25.93 ? 133 GLN A CG  1 
ATOM   176  C CD  . GLN A 1 21 ? -17.552 -6.154  -4.168  1.00 23.37 ? 133 GLN A CD  1 
ATOM   177  O OE1 . GLN A 1 21 ? -16.977 -5.219  -3.661  1.00 29.00 ? 133 GLN A OE1 1 
ATOM   178  N NE2 . GLN A 1 21 ? -18.444 -6.071  -5.159  1.00 29.97 ? 133 GLN A NE2 1 
ATOM   179  N N   . ALA A 1 22 ? -14.619 -9.999  -2.766  1.00 22.33 ? 134 ALA A N   1 
ATOM   180  C CA  . ALA A 1 22 ? -13.918 -10.868 -3.714  1.00 24.62 ? 134 ALA A CA  1 
ATOM   181  C C   . ALA A 1 22 ? -14.216 -12.363 -3.686  1.00 23.96 ? 134 ALA A C   1 
ATOM   182  O O   . ALA A 1 22 ? -14.194 -13.162 -4.644  1.00 28.27 ? 134 ALA A O   1 
ATOM   183  C CB  . ALA A 1 22 ? -12.387 -10.704 -3.540  1.00 24.32 ? 134 ALA A CB  1 
ATOM   184  N N   . VAL A 1 23 ? -14.559 -12.832 -2.482  1.00 22.77 ? 135 VAL A N   1 
ATOM   185  C CA  . VAL A 1 23 ? -14.844 -14.252 -2.248  1.00 21.49 ? 135 VAL A CA  1 
ATOM   186  C C   . VAL A 1 23 ? -16.275 -14.494 -2.514  1.00 25.43 ? 135 VAL A C   1 
ATOM   187  O O   . VAL A 1 23 ? -16.597 -15.651 -2.881  1.00 31.77 ? 135 VAL A O   1 
ATOM   188  C CB  . VAL A 1 23 ? -14.487 -14.656 -0.818  1.00 31.30 ? 135 VAL A CB  1 
ATOM   189  C CG1 . VAL A 1 23 ? -13.004 -14.637 -0.569  1.00 30.27 ? 135 VAL A CG1 1 
ATOM   190  C CG2 . VAL A 1 23 ? -15.342 -14.189 0.301   1.00 47.56 ? 135 VAL A CG2 1 
ATOM   191  N N   . VAL A 1 24 ? -17.160 -13.539 -2.259  1.00 30.78 ? 136 VAL A N   1 
ATOM   192  C CA  . VAL A 1 24 ? -18.597 -13.923 -2.474  1.00 29.87 ? 136 VAL A CA  1 
ATOM   193  C C   . VAL A 1 24 ? -19.120 -13.582 -3.799  1.00 31.70 ? 136 VAL A C   1 
ATOM   194  O O   . VAL A 1 24 ? -20.236 -13.960 -4.220  1.00 35.77 ? 136 VAL A O   1 
ATOM   195  C CB  . VAL A 1 24 ? -19.307 -13.288 -1.287  1.00 31.34 ? 136 VAL A CB  1 
ATOM   196  C CG1 . VAL A 1 24 ? -19.530 -11.813 -1.483  1.00 28.41 ? 136 VAL A CG1 1 
ATOM   197  C CG2 . VAL A 1 24 ? -20.544 -14.061 -0.872  1.00 33.24 ? 136 VAL A CG2 1 
ATOM   198  N N   . ASP A 1 25 ? -18.584 -12.558 -4.499  1.00 28.53 ? 137 ASP A N   1 
ATOM   199  C CA  . ASP A 1 25 ? -19.149 -11.949 -5.697  1.00 29.09 ? 137 ASP A CA  1 
ATOM   200  C C   . ASP A 1 25 ? -18.309 -12.423 -6.871  1.00 36.48 ? 137 ASP A C   1 
ATOM   201  O O   . ASP A 1 25 ? -17.141 -12.026 -6.998  1.00 36.05 ? 137 ASP A O   1 
ATOM   202  C CB  . ASP A 1 25 ? -19.015 -10.426 -5.574  1.00 30.94 ? 137 ASP A CB  1 
ATOM   203  C CG  . ASP A 1 25 ? -19.672 -9.668  -6.707  1.00 39.46 ? 137 ASP A CG  1 
ATOM   204  O OD1 . ASP A 1 25 ? -19.754 -8.415  -6.637  1.00 33.64 ? 137 ASP A OD1 1 
ATOM   205  O OD2 . ASP A 1 25 ? -20.076 -10.215 -7.756  1.00 34.86 ? 137 ASP A OD2 1 
ATOM   206  N N   . ASP A 1 26 ? -18.867 -13.232 -7.752  1.00 42.16 ? 138 ASP A N   1 
ATOM   207  C CA  . ASP A 1 26 ? -18.164 -13.767 -8.866  1.00 45.68 ? 138 ASP A CA  1 
ATOM   208  C C   . ASP A 1 26 ? -17.729 -12.734 -9.880  1.00 46.37 ? 138 ASP A C   1 
ATOM   209  O O   . ASP A 1 26 ? -16.704 -13.067 -10.426 1.00 45.11 ? 138 ASP A O   1 
ATOM   210  C CB  . ASP A 1 26 ? -18.827 -14.945 -9.590  1.00 58.56 ? 138 ASP A CB  1 
ATOM   211  C CG  . ASP A 1 26 ? -17.793 -16.260 -8.906  0.00 27.18 ? 138 ASP A CG  1 
ATOM   212  O OD1 . ASP A 1 26 ? -18.061 -16.709 -7.760  0.00 27.18 ? 138 ASP A OD1 1 
ATOM   213  O OD2 . ASP A 1 26 ? -16.806 -16.667 -9.568  0.00 27.18 ? 138 ASP A OD2 1 
ATOM   214  N N   . ASP A 1 27 ? -18.437 -11.628 -10.091 1.00 47.83 ? 139 ASP A N   1 
ATOM   215  C CA  . ASP A 1 27 ? -17.913 -10.721 -11.102 1.00 48.21 ? 139 ASP A CA  1 
ATOM   216  C C   . ASP A 1 27 ? -17.397 -9.473  -10.389 1.00 44.90 ? 139 ASP A C   1 
ATOM   217  O O   . ASP A 1 27 ? -17.402 -8.426  -11.064 1.00 46.82 ? 139 ASP A O   1 
ATOM   218  C CB  . ASP A 1 27 ? -18.739 -10.396 -12.320 1.00 63.50 ? 139 ASP A CB  1 
ATOM   219  C CG  . ASP A 1 27 ? -20.192 -10.786 -12.130 1.00 65.14 ? 139 ASP A CG  1 
ATOM   220  O OD1 . ASP A 1 27 ? -20.849 -10.100 -11.338 1.00 69.59 ? 139 ASP A OD1 1 
ATOM   221  O OD2 . ASP A 1 27 ? -20.589 -11.763 -12.781 1.00 56.99 ? 139 ASP A OD2 1 
ATOM   222  N N   . ALA A 1 28 ? -16.970 -9.622  -9.114  1.00 35.51 ? 140 ALA A N   1 
ATOM   223  C CA  . ALA A 1 28 ? -16.415 -8.325  -8.555  1.00 33.37 ? 140 ALA A CA  1 
ATOM   224  C C   . ALA A 1 28 ? -14.983 -8.246  -9.006  1.00 29.22 ? 140 ALA A C   1 
ATOM   225  O O   . ALA A 1 28 ? -14.009 -8.566  -8.259  1.00 28.56 ? 140 ALA A O   1 
ATOM   226  C CB  . ALA A 1 28 ? -16.413 -8.470  -7.032  1.00 30.39 ? 140 ALA A CB  1 
ATOM   227  N N   . ASN A 1 29 ? -14.697 -7.864  -10.256 1.00 29.97 ? 141 ASN A N   1 
ATOM   228  C CA  . ASN A 1 29 ? -13.349 -7.885  -10.767 1.00 30.12 ? 141 ASN A CA  1 
ATOM   229  C C   . ASN A 1 29 ? -12.496 -6.736  -10.104 1.00 24.22 ? 141 ASN A C   1 
ATOM   230  O O   . ASN A 1 29 ? -11.317 -7.112  -9.893  1.00 31.05 ? 141 ASN A O   1 
ATOM   231  C CB  . ASN A 1 29 ? -13.423 -7.478  -12.258 1.00 37.38 ? 141 ASN A CB  1 
ATOM   232  C CG  . ASN A 1 29 ? -14.198 -8.538  -13.031 1.00 58.73 ? 141 ASN A CG  1 
ATOM   233  O OD1 . ASN A 1 29 ? -13.642 -9.625  -13.201 1.00 48.24 ? 141 ASN A OD1 1 
ATOM   234  N ND2 . ASN A 1 29 ? -15.410 -8.146  -13.424 1.00 57.88 ? 141 ASN A ND2 1 
ATOM   235  N N   . ASN A 1 30 ? -13.188 -5.637  -9.817  1.00 32.80 ? 142 ASN A N   1 
ATOM   236  C CA  . ASN A 1 30 ? -12.348 -4.626  -9.144  1.00 27.16 ? 142 ASN A CA  1 
ATOM   237  C C   . ASN A 1 30 ? -11.971 -5.113  -7.736  1.00 25.25 ? 142 ASN A C   1 
ATOM   238  O O   . ASN A 1 30 ? -10.768 -4.921  -7.348  1.00 26.68 ? 142 ASN A O   1 
ATOM   239  C CB  . ASN A 1 30 ? -12.986 -3.275  -9.066  1.00 32.32 ? 142 ASN A CB  1 
ATOM   240  C CG  . ASN A 1 30 ? -12.855 -2.465  -10.354 1.00 58.15 ? 142 ASN A CG  1 
ATOM   241  O OD1 . ASN A 1 30 ? -13.747 -1.651  -10.647 1.00 61.45 ? 142 ASN A OD1 1 
ATOM   242  N ND2 . ASN A 1 30 ? -11.792 -2.676  -11.127 1.00 61.87 ? 142 ASN A ND2 1 
ATOM   243  N N   . ALA A 1 31 ? -12.928 -5.688  -7.006  1.00 23.56 ? 143 ALA A N   1 
ATOM   244  C CA  . ALA A 1 31 ? -12.509 -6.153  -5.662  1.00 25.35 ? 143 ALA A CA  1 
ATOM   245  C C   . ALA A 1 31 ? -11.414 -7.151  -5.657  1.00 24.18 ? 143 ALA A C   1 
ATOM   246  O O   . ALA A 1 31 ? -10.431 -7.183  -4.883  1.00 22.84 ? 143 ALA A O   1 
ATOM   247  C CB  . ALA A 1 31 ? -13.687 -6.816  -4.925  1.00 22.46 ? 143 ALA A CB  1 
ATOM   248  N N   . LYS A 1 32 ? -11.410 -8.165  -6.627  1.00 21.61 ? 144 LYS A N   1 
ATOM   249  C CA  . LYS A 1 32 ? -10.374 -9.114  -6.746  1.00 20.65 ? 144 LYS A CA  1 
ATOM   250  C C   . LYS A 1 32 ? -9.088  -8.411  -7.151  1.00 19.70 ? 144 LYS A C   1 
ATOM   251  O O   . LYS A 1 32 ? -8.088  -8.803  -6.580  1.00 24.51 ? 144 LYS A O   1 
ATOM   252  C CB  . LYS A 1 32 ? -10.756 -10.225 -7.779  1.00 28.93 ? 144 LYS A CB  1 
ATOM   253  C CG  . LYS A 1 32 ? -12.005 -11.009 -7.307  1.00 26.32 ? 144 LYS A CG  1 
ATOM   254  C CD  . LYS A 1 32 ? -12.433 -11.844 -8.559  1.00 31.73 ? 144 LYS A CD  1 
ATOM   255  C CE  . LYS A 1 32 ? -13.849 -12.380 -8.305  1.00 48.57 ? 144 LYS A CE  1 
ATOM   256  N NZ  . LYS A 1 32 ? -13.686 -13.656 -7.514  1.00 44.07 ? 144 LYS A NZ  1 
ATOM   257  N N   . ALA A 1 33 ? -9.172  -7.406  -8.047  1.00 22.86 ? 145 ALA A N   1 
ATOM   258  C CA  . ALA A 1 33 ? -7.855  -6.749  -8.375  1.00 24.48 ? 145 ALA A CA  1 
ATOM   259  C C   . ALA A 1 33 ? -7.324  -5.924  -7.171  1.00 21.02 ? 145 ALA A C   1 
ATOM   260  O O   . ALA A 1 33 ? -6.078  -6.070  -6.962  1.00 21.56 ? 145 ALA A O   1 
ATOM   261  C CB  . ALA A 1 33 ? -8.151  -5.776  -9.502  1.00 24.03 ? 145 ALA A CB  1 
ATOM   262  N N   . VAL A 1 34 ? -8.261  -5.425  -6.427  1.00 22.42 ? 146 VAL A N   1 
ATOM   263  C CA  . VAL A 1 34 ? -7.719  -4.721  -5.187  1.00 20.82 ? 146 VAL A CA  1 
ATOM   264  C C   . VAL A 1 34 ? -7.029  -5.648  -4.241  1.00 19.53 ? 146 VAL A C   1 
ATOM   265  O O   . VAL A 1 34 ? -5.900  -5.440  -3.783  1.00 21.74 ? 146 VAL A O   1 
ATOM   266  C CB  . VAL A 1 34 ? -8.857  -3.979  -4.468  1.00 22.25 ? 146 VAL A CB  1 
ATOM   267  C CG1 . VAL A 1 34 ? -8.465  -3.611  -3.022  1.00 23.53 ? 146 VAL A CG1 1 
ATOM   268  C CG2 . VAL A 1 34 ? -9.239  -2.811  -5.350  1.00 22.40 ? 146 VAL A CG2 1 
ATOM   269  N N   . VAL A 1 35 ? -7.678  -6.830  -3.984  1.00 19.41 ? 147 VAL A N   1 
ATOM   270  C CA  . VAL A 1 35 ? -7.049  -7.764  -3.010  1.00 19.37 ? 147 VAL A CA  1 
ATOM   271  C C   . VAL A 1 35 ? -5.742  -8.285  -3.594  1.00 21.11 ? 147 VAL A C   1 
ATOM   272  O O   . VAL A 1 35 ? -4.748  -8.410  -2.903  1.00 22.13 ? 147 VAL A O   1 
ATOM   273  C CB  . VAL A 1 35 ? -8.140  -8.969  -3.001  1.00 23.01 ? 147 VAL A CB  1 
ATOM   274  C CG1 . VAL A 1 35 ? -7.687  -10.331 -2.809  1.00 36.11 ? 147 VAL A CG1 1 
ATOM   275  C CG2 . VAL A 1 35 ? -9.056  -8.378  -1.882  1.00 33.30 ? 147 VAL A CG2 1 
ATOM   276  N N   . LYS A 1 36 ? -5.735  -8.678  -4.897  1.00 19.30 ? 148 LYS A N   1 
ATOM   277  C CA  . LYS A 1 36 ? -4.440  -9.174  -5.444  1.00 21.11 ? 148 LYS A CA  1 
ATOM   278  C C   . LYS A 1 36 ? -3.302  -8.111  -5.462  1.00 20.10 ? 148 LYS A C   1 
ATOM   279  O O   . LYS A 1 36 ? -2.197  -8.505  -5.115  1.00 23.49 ? 148 LYS A O   1 
ATOM   280  C CB  . LYS A 1 36 ? -4.753  -9.557  -6.908  1.00 26.75 ? 148 LYS A CB  1 
ATOM   281  C CG  . LYS A 1 36 ? -5.580  -10.847 -6.922  1.00 28.35 ? 148 LYS A CG  1 
ATOM   282  C CD  . LYS A 1 36 ? -5.609  -11.408 -8.302  1.00 30.73 ? 148 LYS A CD  1 
ATOM   283  C CE  . LYS A 1 36 ? -6.126  -10.531 -9.381  1.00 48.22 ? 148 LYS A CE  1 
ATOM   284  N NZ  . LYS A 1 36 ? -6.220  -11.249 -10.715 1.00 46.26 ? 148 LYS A NZ  1 
ATOM   285  N N   . THR A 1 37 ? -3.680  -6.853  -5.585  1.00 22.89 ? 149 THR A N   1 
ATOM   286  C CA  . THR A 1 37 ? -2.659  -5.809  -5.596  1.00 24.65 ? 149 THR A CA  1 
ATOM   287  C C   . THR A 1 37 ? -2.179  -5.557  -4.188  1.00 21.98 ? 149 THR A C   1 
ATOM   288  O O   . THR A 1 37 ? -1.012  -5.487  -3.914  1.00 22.98 ? 149 THR A O   1 
ATOM   289  C CB  . THR A 1 37 ? -3.300  -4.475  -6.016  1.00 29.44 ? 149 THR A CB  1 
ATOM   290  O OG1 . THR A 1 37 ? -3.633  -4.573  -7.427  1.00 27.47 ? 149 THR A OG1 1 
ATOM   291  C CG2 . THR A 1 37 ? -2.267  -3.348  -5.845  1.00 25.81 ? 149 THR A CG2 1 
ATOM   292  N N   . PHE A 1 38 ? -3.097  -5.617  -3.196  1.00 20.37 ? 150 PHE A N   1 
ATOM   293  C CA  . PHE A 1 38 ? -2.621  -5.534  -1.792  1.00 20.95 ? 150 PHE A CA  1 
ATOM   294  C C   . PHE A 1 38 ? -1.715  -6.696  -1.502  1.00 21.53 ? 150 PHE A C   1 
ATOM   295  O O   . PHE A 1 38 ? -0.655  -6.590  -0.915  1.00 22.27 ? 150 PHE A O   1 
ATOM   296  C CB  . PHE A 1 38 ? -3.803  -5.506  -0.742  1.00 19.63 ? 150 PHE A CB  1 
ATOM   297  C CG  . PHE A 1 38 ? -4.208  -4.080  -0.452  1.00 19.52 ? 150 PHE A CG  1 
ATOM   298  C CD1 . PHE A 1 38 ? -4.850  -3.332  -1.429  1.00 23.32 ? 150 PHE A CD1 1 
ATOM   299  C CD2 . PHE A 1 38 ? -4.031  -3.637  0.841   1.00 22.00 ? 150 PHE A CD2 1 
ATOM   300  C CE1 . PHE A 1 38 ? -5.284  -2.032  -1.098  1.00 24.62 ? 150 PHE A CE1 1 
ATOM   301  C CE2 . PHE A 1 38 ? -4.446  -2.287  1.143   1.00 25.97 ? 150 PHE A CE2 1 
ATOM   302  C CZ  . PHE A 1 38 ? -5.067  -1.540  0.170   1.00 26.51 ? 150 PHE A CZ  1 
ATOM   303  N N   . HIS A 1 39 ? -2.139  -7.969  -1.861  1.00 19.53 ? 151 HIS A N   1 
ATOM   304  C CA  . HIS A 1 39 ? -1.255  -9.083  -1.521  1.00 20.47 ? 151 HIS A CA  1 
ATOM   305  C C   . HIS A 1 39 ? 0.114   -9.036  -2.213  1.00 18.01 ? 151 HIS A C   1 
ATOM   306  O O   . HIS A 1 39 ? 1.053   -9.416  -1.537  1.00 20.92 ? 151 HIS A O   1 
ATOM   307  C CB  . HIS A 1 39 ? -2.052  -10.327 -1.998  1.00 20.82 ? 151 HIS A CB  1 
ATOM   308  C CG  . HIS A 1 39 ? -3.284  -10.582 -1.147  1.00 19.15 ? 151 HIS A CG  1 
ATOM   309  N ND1 . HIS A 1 39 ? -4.174  -11.455 -1.737  1.00 24.25 ? 151 HIS A ND1 1 
ATOM   310  C CD2 . HIS A 1 39 ? -3.743  -10.186 0.011   1.00 21.66 ? 151 HIS A CD2 1 
ATOM   311  C CE1 . HIS A 1 39 ? -5.136  -11.648 -0.849  1.00 23.06 ? 151 HIS A CE1 1 
ATOM   312  N NE2 . HIS A 1 39 ? -4.975  -10.848 0.228   1.00 23.88 ? 151 HIS A NE2 1 
ATOM   313  N N   . GLU A 1 40 ? 0.217   -8.604  -3.463  1.00 21.42 ? 152 GLU A N   1 
ATOM   314  C CA  . GLU A 1 40 ? 1.498   -8.620  -4.184  1.00 21.40 ? 152 GLU A CA  1 
ATOM   315  C C   . GLU A 1 40 ? 2.367   -7.462  -3.601  1.00 25.13 ? 152 GLU A C   1 
ATOM   316  O O   . GLU A 1 40 ? 3.549   -7.638  -3.176  1.00 26.67 ? 152 GLU A O   1 
ATOM   317  C CB  . GLU A 1 40 ? 1.139   -8.340  -5.622  1.00 24.42 ? 152 GLU A CB  1 
ATOM   318  C CG  . GLU A 1 40 ? 2.467   -8.274  -6.474  1.00 34.65 ? 152 GLU A CG  1 
ATOM   319  C CD  . GLU A 1 40 ? 2.005   -8.423  -7.930  1.00 37.56 ? 152 GLU A CD  1 
ATOM   320  O OE1 . GLU A 1 40 ? 1.387   -7.431  -8.387  1.00 64.84 ? 152 GLU A OE1 1 
ATOM   321  O OE2 . GLU A 1 40 ? 2.293   -9.445  -8.565  1.00 55.50 ? 152 GLU A OE2 1 
ATOM   322  N N   . THR A 1 41 ? 1.648   -6.361  -3.355  1.00 22.11 ? 153 THR A N   1 
ATOM   323  C CA  . THR A 1 41 ? 2.313   -5.156  -2.849  1.00 23.71 ? 153 THR A CA  1 
ATOM   324  C C   . THR A 1 41 ? 2.922   -5.307  -1.495  1.00 25.46 ? 153 THR A C   1 
ATOM   325  O O   . THR A 1 41 ? 4.053   -4.875  -1.248  1.00 27.48 ? 153 THR A O   1 
ATOM   326  C CB  . THR A 1 41 ? 1.531   -3.885  -3.071  1.00 22.71 ? 153 THR A CB  1 
ATOM   327  O OG1 . THR A 1 41 ? 1.172   -3.689  -4.470  1.00 25.38 ? 153 THR A OG1 1 
ATOM   328  C CG2 . THR A 1 41 ? 2.264   -2.635  -2.540  1.00 25.64 ? 153 THR A CG2 1 
ATOM   329  N N   . LEU A 1 42 ? 2.156   -5.848  -0.546  1.00 24.29 ? 154 LEU A N   1 
ATOM   330  C CA  . LEU A 1 42 ? 2.579   -5.998  0.818   1.00 24.20 ? 154 LEU A CA  1 
ATOM   331  C C   . LEU A 1 42 ? 3.143   -7.360  1.203   1.00 25.11 ? 154 LEU A C   1 
ATOM   332  O O   . LEU A 1 42 ? 3.440   -7.546  2.384   1.00 31.73 ? 154 LEU A O   1 
ATOM   333  C CB  . LEU A 1 42 ? 1.432   -5.698  1.796   1.00 23.92 ? 154 LEU A CB  1 
ATOM   334  C CG  . LEU A 1 42 ? 0.799   -4.381  1.486   1.00 23.37 ? 154 LEU A CG  1 
ATOM   335  C CD1 . LEU A 1 42 ? -0.424  -4.202  2.411   1.00 28.56 ? 154 LEU A CD1 1 
ATOM   336  C CD2 . LEU A 1 42 ? 1.753   -3.202  1.819   1.00 27.60 ? 154 LEU A CD2 1 
ATOM   337  N N   . ASP A 1 43 ? 3.133   -8.284  0.261   1.00 23.85 ? 155 ASP A N   1 
ATOM   338  C CA  . ASP A 1 43 ? 3.669   -9.632  0.487   1.00 26.72 ? 155 ASP A CA  1 
ATOM   339  C C   . ASP A 1 43 ? 2.855   -10.332 1.568   1.00 31.14 ? 155 ASP A C   1 
ATOM   340  O O   . ASP A 1 43 ? 3.372   -10.596 2.644   1.00 30.16 ? 155 ASP A O   1 
ATOM   341  C CB  . ASP A 1 43 ? 5.153   -9.524  0.879   1.00 29.88 ? 155 ASP A CB  1 
ATOM   342  C CG  . ASP A 1 43 ? 5.747   -10.942 0.982   1.00 62.82 ? 155 ASP A CG  1 
ATOM   343  O OD1 . ASP A 1 43 ? 6.765   -11.071 1.716   1.00 39.28 ? 155 ASP A OD1 1 
ATOM   344  O OD2 . ASP A 1 43 ? 5.196   -11.874 0.338   1.00 34.83 ? 155 ASP A OD2 1 
ATOM   345  N N   . CYS A 1 44 ? 1.516   -10.443 1.362   1.00 25.43 ? 156 CYS A N   1 
ATOM   346  C CA  . CYS A 1 44 ? 0.664   -11.047 2.437   1.00 25.93 ? 156 CYS A CA  1 
ATOM   347  C C   . CYS A 1 44 ? -0.537  -11.680 1.719   1.00 26.10 ? 156 CYS A C   1 
ATOM   348  O O   . CYS A 1 44 ? -0.628  -11.639 0.470   1.00 26.38 ? 156 CYS A O   1 
ATOM   349  C CB  . CYS A 1 44 ? 0.132   -9.978  3.465   1.00 27.65 ? 156 CYS A CB  1 
ATOM   350  S SG  . CYS A 1 44 ? -0.872  -8.693  2.642   1.00 24.42 ? 156 CYS A SG  1 
ATOM   351  N N   . CYS A 1 45 ? -1.270  -12.467 2.567   1.00 26.16 ? 157 CYS A N   1 
ATOM   352  C CA  . CYS A 1 45 ? -2.428  -13.166 1.909   1.00 27.59 ? 157 CYS A CA  1 
ATOM   353  C C   . CYS A 1 45 ? -3.424  -13.360 3.070   1.00 24.85 ? 157 CYS A C   1 
ATOM   354  O O   . CYS A 1 45 ? -3.245  -14.077 4.083   1.00 27.75 ? 157 CYS A O   1 
ATOM   355  C CB  . CYS A 1 45 ? -1.897  -14.544 1.458   1.00 33.15 ? 157 CYS A CB  1 
ATOM   356  S SG  . CYS A 1 45 ? -3.246  -15.600 0.922   1.00 32.82 ? 157 CYS A SG  1 
ATOM   357  N N   . GLY A 1 46 ? -4.538  -12.631 3.053   1.00 23.57 ? 158 GLY A N   1 
ATOM   358  C CA  . GLY A 1 46 ? -5.504  -12.671 4.121   1.00 23.42 ? 158 GLY A CA  1 
ATOM   359  C C   . GLY A 1 46 ? -5.282  -11.746 5.272   1.00 25.49 ? 158 GLY A C   1 
ATOM   360  O O   . GLY A 1 46 ? -4.299  -11.044 5.450   1.00 31.29 ? 158 GLY A O   1 
ATOM   361  N N   . SER A 1 47 ? -6.289  -11.680 6.194   1.00 23.29 ? 159 SER A N   1 
ATOM   362  C CA  . SER A 1 47 ? -6.196  -10.822 7.378   1.00 24.98 ? 159 SER A CA  1 
ATOM   363  C C   . SER A 1 47 ? -6.597  -11.607 8.667   1.00 29.71 ? 159 SER A C   1 
ATOM   364  O O   . SER A 1 47 ? -7.332  -12.571 8.567   1.00 28.92 ? 159 SER A O   1 
ATOM   365  C CB  . SER A 1 47 ? -6.962  -9.514  7.432   1.00 38.22 ? 159 SER A CB  1 
ATOM   366  O OG  . SER A 1 47 ? -8.338  -9.810  7.111   1.00 33.40 ? 159 SER A OG  1 
ATOM   367  N N   . SER A 1 48 ? -6.210  -10.939 9.742   1.00 29.16 ? 160 SER A N   1 
ATOM   368  C CA  . SER A 1 48 ? -6.485  -11.589 11.064  1.00 31.53 ? 160 SER A CA  1 
ATOM   369  C C   . SER A 1 48 ? -7.957  -11.514 11.409  1.00 30.90 ? 160 SER A C   1 
ATOM   370  O O   . SER A 1 48 ? -8.413  -12.207 12.285  1.00 41.00 ? 160 SER A O   1 
ATOM   371  C CB  . SER A 1 48 ? -5.535  -10.925 12.078  1.00 29.50 ? 160 SER A CB  1 
ATOM   372  O OG  . SER A 1 48 ? -5.702  -9.538  12.190  1.00 39.90 ? 160 SER A OG  1 
ATOM   373  N N   . THR A 1 49 ? -8.752  -10.601 10.907  1.00 29.06 ? 161 THR A N   1 
ATOM   374  C CA  . THR A 1 49 ? -10.176 -10.424 11.095  1.00 32.53 ? 161 THR A CA  1 
ATOM   375  C C   . THR A 1 49 ? -10.923 -11.432 10.199  1.00 28.69 ? 161 THR A C   1 
ATOM   376  O O   . THR A 1 49 ? -12.194 -11.504 10.386  1.00 30.18 ? 161 THR A O   1 
ATOM   377  C CB  . THR A 1 49 ? -10.634 -8.988  10.711  1.00 33.24 ? 161 THR A CB  1 
ATOM   378  O OG1 . THR A 1 49 ? -10.122 -8.749  9.392   1.00 30.51 ? 161 THR A OG1 1 
ATOM   379  C CG2 . THR A 1 49 ? -10.173 -7.907  11.645  1.00 30.20 ? 161 THR A CG2 1 
ATOM   380  N N   . LEU A 1 50 ? -10.278 -12.122 9.314   1.00 25.65 ? 162 LEU A N   1 
ATOM   381  C CA  . LEU A 1 50 ? -10.940 -13.000 8.357   1.00 27.51 ? 162 LEU A CA  1 
ATOM   382  C C   . LEU A 1 50 ? -10.259 -14.316 8.145   1.00 26.68 ? 162 LEU A C   1 
ATOM   383  O O   . LEU A 1 50 ? -10.239 -14.910 7.061   1.00 25.46 ? 162 LEU A O   1 
ATOM   384  C CB  . LEU A 1 50 ? -11.034 -12.178 7.034   1.00 23.77 ? 162 LEU A CB  1 
ATOM   385  C CG  . LEU A 1 50 ? -11.972 -10.978 7.053   1.00 24.78 ? 162 LEU A CG  1 
ATOM   386  C CD1 . LEU A 1 50 ? -11.831 -10.248 5.685   1.00 24.05 ? 162 LEU A CD1 1 
ATOM   387  C CD2 . LEU A 1 50 ? -13.465 -11.434 7.180   1.00 25.38 ? 162 LEU A CD2 1 
ATOM   388  N N   . THR A 1 51 ? -9.692  -14.827 9.273   1.00 33.72 ? 163 THR A N   1 
ATOM   389  C CA  . THR A 1 51 ? -8.923  -16.042 9.315   1.00 34.30 ? 163 THR A CA  1 
ATOM   390  C C   . THR A 1 51 ? -9.634  -17.253 8.758   1.00 32.24 ? 163 THR A C   1 
ATOM   391  O O   . THR A 1 51 ? -9.066  -17.999 7.995   1.00 37.92 ? 163 THR A O   1 
ATOM   392  C CB  . THR A 1 51 ? -8.250  -16.316 10.657  1.00 50.44 ? 163 THR A CB  1 
ATOM   393  O OG1 . THR A 1 51 ? -9.251  -16.821 11.549  1.00 41.17 ? 163 THR A OG1 1 
ATOM   394  C CG2 . THR A 1 51 ? -7.804  -15.000 11.307  1.00 37.36 ? 163 THR A CG2 1 
ATOM   395  N N   . ALA A 1 52 ? -10.962 -17.274 9.058   1.00 32.95 ? 164 ALA A N   1 
ATOM   396  C CA  . ALA A 1 52 ? -11.696 -18.354 8.430   1.00 33.55 ? 164 ALA A CA  1 
ATOM   397  C C   . ALA A 1 52 ? -11.954 -18.275 6.984   1.00 35.24 ? 164 ALA A C   1 
ATOM   398  O O   . ALA A 1 52 ? -12.445 -19.264 6.416   1.00 32.41 ? 164 ALA A O   1 
ATOM   399  C CB  . ALA A 1 52 ? -12.860 -18.785 9.287   1.00 39.49 ? 164 ALA A CB  1 
ATOM   400  N N   . LEU A 1 53 ? -11.630 -17.153 6.291   1.00 33.05 ? 165 LEU A N   1 
ATOM   401  C CA  . LEU A 1 53 ? -11.766 -17.075 4.857   1.00 31.37 ? 165 LEU A CA  1 
ATOM   402  C C   . LEU A 1 53 ? -10.528 -17.320 4.077   1.00 28.59 ? 165 LEU A C   1 
ATOM   403  O O   . LEU A 1 53 ? -10.559 -17.556 2.865   1.00 31.69 ? 165 LEU A O   1 
ATOM   404  C CB  . LEU A 1 53 ? -12.062 -15.546 4.543   1.00 28.17 ? 165 LEU A CB  1 
ATOM   405  C CG  . LEU A 1 53 ? -13.354 -15.100 4.041   1.00 27.01 ? 165 LEU A CG  1 
ATOM   406  C CD1 . LEU A 1 53 ? -13.307 -13.695 3.599   1.00 23.83 ? 165 LEU A CD1 1 
ATOM   407  C CD2 . LEU A 1 53 ? -14.537 -15.959 3.871   1.00 27.70 ? 165 LEU A CD2 1 
ATOM   408  N N   . THR A 1 54 ? -9.360  -17.499 4.837   1.00 31.94 ? 166 THR A N   1 
ATOM   409  C CA  . THR A 1 54 ? -8.139  -17.793 4.049   1.00 40.87 ? 166 THR A CA  1 
ATOM   410  C C   . THR A 1 54 ? -8.202  -18.929 3.074   1.00 42.39 ? 166 THR A C   1 
ATOM   411  O O   . THR A 1 54 ? -7.745  -18.865 1.905   1.00 38.40 ? 166 THR A O   1 
ATOM   412  C CB  . THR A 1 54 ? -6.896  -17.652 4.954   1.00 36.13 ? 166 THR A CB  1 
ATOM   413  O OG1 . THR A 1 54 ? -6.952  -16.471 5.730   1.00 36.62 ? 166 THR A OG1 1 
ATOM   414  C CG2 . THR A 1 54 ? -5.568  -17.740 4.233   1.00 44.79 ? 166 THR A CG2 1 
ATOM   415  N N   . THR A 1 55 ? -8.856  -20.070 3.380   1.00 42.15 ? 167 THR A N   1 
ATOM   416  C CA  . THR A 1 55 ? -9.016  -21.168 2.468   1.00 40.32 ? 167 THR A CA  1 
ATOM   417  C C   . THR A 1 55 ? -9.603  -20.857 1.115   1.00 36.81 ? 167 THR A C   1 
ATOM   418  O O   . THR A 1 55 ? -9.285  -21.154 -0.044  1.00 37.99 ? 167 THR A O   1 
ATOM   419  C CB  . THR A 1 55 ? -9.837  -22.340 3.088   1.00 61.23 ? 167 THR A CB  1 
ATOM   420  O OG1 . THR A 1 55 ? -9.645  -22.382 4.504   1.00 67.37 ? 167 THR A OG1 1 
ATOM   421  C CG2 . THR A 1 55 ? -9.330  -23.625 2.471   1.00 53.56 ? 167 THR A CG2 1 
ATOM   422  N N   . SER A 1 56 ? -10.683 -20.042 1.282   1.00 35.37 ? 168 SER A N   1 
ATOM   423  C CA  . SER A 1 56 ? -11.435 -19.480 0.210   1.00 31.87 ? 168 SER A CA  1 
ATOM   424  C C   . SER A 1 56 ? -10.578 -18.457 -0.554  1.00 30.23 ? 168 SER A C   1 
ATOM   425  O O   . SER A 1 56 ? -10.530 -18.475 -1.765  1.00 34.03 ? 168 SER A O   1 
ATOM   426  C CB  . SER A 1 56 ? -12.633 -18.786 0.877   1.00 40.72 ? 168 SER A CB  1 
ATOM   427  O OG  . SER A 1 56 ? -13.577 -18.670 -0.151  1.00 41.48 ? 168 SER A OG  1 
ATOM   428  N N   . VAL A 1 57 ? -9.832  -17.653 0.186   1.00 36.11 ? 169 VAL A N   1 
ATOM   429  C CA  . VAL A 1 57 ? -9.015  -16.668 -0.527  1.00 26.69 ? 169 VAL A CA  1 
ATOM   430  C C   . VAL A 1 57 ? -8.011  -17.374 -1.457  1.00 32.76 ? 169 VAL A C   1 
ATOM   431  O O   . VAL A 1 57 ? -7.766  -17.115 -2.646  1.00 36.23 ? 169 VAL A O   1 
ATOM   432  C CB  . VAL A 1 57 ? -8.422  -15.688 0.494   1.00 30.41 ? 169 VAL A CB  1 
ATOM   433  C CG1 . VAL A 1 57 ? -7.493  -14.678 -0.231  1.00 25.68 ? 169 VAL A CG1 1 
ATOM   434  C CG2 . VAL A 1 57 ? -9.547  -14.936 1.174   1.00 33.52 ? 169 VAL A CG2 1 
ATOM   435  N N   . LEU A 1 58 ? -7.411  -18.435 -0.951  1.00 35.41 ? 170 LEU A N   1 
ATOM   436  C CA  . LEU A 1 58 ? -6.428  -19.217 -1.709  1.00 40.24 ? 170 LEU A CA  1 
ATOM   437  C C   . LEU A 1 58 ? -7.039  -19.889 -2.908  1.00 36.07 ? 170 LEU A C   1 
ATOM   438  O O   . LEU A 1 58 ? -6.499  -19.869 -4.001  1.00 37.93 ? 170 LEU A O   1 
ATOM   439  C CB  . LEU A 1 58 ? -5.913  -20.248 -0.747  1.00 34.96 ? 170 LEU A CB  1 
ATOM   440  C CG  . LEU A 1 58 ? -4.733  -19.815 0.135   1.00 38.88 ? 170 LEU A CG  1 
ATOM   441  C CD1 . LEU A 1 58 ? -4.117  -21.175 0.561   1.00 42.60 ? 170 LEU A CD1 1 
ATOM   442  C CD2 . LEU A 1 58 ? -3.650  -19.057 -0.567  1.00 45.47 ? 170 LEU A CD2 1 
ATOM   443  N N   . LYS A 1 59 ? -8.218  -20.493 -2.661  1.00 40.34 ? 171 LYS A N   1 
ATOM   444  C CA  . LYS A 1 59 ? -8.870  -21.218 -3.773  1.00 45.51 ? 171 LYS A CA  1 
ATOM   445  C C   . LYS A 1 59 ? -9.241  -20.306 -4.907  1.00 44.28 ? 171 LYS A C   1 
ATOM   446  O O   . LYS A 1 59 ? -9.269  -20.765 -6.069  1.00 41.55 ? 171 LYS A O   1 
ATOM   447  C CB  . LYS A 1 59 ? -10.186 -21.853 -3.270  1.00 69.69 ? 171 LYS A CB  1 
ATOM   448  C CG  . LYS A 1 59 ? -10.854 -22.704 -4.347  1.00 79.83 ? 171 LYS A CG  1 
ATOM   449  C CD  . LYS A 1 59 ? -10.270 -24.112 -4.392  1.00 95.86 ? 171 LYS A CD  1 
ATOM   450  C CE  . LYS A 1 59 ? -10.547 -24.817 -5.709  1.00 94.11 ? 171 LYS A CE  1 
ATOM   451  N NZ  . LYS A 1 59 ? -10.548 -26.300 -5.564  1.00 99.00 ? 171 LYS A NZ  1 
ATOM   452  N N   . ASN A 1 60 ? -9.581  -19.035 -4.539  1.00 33.49 ? 172 ASN A N   1 
ATOM   453  C CA  . ASN A 1 60 ? -9.879  -18.105 -5.641  1.00 32.00 ? 172 ASN A CA  1 
ATOM   454  C C   . ASN A 1 60 ? -8.648  -17.495 -6.292  1.00 32.19 ? 172 ASN A C   1 
ATOM   455  O O   . ASN A 1 60 ? -8.755  -16.564 -7.098  1.00 34.93 ? 172 ASN A O   1 
ATOM   456  C CB  . ASN A 1 60 ? -10.717 -16.931 -5.027  1.00 38.64 ? 172 ASN A CB  1 
ATOM   457  C CG  . ASN A 1 60 ? -12.173 -17.246 -4.843  1.00 47.08 ? 172 ASN A CG  1 
ATOM   458  O OD1 . ASN A 1 60 ? -12.937 -17.003 -5.773  1.00 50.53 ? 172 ASN A OD1 1 
ATOM   459  N ND2 . ASN A 1 60 ? -12.612 -17.726 -3.697  1.00 37.12 ? 172 ASN A ND2 1 
ATOM   460  N N   . ASN A 1 61 ? -7.444  -18.047 -6.090  1.00 31.88 ? 173 ASN A N   1 
ATOM   461  C CA  . ASN A 1 61 ? -6.204  -17.617 -6.735  1.00 28.39 ? 173 ASN A CA  1 
ATOM   462  C C   . ASN A 1 61 ? -5.957  -16.085 -6.480  1.00 29.05 ? 173 ASN A C   1 
ATOM   463  O O   . ASN A 1 61 ? -5.339  -15.438 -7.356  1.00 32.53 ? 173 ASN A O   1 
ATOM   464  C CB  . ASN A 1 61 ? -6.091  -17.941 -8.185  1.00 36.22 ? 173 ASN A CB  1 
ATOM   465  C CG  . ASN A 1 61 ? -6.249  -19.500 -8.314  1.00 34.79 ? 173 ASN A CG  1 
ATOM   466  O OD1 . ASN A 1 61 ? -5.989  -20.213 -7.352  1.00 40.09 ? 173 ASN A OD1 1 
ATOM   467  N ND2 . ASN A 1 61 ? -6.730  -19.820 -9.501  1.00 54.78 ? 173 ASN A ND2 1 
ATOM   468  N N   . LEU A 1 62 ? -6.290  -15.698 -5.233  1.00 31.35 ? 174 LEU A N   1 
ATOM   469  C CA  . LEU A 1 62 ? -6.056  -14.253 -4.928  1.00 26.80 ? 174 LEU A CA  1 
ATOM   470  C C   . LEU A 1 62 ? -4.706  -14.031 -4.261  1.00 30.61 ? 174 LEU A C   1 
ATOM   471  O O   . LEU A 1 62 ? -4.418  -12.811 -4.039  1.00 26.30 ? 174 LEU A O   1 
ATOM   472  C CB  . LEU A 1 62 ? -7.163  -13.719 -3.932  1.00 27.25 ? 174 LEU A CB  1 
ATOM   473  C CG  . LEU A 1 62 ? -8.569  -13.850 -4.588  1.00 29.12 ? 174 LEU A CG  1 
ATOM   474  C CD1 . LEU A 1 62 ? -9.618  -13.571 -3.475  1.00 28.38 ? 174 LEU A CD1 1 
ATOM   475  C CD2 . LEU A 1 62 ? -8.709  -12.803 -5.724  1.00 30.60 ? 174 LEU A CD2 1 
ATOM   476  N N   . CYS A 1 63 ? -3.960  -15.088 -3.949  1.00 30.48 ? 175 CYS A N   1 
ATOM   477  C CA  . CYS A 1 63 ? -2.642  -14.835 -3.371  1.00 30.38 ? 175 CYS A CA  1 
ATOM   478  C C   . CYS A 1 63 ? -1.511  -15.142 -4.347  1.00 31.31 ? 175 CYS A C   1 
ATOM   479  O O   . CYS A 1 63 ? -1.710  -15.995 -5.229  1.00 28.50 ? 175 CYS A O   1 
ATOM   480  C CB  . CYS A 1 63 ? -2.519  -15.597 -2.058  1.00 33.34 ? 175 CYS A CB  1 
ATOM   481  S SG  . CYS A 1 63 ? -3.731  -14.837 -0.871  1.00 34.59 ? 175 CYS A SG  1 
ATOM   482  N N   . PRO A 1 64 ? -0.434  -14.444 -4.286  1.00 26.97 ? 176 PRO A N   1 
ATOM   483  C CA  . PRO A 1 64 ? 0.789   -14.674 -5.058  1.00 29.17 ? 176 PRO A CA  1 
ATOM   484  C C   . PRO A 1 64 ? 1.184   -16.168 -5.080  1.00 27.85 ? 176 PRO A C   1 
ATOM   485  O O   . PRO A 1 64 ? 1.012   -16.876 -4.114  1.00 29.34 ? 176 PRO A O   1 
ATOM   486  C CB  . PRO A 1 64 ? 1.902   -13.896 -4.321  1.00 31.13 ? 176 PRO A CB  1 
ATOM   487  C CG  . PRO A 1 64 ? 1.077   -12.675 -4.039  1.00 30.18 ? 176 PRO A CG  1 
ATOM   488  C CD  . PRO A 1 64 ? -0.145  -13.286 -3.346  1.00 27.08 ? 176 PRO A CD  1 
ATOM   489  N N   . SER A 1 65 ? 1.713   -16.443 -6.322  1.00 30.71 ? 177 SER A N   1 
ATOM   490  C CA  . SER A 1 65 ? 2.127   -17.848 -6.564  1.00 34.85 ? 177 SER A CA  1 
ATOM   491  C C   . SER A 1 65 ? 3.006   -18.309 -5.439  1.00 38.23 ? 177 SER A C   1 
ATOM   492  O O   . SER A 1 65 ? 3.867   -17.483 -5.048  1.00 44.22 ? 177 SER A O   1 
ATOM   493  C CB  . SER A 1 65 ? 2.943   -17.914 -7.867  1.00 36.64 ? 177 SER A CB  1 
ATOM   494  O OG  . SER A 1 65 ? 2.278   -17.273 -8.932  1.00 47.00 ? 177 SER A OG  1 
ATOM   495  N N   . GLY A 1 66 ? 2.841   -19.506 -4.903  1.00 42.86 ? 178 GLY A N   1 
ATOM   496  C CA  . GLY A 1 66 ? 3.664   -19.923 -3.794  1.00 43.31 ? 178 GLY A CA  1 
ATOM   497  C C   . GLY A 1 66 ? 2.879   -20.025 -2.514  1.00 49.40 ? 178 GLY A C   1 
ATOM   498  O O   . GLY A 1 66 ? 3.163   -20.903 -1.705  1.00 50.03 ? 178 GLY A O   1 
ATOM   499  N N   . SER A 1 67 ? 1.914   -19.100 -2.310  1.00 40.11 ? 179 SER A N   1 
ATOM   500  C CA  . SER A 1 67 ? 1.080   -19.163 -1.145  1.00 38.50 ? 179 SER A CA  1 
ATOM   501  C C   . SER A 1 67 ? 0.252   -20.447 -1.092  1.00 42.66 ? 179 SER A C   1 
ATOM   502  O O   . SER A 1 67 ? -0.275  -20.952 -2.097  1.00 38.05 ? 179 SER A O   1 
ATOM   503  C CB  . SER A 1 67 ? 0.024   -18.006 -1.395  1.00 34.49 ? 179 SER A CB  1 
ATOM   504  O OG  . SER A 1 67 ? 0.802   -16.813 -1.021  1.00 45.66 ? 179 SER A OG  1 
ATOM   505  N N   . ASN A 1 68 ? 0.132   -20.978 0.104   1.00 36.63 ? 180 ASN A N   1 
ATOM   506  C CA  . ASN A 1 68 ? -0.585  -22.186 0.417   1.00 38.62 ? 180 ASN A CA  1 
ATOM   507  C C   . ASN A 1 68 ? -0.759  -22.110 1.941   1.00 39.82 ? 180 ASN A C   1 
ATOM   508  O O   . ASN A 1 68 ? -0.181  -21.182 2.557   1.00 42.39 ? 180 ASN A O   1 
ATOM   509  C CB  . ASN A 1 68 ? 0.222   -23.428 0.013   1.00 44.98 ? 180 ASN A CB  1 
ATOM   510  C CG  . ASN A 1 68 ? 1.660   -23.286 0.494   1.00 54.54 ? 180 ASN A CG  1 
ATOM   511  O OD1 . ASN A 1 68 ? 2.500   -22.798 -0.273  1.00 48.38 ? 180 ASN A OD1 1 
ATOM   512  N ND2 . ASN A 1 68 ? 1.931   -23.649 1.737   1.00 40.36 ? 180 ASN A ND2 1 
ATOM   513  N N   . ILE A 1 69 ? -1.633  -22.904 2.490   1.00 40.38 ? 181 ILE A N   1 
ATOM   514  C CA  . ILE A 1 69 ? -2.048  -22.816 3.888   1.00 33.89 ? 181 ILE A CA  1 
ATOM   515  C C   . ILE A 1 69 ? -0.851  -22.873 4.821   1.00 39.65 ? 181 ILE A C   1 
ATOM   516  O O   . ILE A 1 69 ? -0.654  -21.946 5.620   1.00 40.11 ? 181 ILE A O   1 
ATOM   517  C CB  . ILE A 1 69 ? -3.167  -23.818 4.186   1.00 42.70 ? 181 ILE A CB  1 
ATOM   518  C CG1 . ILE A 1 69 ? -3.385  -23.964 5.695   1.00 36.84 ? 181 ILE A CG1 1 
ATOM   519  C CG2 . ILE A 1 69 ? -2.914  -25.217 3.649   1.00 55.03 ? 181 ILE A CG2 1 
ATOM   520  C CD1 . ILE A 1 69 ? -4.708  -24.596 6.075   1.00 68.03 ? 181 ILE A CD1 1 
ATOM   521  N N   . ILE A 1 70 ? 0.048   -23.845 4.603   1.00 30.27 ? 182 ILE A N   1 
ATOM   522  C CA  . ILE A 1 70 ? 1.208   -23.902 5.486   1.00 33.50 ? 182 ILE A CA  1 
ATOM   523  C C   . ILE A 1 70 ? 2.120   -22.711 5.405   1.00 32.77 ? 182 ILE A C   1 
ATOM   524  O O   . ILE A 1 70 ? 2.369   -22.055 6.440   1.00 32.51 ? 182 ILE A O   1 
ATOM   525  C CB  . ILE A 1 70 ? 1.992   -25.227 5.425   1.00 34.82 ? 182 ILE A CB  1 
ATOM   526  C CG1 . ILE A 1 70 ? 1.128   -26.340 6.030   1.00 33.43 ? 182 ILE A CG1 1 
ATOM   527  C CG2 . ILE A 1 70 ? 3.164   -25.093 6.438   1.00 38.83 ? 182 ILE A CG2 1 
ATOM   528  C CD1 . ILE A 1 70 ? 2.083   -27.521 6.161   1.00 40.57 ? 182 ILE A CD1 1 
ATOM   529  N N   . SER A 1 71 ? 2.592   -22.369 4.205   1.00 32.05 ? 183 SER A N   1 
ATOM   530  C CA  . SER A 1 71 ? 3.549   -21.248 4.134   1.00 29.75 ? 183 SER A CA  1 
ATOM   531  C C   . SER A 1 71 ? 2.904   -19.992 4.682   1.00 29.63 ? 183 SER A C   1 
ATOM   532  O O   . SER A 1 71 ? 3.550   -19.102 5.277   1.00 30.58 ? 183 SER A O   1 
ATOM   533  C CB  . SER A 1 71 ? 3.951   -20.951 2.686   1.00 40.54 ? 183 SER A CB  1 
ATOM   534  O OG  . SER A 1 71 ? 2.779   -20.704 1.900   1.00 51.48 ? 183 SER A OG  1 
ATOM   535  N N   . ASN A 1 72 ? 1.570   -19.866 4.441   1.00 29.71 ? 184 ASN A N   1 
ATOM   536  C CA  . ASN A 1 72 ? 0.944   -18.641 4.907   1.00 29.17 ? 184 ASN A CA  1 
ATOM   537  C C   . ASN A 1 72 ? 0.856   -18.579 6.418   1.00 30.40 ? 184 ASN A C   1 
ATOM   538  O O   . ASN A 1 72 ? 0.850   -17.486 6.953   1.00 30.51 ? 184 ASN A O   1 
ATOM   539  C CB  . ASN A 1 72 ? -0.352  -18.411 4.142   1.00 33.28 ? 184 ASN A CB  1 
ATOM   540  C CG  . ASN A 1 72 ? -0.763  -16.942 4.125   1.00 40.11 ? 184 ASN A CG  1 
ATOM   541  O OD1 . ASN A 1 72 ? -0.049  -16.051 3.634   1.00 39.35 ? 184 ASN A OD1 1 
ATOM   542  N ND2 . ASN A 1 72 ? -1.930  -16.700 4.708   1.00 37.40 ? 184 ASN A ND2 1 
ATOM   543  N N   . LEU A 1 73 ? 0.906   -19.701 7.147   1.00 28.40 ? 185 LEU A N   1 
ATOM   544  C CA  . LEU A 1 73 ? 0.859   -19.611 8.607   1.00 28.04 ? 185 LEU A CA  1 
ATOM   545  C C   . LEU A 1 73 ? 2.170   -19.048 9.160   1.00 25.68 ? 185 LEU A C   1 
ATOM   546  O O   . LEU A 1 73 ? 2.150   -18.579 10.334  1.00 29.24 ? 185 LEU A O   1 
ATOM   547  C CB  . LEU A 1 73 ? 0.748   -21.077 9.155   1.00 32.33 ? 185 LEU A CB  1 
ATOM   548  C CG  . LEU A 1 73 ? -0.629  -21.704 8.823   1.00 37.66 ? 185 LEU A CG  1 
ATOM   549  C CD1 . LEU A 1 73 ? -0.584  -23.161 9.314   1.00 38.27 ? 185 LEU A CD1 1 
ATOM   550  C CD2 . LEU A 1 73 ? -1.722  -20.922 9.581   1.00 30.37 ? 185 LEU A CD2 1 
ATOM   551  N N   . PHE A 1 74 ? 3.232   -19.023 8.387   1.00 24.99 ? 186 PHE A N   1 
ATOM   552  C CA  . PHE A 1 74 ? 4.503   -18.476 8.952   1.00 29.36 ? 186 PHE A CA  1 
ATOM   553  C C   . PHE A 1 74 ? 4.773   -17.043 8.453   1.00 28.13 ? 186 PHE A C   1 
ATOM   554  O O   . PHE A 1 74 ? 5.881   -16.525 8.530   1.00 31.04 ? 186 PHE A O   1 
ATOM   555  C CB  . PHE A 1 74 ? 5.682   -19.350 8.411   1.00 29.08 ? 186 PHE A CB  1 
ATOM   556  C CG  . PHE A 1 74 ? 5.720   -20.722 9.038   1.00 32.29 ? 186 PHE A CG  1 
ATOM   557  C CD1 . PHE A 1 74 ? 5.080   -21.775 8.507   1.00 30.56 ? 186 PHE A CD1 1 
ATOM   558  C CD2 . PHE A 1 74 ? 6.514   -20.853 10.156  1.00 29.12 ? 186 PHE A CD2 1 
ATOM   559  C CE1 . PHE A 1 74 ? 5.118   -23.062 9.132   1.00 34.73 ? 186 PHE A CE1 1 
ATOM   560  C CE2 . PHE A 1 74 ? 6.610   -22.133 10.748  1.00 27.34 ? 186 PHE A CE2 1 
ATOM   561  C CZ  . PHE A 1 74 ? 5.911   -23.174 10.267  1.00 30.52 ? 186 PHE A CZ  1 
ATOM   562  N N   . LYS A 1 75 ? 3.726   -16.395 7.926   1.00 29.75 ? 187 LYS A N   1 
ATOM   563  C CA  . LYS A 1 75 ? 3.880   -14.985 7.453   1.00 30.16 ? 187 LYS A CA  1 
ATOM   564  C C   . LYS A 1 75 ? 2.905   -14.083 8.195   1.00 27.54 ? 187 LYS A C   1 
ATOM   565  O O   . LYS A 1 75 ? 1.844   -14.534 8.631   1.00 29.14 ? 187 LYS A O   1 
ATOM   566  C CB  . LYS A 1 75 ? 3.368   -14.991 5.980   1.00 31.45 ? 187 LYS A CB  1 
ATOM   567  C CG  . LYS A 1 75 ? 4.558   -15.332 5.100   1.00 44.24 ? 187 LYS A CG  1 
ATOM   568  C CD  . LYS A 1 75 ? 4.182   -15.413 3.645   1.00 50.91 ? 187 LYS A CD  1 
ATOM   569  C CE  . LYS A 1 75 ? 4.062   -14.009 3.036   1.00 41.03 ? 187 LYS A CE  1 
ATOM   570  N NZ  . LYS A 1 75 ? 4.212   -14.186 1.563   1.00 42.16 ? 187 LYS A NZ  1 
ATOM   571  N N   . GLU A 1 76 ? 3.297   -12.780 8.348   1.00 26.33 ? 188 GLU A N   1 
ATOM   572  C CA  . GLU A 1 76 ? 2.409   -11.795 8.912   1.00 25.15 ? 188 GLU A CA  1 
ATOM   573  C C   . GLU A 1 76 ? 1.195   -11.556 7.912   1.00 20.95 ? 188 GLU A C   1 
ATOM   574  O O   . GLU A 1 76 ? 1.381   -11.746 6.724   1.00 25.60 ? 188 GLU A O   1 
ATOM   575  C CB  . GLU A 1 76 ? 3.129   -10.434 8.908   1.00 30.19 ? 188 GLU A CB  1 
ATOM   576  C CG  . GLU A 1 76 ? 4.420   -10.566 9.726   1.00 39.33 ? 188 GLU A CG  1 
ATOM   577  C CD  . GLU A 1 76 ? 5.105   -9.244  9.984   1.00 62.86 ? 188 GLU A CD  1 
ATOM   578  O OE1 . GLU A 1 76 ? 5.549   -8.569  9.028   1.00 57.85 ? 188 GLU A OE1 1 
ATOM   579  O OE2 . GLU A 1 76 ? 5.190   -8.916  11.190  1.00 69.92 ? 188 GLU A OE2 1 
ATOM   580  N N   . ASP A 1 77 ? 0.116   -11.297 8.563   1.00 25.72 ? 189 ASP A N   1 
ATOM   581  C CA  . ASP A 1 77 ? -1.125  -11.110 7.788   1.00 22.36 ? 189 ASP A CA  1 
ATOM   582  C C   . ASP A 1 77 ? -1.121  -9.700  7.195   1.00 22.67 ? 189 ASP A C   1 
ATOM   583  O O   . ASP A 1 77 ? -0.279  -8.804  7.554   1.00 23.90 ? 189 ASP A O   1 
ATOM   584  C CB  . ASP A 1 77 ? -2.397  -11.318 8.646   1.00 28.19 ? 189 ASP A CB  1 
ATOM   585  C CG  . ASP A 1 77 ? -2.679  -10.095 9.435   1.00 23.97 ? 189 ASP A CG  1 
ATOM   586  O OD1 . ASP A 1 77 ? -3.798  -9.478  9.233   1.00 27.23 ? 189 ASP A OD1 1 
ATOM   587  O OD2 . ASP A 1 77 ? -1.980  -9.367  10.142  1.00 35.18 ? 189 ASP A OD2 1 
ATOM   588  N N   . CYS A 1 78 ? -2.149  -9.427  6.390   1.00 22.63 ? 190 CYS A N   1 
ATOM   589  C CA  . CYS A 1 78 ? -2.179  -8.061  5.749   1.00 21.85 ? 190 CYS A CA  1 
ATOM   590  C C   . CYS A 1 78 ? -2.428  -6.962  6.768   1.00 21.58 ? 190 CYS A C   1 
ATOM   591  O O   . CYS A 1 78 ? -1.888  -5.843  6.427   1.00 24.53 ? 190 CYS A O   1 
ATOM   592  C CB  . CYS A 1 78 ? -3.132  -8.030  4.611   1.00 23.37 ? 190 CYS A CB  1 
ATOM   593  S SG  . CYS A 1 78 ? -2.778  -9.172  3.271   1.00 27.18 ? 190 CYS A SG  1 
ATOM   594  N N   . HIS A 1 79 ? -3.137  -7.097  7.875   1.00 22.69 ? 191 HIS A N   1 
ATOM   595  C CA  . HIS A 1 79 ? -3.263  -5.931  8.731   1.00 21.61 ? 191 HIS A CA  1 
ATOM   596  C C   . HIS A 1 79 ? -1.935  -5.510  9.240   1.00 21.85 ? 191 HIS A C   1 
ATOM   597  O O   . HIS A 1 79 ? -1.689  -4.276  9.504   1.00 24.99 ? 191 HIS A O   1 
ATOM   598  C CB  . HIS A 1 79 ? -4.315  -6.217  9.814   1.00 26.50 ? 191 HIS A CB  1 
ATOM   599  C CG  . HIS A 1 79 ? -5.709  -6.231  9.215   1.00 27.06 ? 191 HIS A CG  1 
ATOM   600  N ND1 . HIS A 1 79 ? -6.755  -6.246  10.103  1.00 29.05 ? 191 HIS A ND1 1 
ATOM   601  C CD2 . HIS A 1 79 ? -6.184  -6.185  7.990   1.00 27.99 ? 191 HIS A CD2 1 
ATOM   602  C CE1 . HIS A 1 79 ? -7.854  -6.203  9.327   1.00 25.16 ? 191 HIS A CE1 1 
ATOM   603  N NE2 . HIS A 1 79 ? -7.578  -6.288  8.060   1.00 26.21 ? 191 HIS A NE2 1 
ATOM   604  N N   . GLN A 1 80 ? -1.145  -6.540  9.651   1.00 26.34 ? 192 GLN A N   1 
ATOM   605  C CA  . GLN A 1 80 ? 0.173   -6.177  10.220  1.00 26.48 ? 192 GLN A CA  1 
ATOM   606  C C   . GLN A 1 80 ? 0.995   -5.480  9.157   1.00 26.16 ? 192 GLN A C   1 
ATOM   607  O O   . GLN A 1 80 ? 1.711   -4.500  9.465   1.00 25.33 ? 192 GLN A O   1 
ATOM   608  C CB  . GLN A 1 80 ? 0.919   -7.517  10.537  1.00 25.24 ? 192 GLN A CB  1 
ATOM   609  C CG  . GLN A 1 80 ? 2.241   -7.056  11.182  1.00 36.75 ? 192 GLN A CG  1 
ATOM   610  C CD  . GLN A 1 80 ? 2.182   -6.271  12.448  1.00 44.62 ? 192 GLN A CD  1 
ATOM   611  O OE1 . GLN A 1 80 ? 1.752   -6.687  13.504  1.00 47.15 ? 192 GLN A OE1 1 
ATOM   612  N NE2 . GLN A 1 80 ? 2.670   -5.019  12.509  1.00 34.56 ? 192 GLN A NE2 1 
ATOM   613  N N   . LYS A 1 81 ? 1.023   -5.938  7.897   1.00 23.16 ? 193 LYS A N   1 
ATOM   614  C CA  . LYS A 1 81 ? 1.708   -5.271  6.812   1.00 21.55 ? 193 LYS A CA  1 
ATOM   615  C C   . LYS A 1 81 ? 1.185   -3.864  6.573   1.00 24.18 ? 193 LYS A C   1 
ATOM   616  O O   . LYS A 1 81 ? 2.022   -2.981  6.276   1.00 25.04 ? 193 LYS A O   1 
ATOM   617  C CB  . LYS A 1 81 ? 1.732   -6.079  5.484   1.00 21.00 ? 193 LYS A CB  1 
ATOM   618  C CG  . LYS A 1 81 ? 2.466   -7.362  5.733   1.00 22.09 ? 193 LYS A CG  1 
ATOM   619  C CD  . LYS A 1 81 ? 3.960   -7.145  6.071   1.00 28.55 ? 193 LYS A CD  1 
ATOM   620  C CE  . LYS A 1 81 ? 4.938   -8.310  5.856   1.00 41.86 ? 193 LYS A CE  1 
ATOM   621  N NZ  . LYS A 1 81 ? 5.229   -8.602  4.450   1.00 43.09 ? 193 LYS A NZ  1 
ATOM   622  N N   . ILE A 1 82 ? -0.102  -3.603  6.701   1.00 20.51 ? 194 ILE A N   1 
ATOM   623  C CA  . ILE A 1 82 ? -0.614  -2.223  6.593   1.00 22.80 ? 194 ILE A CA  1 
ATOM   624  C C   . ILE A 1 82 ? -0.018  -1.397  7.691   1.00 22.89 ? 194 ILE A C   1 
ATOM   625  O O   . ILE A 1 82 ? 0.495   -0.301  7.471   1.00 23.90 ? 194 ILE A O   1 
ATOM   626  C CB  . ILE A 1 82 ? -2.160  -2.245  6.649   1.00 22.37 ? 194 ILE A CB  1 
ATOM   627  C CG1 . ILE A 1 82 ? -2.532  -2.854  5.279   1.00 20.93 ? 194 ILE A CG1 1 
ATOM   628  C CG2 . ILE A 1 82 ? -2.748  -0.816  6.962   1.00 23.35 ? 194 ILE A CG2 1 
ATOM   629  C CD1 . ILE A 1 82 ? -4.008  -3.316  5.200   1.00 24.02 ? 194 ILE A CD1 1 
ATOM   630  N N   . ASP A 1 83 ? -0.031  -2.002  8.907   1.00 25.74 ? 195 ASP A N   1 
ATOM   631  C CA  . ASP A 1 83 ? 0.519   -1.173  10.018  1.00 28.30 ? 195 ASP A CA  1 
ATOM   632  C C   . ASP A 1 83 ? 2.015   -0.912  9.738   1.00 25.05 ? 195 ASP A C   1 
ATOM   633  O O   . ASP A 1 83 ? 2.504   0.227   9.956   1.00 28.16 ? 195 ASP A O   1 
ATOM   634  C CB  . ASP A 1 83 ? 0.498   -2.030  11.305  1.00 31.28 ? 195 ASP A CB  1 
ATOM   635  C CG  . ASP A 1 83 ? -0.755  -1.771  12.128  1.00 46.09 ? 195 ASP A CG  1 
ATOM   636  O OD1 . ASP A 1 83 ? -1.111  -2.619  12.984  1.00 41.35 ? 195 ASP A OD1 1 
ATOM   637  O OD2 . ASP A 1 83 ? -1.311  -0.726  11.861  1.00 40.30 ? 195 ASP A OD2 1 
ATOM   638  N N   . ASP A 1 84 ? 2.759   -1.849  9.236   1.00 25.73 ? 196 ASP A N   1 
ATOM   639  C CA  . ASP A 1 84 ? 4.210   -1.690  8.971   1.00 27.60 ? 196 ASP A CA  1 
ATOM   640  C C   . ASP A 1 84 ? 4.399   -0.554  7.972   1.00 30.61 ? 196 ASP A C   1 
ATOM   641  O O   . ASP A 1 84 ? 5.400   0.195   7.988   1.00 28.90 ? 196 ASP A O   1 
ATOM   642  C CB  . ASP A 1 84 ? 4.871   -2.977  8.429   1.00 26.94 ? 196 ASP A CB  1 
ATOM   643  C CG  . ASP A 1 84 ? 4.949   -4.023  9.525   1.00 35.93 ? 196 ASP A CG  1 
ATOM   644  O OD1 . ASP A 1 84 ? 4.760   -3.623  10.694  1.00 37.15 ? 196 ASP A OD1 1 
ATOM   645  O OD2 . ASP A 1 84 ? 5.216   -5.220  9.275   1.00 39.81 ? 196 ASP A OD2 1 
ATOM   646  N N   . LEU A 1 85 ? 3.545   -0.510  6.940   1.00 26.22 ? 197 LEU A N   1 
ATOM   647  C CA  . LEU A 1 85 ? 3.622   0.586   5.965   1.00 24.82 ? 197 LEU A CA  1 
ATOM   648  C C   . LEU A 1 85 ? 3.526   1.988   6.636   1.00 22.79 ? 197 LEU A C   1 
ATOM   649  O O   . LEU A 1 85 ? 4.324   2.876   6.305   1.00 25.32 ? 197 LEU A O   1 
ATOM   650  C CB  . LEU A 1 85 ? 2.587   0.453   4.898   1.00 23.28 ? 197 LEU A CB  1 
ATOM   651  C CG  . LEU A 1 85 ? 2.514   1.506   3.826   1.00 24.62 ? 197 LEU A CG  1 
ATOM   652  C CD1 . LEU A 1 85 ? 3.710   1.614   2.877   1.00 28.09 ? 197 LEU A CD1 1 
ATOM   653  C CD2 . LEU A 1 85 ? 1.213   1.245   3.049   1.00 27.71 ? 197 LEU A CD2 1 
ATOM   654  N N   . PHE A 1 86 ? 2.576   2.192   7.458   1.00 22.04 ? 198 PHE A N   1 
ATOM   655  C CA  . PHE A 1 86 ? 2.353   3.541   8.097   1.00 26.13 ? 198 PHE A CA  1 
ATOM   656  C C   . PHE A 1 86 ? 3.293   3.787   9.231   1.00 28.05 ? 198 PHE A C   1 
ATOM   657  O O   . PHE A 1 86 ? 3.476   4.979   9.482   1.00 29.34 ? 198 PHE A O   1 
ATOM   658  C CB  . PHE A 1 86 ? 0.898   3.636   8.464   1.00 25.38 ? 198 PHE A CB  1 
ATOM   659  C CG  . PHE A 1 86 ? -0.024  3.814   7.284   1.00 24.43 ? 198 PHE A CG  1 
ATOM   660  C CD1 . PHE A 1 86 ? -0.683  2.700   6.769   1.00 28.24 ? 198 PHE A CD1 1 
ATOM   661  C CD2 . PHE A 1 86 ? -0.155  4.994   6.624   1.00 25.92 ? 198 PHE A CD2 1 
ATOM   662  C CE1 . PHE A 1 86 ? -1.472  2.846   5.643   1.00 26.65 ? 198 PHE A CE1 1 
ATOM   663  C CE2 . PHE A 1 86 ? -0.921  5.182   5.514   1.00 26.61 ? 198 PHE A CE2 1 
ATOM   664  C CZ  . PHE A 1 86 ? -1.613  4.087   4.995   1.00 24.33 ? 198 PHE A CZ  1 
ATOM   665  N N   . SER A 1 87 ? 4.013   2.739   9.668   1.00 29.98 ? 199 SER A N   1 
ATOM   666  C CA  . SER A 1 87 ? 4.998   3.028   10.725  1.00 32.71 ? 199 SER A CA  1 
ATOM   667  C C   . SER A 1 87 ? 6.386   3.080   10.184  1.00 32.16 ? 199 SER A C   1 
ATOM   668  O O   . SER A 1 87 ? 7.378   3.220   10.934  1.00 37.24 ? 199 SER A O   1 
ATOM   669  C CB  . SER A 1 87 ? 4.817   1.943   11.821  1.00 35.46 ? 199 SER A CB  1 
ATOM   670  O OG  . SER A 1 87 ? 5.435   0.826   11.230  1.00 44.29 ? 199 SER A OG  1 
ATOM   671  N N   . GLY A 1 88 ? 6.604   2.909   8.893   1.00 26.22 ? 200 GLY A N   1 
ATOM   672  C CA  . GLY A 1 88 ? 7.875   3.001   8.248   1.00 29.91 ? 200 GLY A CA  1 
ATOM   673  C C   . GLY A 1 88 ? 8.762   1.806   8.491   1.00 38.21 ? 200 GLY A C   1 
ATOM   674  O O   . GLY A 1 88 ? 9.988   1.904   8.530   1.00 43.66 ? 200 GLY A O   1 
ATOM   675  N N   . LYS A 1 89 ? 8.179   0.622   8.503   1.00 35.17 ? 201 LYS A N   1 
ATOM   676  C CA  . LYS A 1 89 ? 8.966   -0.621  8.608   1.00 39.35 ? 201 LYS A CA  1 
ATOM   677  C C   . LYS A 1 89 ? 9.057   -1.194  7.209   1.00 44.71 ? 201 LYS A C   1 
ATOM   678  O O   . LYS A 1 89 ? 10.115  -1.155  6.551   1.00 49.67 ? 201 LYS A O   1 
ATOM   679  C CB  . LYS A 1 89 ? 8.327   -1.637  9.564   1.00 40.21 ? 201 LYS A CB  1 
ATOM   680  C CG  . LYS A 1 89 ? 8.070   -0.880  10.863  1.00 43.04 ? 201 LYS A CG  1 
ATOM   681  C CD  . LYS A 1 89 ? 7.946   -1.771  12.096  1.00 54.53 ? 201 LYS A CD  1 
ATOM   682  C CE  . LYS A 1 89 ? 8.192   -0.780  13.256  1.00 55.98 ? 201 LYS A CE  1 
ATOM   683  N NZ  . LYS A 1 89 ? 8.976   0.362   12.665  1.00 52.57 ? 201 LYS A NZ  1 
ATOM   684  N N   . HIS A 1 90 ? 7.988   -1.824  6.813   1.00 41.23 ? 202 HIS A N   1 
ATOM   685  C CA  . HIS A 1 90 ? 7.902   -2.430  5.484   1.00 47.90 ? 202 HIS A CA  1 
ATOM   686  C C   . HIS A 1 90 ? 9.100   -2.130  4.627   1.00 53.34 ? 202 HIS A C   1 
ATOM   687  O O   . HIS A 1 90 ? 10.030  -2.962  4.495   1.00 53.27 ? 202 HIS A O   1 
ATOM   688  C CB  . HIS A 1 90 ? 6.607   -1.846  4.831   1.00 38.96 ? 202 HIS A CB  1 
ATOM   689  C CG  . HIS A 1 90 ? 5.712   -2.980  4.451   1.00 56.54 ? 202 HIS A CG  1 
ATOM   690  N ND1 . HIS A 1 90 ? 6.172   -4.040  3.695   1.00 65.67 ? 202 HIS A ND1 1 
ATOM   691  C CD2 . HIS A 1 90 ? 4.420   -3.214  4.757   1.00 31.29 ? 202 HIS A CD2 1 
ATOM   692  C CE1 . HIS A 1 90 ? 5.176   -4.906  3.501   1.00 60.49 ? 202 HIS A CE1 1 
ATOM   693  N NE2 . HIS A 1 90 ? 4.115   -4.422  4.144   1.00 75.99 ? 202 HIS A NE2 1 
ATOM   694  N N   . PHE B 1 1  ? -19.135 2.433   4.898   0.00 39.06 ? 213 PHE B N   1 
ATOM   695  C CA  . PHE B 1 1  ? -18.037 1.630   4.301   1.00 38.41 ? 213 PHE B CA  1 
ATOM   696  C C   . PHE B 1 1  ? -16.928 2.667   4.048   1.00 40.74 ? 213 PHE B C   1 
ATOM   697  O O   . PHE B 1 1  ? -17.183 3.882   3.898   1.00 42.23 ? 213 PHE B O   1 
ATOM   698  C CB  . PHE B 1 1  ? -18.556 1.255   2.797   0.00 34.83 ? 213 PHE B CB  1 
ATOM   699  C CG  . PHE B 1 1  ? -19.536 0.259   2.304   0.00 44.80 ? 213 PHE B CG  1 
ATOM   700  C CD1 . PHE B 1 1  ? -20.813 0.621   1.927   0.00 58.13 ? 213 PHE B CD1 1 
ATOM   701  C CD2 . PHE B 1 1  ? -19.181 -1.075  2.148   0.00 62.44 ? 213 PHE B CD2 1 
ATOM   702  C CE1 . PHE B 1 1  ? -21.717 -0.302  1.445   0.00 56.87 ? 213 PHE B CE1 1 
ATOM   703  C CE2 . PHE B 1 1  ? -20.077 -2.020  1.670   0.00 69.83 ? 213 PHE B CE2 1 
ATOM   704  C CZ  . PHE B 1 1  ? -21.357 -1.635  1.321   0.00 53.63 ? 213 PHE B CZ  1 
ATOM   705  N N   . VAL B 1 2  ? -15.698 2.223   4.059   1.00 28.80 ? 214 VAL B N   1 
ATOM   706  C CA  . VAL B 1 2  ? -14.601 3.155   3.700   1.00 28.19 ? 214 VAL B CA  1 
ATOM   707  C C   . VAL B 1 2  ? -14.687 3.302   2.237   1.00 28.65 ? 214 VAL B C   1 
ATOM   708  O O   . VAL B 1 2  ? -14.634 2.395   1.406   1.00 28.65 ? 214 VAL B O   1 
ATOM   709  C CB  . VAL B 1 2  ? -13.266 2.453   4.017   1.00 22.91 ? 214 VAL B CB  1 
ATOM   710  C CG1 . VAL B 1 2  ? -12.039 3.344   3.611   1.00 26.83 ? 214 VAL B CG1 1 
ATOM   711  C CG2 . VAL B 1 2  ? -13.186 2.326   5.541   1.00 28.94 ? 214 VAL B CG2 1 
ATOM   712  N N   . ASN B 1 3  ? -14.569 4.575   1.742   1.00 29.43 ? 215 ASN B N   1 
ATOM   713  C CA  . ASN B 1 3  ? -14.713 4.774   0.303   1.00 28.01 ? 215 ASN B CA  1 
ATOM   714  C C   . ASN B 1 3  ? -13.329 4.868   -0.357  1.00 26.65 ? 215 ASN B C   1 
ATOM   715  O O   . ASN B 1 3  ? -12.483 5.580   0.200   1.00 27.96 ? 215 ASN B O   1 
ATOM   716  C CB  . ASN B 1 3  ? -15.491 6.106   0.174   1.00 33.11 ? 215 ASN B CB  1 
ATOM   717  C CG  . ASN B 1 3  ? -15.518 6.535   -1.246  1.00 39.12 ? 215 ASN B CG  1 
ATOM   718  O OD1 . ASN B 1 3  ? -16.385 6.022   -1.961  1.00 56.16 ? 215 ASN B OD1 1 
ATOM   719  N ND2 . ASN B 1 3  ? -14.576 7.353   -1.673  1.00 37.49 ? 215 ASN B ND2 1 
ATOM   720  N N   . LYS B 1 4  ? -13.160 4.302   -1.525  1.00 29.82 ? 216 LYS B N   1 
ATOM   721  C CA  . LYS B 1 4  ? -11.904 4.293   -2.215  1.00 29.12 ? 216 LYS B CA  1 
ATOM   722  C C   . LYS B 1 4  ? -11.196 5.637   -2.397  1.00 34.06 ? 216 LYS B C   1 
ATOM   723  O O   . LYS B 1 4  ? -10.048 5.925   -2.052  1.00 33.52 ? 216 LYS B O   1 
ATOM   724  C CB  . LYS B 1 4  ? -11.964 3.568   -3.573  1.00 36.94 ? 216 LYS B CB  1 
ATOM   725  C CG  . LYS B 1 4  ? -10.954 3.973   -4.587  1.00 54.25 ? 216 LYS B CG  1 
ATOM   726  C CD  . LYS B 1 4  ? -11.491 4.064   -6.006  1.00 64.48 ? 216 LYS B CD  1 
ATOM   727  C CE  . LYS B 1 4  ? -10.412 4.706   -6.886  1.00 38.71 ? 216 LYS B CE  1 
ATOM   728  N NZ  . LYS B 1 4  ? -10.447 4.105   -8.260  1.00 58.40 ? 216 LYS B NZ  1 
ATOM   729  N N   . ASP B 1 5  ? -11.968 6.593   -2.905  1.00 30.48 ? 217 ASP B N   1 
ATOM   730  C CA  . ASP B 1 5  ? -11.351 7.936   -3.219  1.00 27.61 ? 217 ASP B CA  1 
ATOM   731  C C   . ASP B 1 5  ? -11.011 8.664   -1.942  1.00 28.01 ? 217 ASP B C   1 
ATOM   732  O O   . ASP B 1 5  ? -9.985  9.387   -1.892  1.00 30.15 ? 217 ASP B O   1 
ATOM   733  C CB  . ASP B 1 5  ? -12.540 8.694   -3.906  1.00 36.86 ? 217 ASP B CB  1 
ATOM   734  C CG  . ASP B 1 5  ? -12.819 8.055   -5.258  1.00 51.98 ? 217 ASP B CG  1 
ATOM   735  O OD1 . ASP B 1 5  ? -11.856 7.794   -6.012  1.00 52.18 ? 217 ASP B OD1 1 
ATOM   736  O OD2 . ASP B 1 5  ? -14.011 7.743   -5.497  1.00 47.67 ? 217 ASP B OD2 1 
ATOM   737  N N   . GLN B 1 6  ? -11.800 8.541   -0.898  1.00 27.01 ? 218 GLN B N   1 
ATOM   738  C CA  . GLN B 1 6  ? -11.588 9.157   0.386   1.00 26.84 ? 218 GLN B CA  1 
ATOM   739  C C   . GLN B 1 6  ? -10.268 8.611   0.999   1.00 27.29 ? 218 GLN B C   1 
ATOM   740  O O   . GLN B 1 6  ? -9.441  9.404   1.400   1.00 23.91 ? 218 GLN B O   1 
ATOM   741  C CB  . GLN B 1 6  ? -12.687 9.129   1.429   1.00 28.38 ? 218 GLN B CB  1 
ATOM   742  C CG  . GLN B 1 6  ? -12.399 9.845   2.734   1.00 28.89 ? 218 GLN B CG  1 
ATOM   743  C CD  . GLN B 1 6  ? -12.212 11.338  2.448   1.00 39.42 ? 218 GLN B CD  1 
ATOM   744  O OE1 . GLN B 1 6  ? -13.072 11.892  1.752   1.00 51.78 ? 218 GLN B OE1 1 
ATOM   745  N NE2 . GLN B 1 6  ? -11.203 12.034  2.919   1.00 38.09 ? 218 GLN B NE2 1 
ATOM   746  N N   . ILE B 1 7  ? -10.165 7.270   1.067   1.00 23.35 ? 219 ILE B N   1 
ATOM   747  C CA  . ILE B 1 7  ? -8.957  6.742   1.720   1.00 22.53 ? 219 ILE B CA  1 
ATOM   748  C C   . ILE B 1 7  ? -7.739  7.066   0.876   1.00 23.20 ? 219 ILE B C   1 
ATOM   749  O O   . ILE B 1 7  ? -6.650  7.328   1.422   1.00 24.75 ? 219 ILE B O   1 
ATOM   750  C CB  . ILE B 1 7  ? -9.104  5.231   1.999   1.00 24.05 ? 219 ILE B CB  1 
ATOM   751  C CG1 . ILE B 1 7  ? -7.935  4.691   2.862   1.00 28.34 ? 219 ILE B CG1 1 
ATOM   752  C CG2 . ILE B 1 7  ? -9.302  4.309   0.811   1.00 23.51 ? 219 ILE B CG2 1 
ATOM   753  C CD1 . ILE B 1 7  ? -7.816  5.489   4.136   1.00 28.70 ? 219 ILE B CD1 1 
ATOM   754  N N   . ALA B 1 8  ? -7.836  7.070   -0.419  1.00 21.26 ? 220 ALA B N   1 
ATOM   755  C CA  . ALA B 1 8  ? -6.700  7.436   -1.248  1.00 23.23 ? 220 ALA B CA  1 
ATOM   756  C C   . ALA B 1 8  ? -6.193  8.839   -0.963  1.00 24.18 ? 220 ALA B C   1 
ATOM   757  O O   . ALA B 1 8  ? -5.015  9.092   -0.861  1.00 23.88 ? 220 ALA B O   1 
ATOM   758  C CB  . ALA B 1 8  ? -6.921  7.172   -2.690  1.00 28.83 ? 220 ALA B CB  1 
ATOM   759  N N   . LYS B 1 9  ? -7.206  9.726   -0.859  1.00 26.11 ? 221 LYS B N   1 
ATOM   760  C CA  . LYS B 1 9  ? -6.859  11.156  -0.572  1.00 26.06 ? 221 LYS B CA  1 
ATOM   761  C C   . LYS B 1 9  ? -6.149  11.269  0.790   1.00 26.41 ? 221 LYS B C   1 
ATOM   762  O O   . LYS B 1 9  ? -5.135  11.994  0.949   1.00 25.25 ? 221 LYS B O   1 
ATOM   763  C CB  . LYS B 1 9  ? -8.226  11.879  -0.503  1.00 23.76 ? 221 LYS B CB  1 
ATOM   764  C CG  . LYS B 1 9  ? -7.950  13.340  -0.041  1.00 32.95 ? 221 LYS B CG  1 
ATOM   765  C CD  . LYS B 1 9  ? -9.167  14.196  -0.339  1.00 54.82 ? 221 LYS B CD  1 
ATOM   766  C CE  . LYS B 1 9  ? -9.065  15.600  0.285   1.00 52.81 ? 221 LYS B CE  1 
ATOM   767  N NZ  . LYS B 1 9  ? -8.070  15.596  1.404   1.00 64.66 ? 221 LYS B NZ  1 
ATOM   768  N N   . ASP B 1 10 ? -6.721  10.578  1.812   1.00 24.33 ? 222 ASP B N   1 
ATOM   769  C CA  . ASP B 1 10 ? -6.129  10.580  3.132   1.00 22.83 ? 222 ASP B CA  1 
ATOM   770  C C   . ASP B 1 10 ? -4.683  10.114  3.140   1.00 24.06 ? 222 ASP B C   1 
ATOM   771  O O   . ASP B 1 10 ? -3.765  10.558  3.857   1.00 25.49 ? 222 ASP B O   1 
ATOM   772  C CB  . ASP B 1 10 ? -6.984  9.734   4.018   1.00 26.43 ? 222 ASP B CB  1 
ATOM   773  C CG  . ASP B 1 10 ? -8.407  10.236  4.305   1.00 38.66 ? 222 ASP B CG  1 
ATOM   774  O OD1 . ASP B 1 10 ? -8.680  11.443  4.018   1.00 35.31 ? 222 ASP B OD1 1 
ATOM   775  O OD2 . ASP B 1 10 ? -9.259  9.435   4.778   1.00 31.82 ? 222 ASP B OD2 1 
ATOM   776  N N   . VAL B 1 11 ? -4.456  8.980   2.323   1.00 22.14 ? 223 VAL B N   1 
ATOM   777  C CA  . VAL B 1 11 ? -3.089  8.425   2.303   1.00 20.33 ? 223 VAL B CA  1 
ATOM   778  C C   . VAL B 1 11 ? -2.125  9.324   1.542   1.00 22.02 ? 223 VAL B C   1 
ATOM   779  O O   . VAL B 1 11 ? -0.984  9.419   1.954   1.00 24.09 ? 223 VAL B O   1 
ATOM   780  C CB  . VAL B 1 11 ? -3.148  6.989   1.580   1.00 20.11 ? 223 VAL B CB  1 
ATOM   781  C CG1 . VAL B 1 11 ? -1.677  6.443   1.518   1.00 20.89 ? 223 VAL B CG1 1 
ATOM   782  C CG2 . VAL B 1 11 ? -3.934  6.161   2.588   1.00 22.50 ? 223 VAL B CG2 1 
ATOM   783  N N   . LYS B 1 12 ? -2.561  9.981   0.456   1.00 24.63 ? 224 LYS B N   1 
ATOM   784  C CA  . LYS B 1 12 ? -1.671  10.946  -0.197  1.00 22.39 ? 224 LYS B CA  1 
ATOM   785  C C   . LYS B 1 12 ? -1.484  12.124  0.772   1.00 22.61 ? 224 LYS B C   1 
ATOM   786  O O   . LYS B 1 12 ? -0.302  12.598  0.747   1.00 25.15 ? 224 LYS B O   1 
ATOM   787  C CB  . LYS B 1 12 ? -2.350  11.457  -1.468  1.00 23.88 ? 224 LYS B CB  1 
ATOM   788  C CG  . LYS B 1 12 ? -2.522  10.331  -2.492  1.00 27.07 ? 224 LYS B CG  1 
ATOM   789  C CD  . LYS B 1 12 ? -3.079  11.102  -3.741  1.00 30.44 ? 224 LYS B CD  1 
ATOM   790  C CE  . LYS B 1 12 ? -3.816  10.143  -4.635  1.00 37.24 ? 224 LYS B CE  1 
ATOM   791  N NZ  . LYS B 1 12 ? -4.918  10.801  -5.467  1.00 36.84 ? 224 LYS B NZ  1 
ATOM   792  N N   . GLN B 1 13 ? -2.427  12.463  1.594   1.00 23.11 ? 225 GLN B N   1 
ATOM   793  C CA  . GLN B 1 13 ? -2.102  13.574  2.526   1.00 25.47 ? 225 GLN B CA  1 
ATOM   794  C C   . GLN B 1 13 ? -1.074  13.238  3.545   1.00 26.73 ? 225 GLN B C   1 
ATOM   795  O O   . GLN B 1 13 ? -0.160  13.965  3.973   1.00 27.89 ? 225 GLN B O   1 
ATOM   796  C CB  . GLN B 1 13 ? -3.405  14.025  3.204   1.00 31.78 ? 225 GLN B CB  1 
ATOM   797  C CG  . GLN B 1 13 ? -3.301  15.223  4.148   1.00 38.01 ? 225 GLN B CG  1 
ATOM   798  C CD  . GLN B 1 13 ? -4.658  15.476  4.817   1.00 52.24 ? 225 GLN B CD  1 
ATOM   799  O OE1 . GLN B 1 13 ? -5.579  14.641  4.976   1.00 39.10 ? 225 GLN B OE1 1 
ATOM   800  N NE2 . GLN B 1 13 ? -4.779  16.743  5.238   1.00 52.36 ? 225 GLN B NE2 1 
ATOM   801  N N   . PHE B 1 14 ? -1.128  11.985  4.076   1.00 26.05 ? 226 PHE B N   1 
ATOM   802  C CA  . PHE B 1 14 ? -0.241  11.376  5.007   1.00 19.95 ? 226 PHE B CA  1 
ATOM   803  C C   . PHE B 1 14 ? 1.130   11.359  4.371   1.00 25.34 ? 226 PHE B C   1 
ATOM   804  O O   . PHE B 1 14 ? 2.171   11.630  5.002   1.00 25.01 ? 226 PHE B O   1 
ATOM   805  C CB  . PHE B 1 14 ? -0.693  9.948   5.412   1.00 23.99 ? 226 PHE B CB  1 
ATOM   806  C CG  . PHE B 1 14 ? 0.320   9.185   6.174   1.00 23.19 ? 226 PHE B CG  1 
ATOM   807  C CD1 . PHE B 1 14 ? 0.356   9.238   7.567   1.00 32.26 ? 226 PHE B CD1 1 
ATOM   808  C CD2 . PHE B 1 14 ? 1.289   8.393   5.558   1.00 24.45 ? 226 PHE B CD2 1 
ATOM   809  C CE1 . PHE B 1 14 ? 1.263   8.546   8.324   1.00 31.82 ? 226 PHE B CE1 1 
ATOM   810  C CE2 . PHE B 1 14 ? 2.230   7.689   6.298   1.00 27.22 ? 226 PHE B CE2 1 
ATOM   811  C CZ  . PHE B 1 14 ? 2.207   7.722   7.678   1.00 31.10 ? 226 PHE B CZ  1 
ATOM   812  N N   . TYR B 1 15 ? 1.209   10.786  3.118   1.00 24.23 ? 227 TYR B N   1 
ATOM   813  C CA  . TYR B 1 15 ? 2.545   10.800  2.453   1.00 23.29 ? 227 TYR B CA  1 
ATOM   814  C C   . TYR B 1 15 ? 3.140   12.202  2.311   1.00 21.71 ? 227 TYR B C   1 
ATOM   815  O O   . TYR B 1 15 ? 4.342   12.394  2.596   1.00 27.93 ? 227 TYR B O   1 
ATOM   816  C CB  . TYR B 1 15 ? 2.350   10.045  1.098   1.00 24.74 ? 227 TYR B CB  1 
ATOM   817  C CG  . TYR B 1 15 ? 3.578   10.226  0.220   1.00 23.08 ? 227 TYR B CG  1 
ATOM   818  C CD1 . TYR B 1 15 ? 4.732   9.429   0.398   1.00 23.12 ? 227 TYR B CD1 1 
ATOM   819  C CD2 . TYR B 1 15 ? 3.673   11.124  -0.793  1.00 23.26 ? 227 TYR B CD2 1 
ATOM   820  C CE1 . TYR B 1 15 ? 5.889   9.560   -0.305  1.00 21.74 ? 227 TYR B CE1 1 
ATOM   821  C CE2 . TYR B 1 15 ? 4.832   11.279  -1.543  1.00 26.24 ? 227 TYR B CE2 1 
ATOM   822  C CZ  . TYR B 1 15 ? 5.948   10.537  -1.283  1.00 23.27 ? 227 TYR B CZ  1 
ATOM   823  O OH  . TYR B 1 15 ? 7.048   10.749  -2.138  1.00 28.41 ? 227 TYR B OH  1 
ATOM   824  N N   . ASP B 1 16 ? 2.327   13.124  1.849   1.00 24.07 ? 228 ASP B N   1 
ATOM   825  C CA  . ASP B 1 16 ? 2.818   14.531  1.656   1.00 26.13 ? 228 ASP B CA  1 
ATOM   826  C C   . ASP B 1 16 ? 3.348   15.115  2.961   1.00 25.40 ? 228 ASP B C   1 
ATOM   827  O O   . ASP B 1 16 ? 4.447   15.713  2.892   1.00 28.30 ? 228 ASP B O   1 
ATOM   828  C CB  . ASP B 1 16 ? 1.728   15.415  1.124   1.00 26.65 ? 228 ASP B CB  1 
ATOM   829  C CG  . ASP B 1 16 ? 1.259   15.078  -0.284  1.00 27.40 ? 228 ASP B CG  1 
ATOM   830  O OD1 . ASP B 1 16 ? 1.970   14.230  -0.904  1.00 28.45 ? 228 ASP B OD1 1 
ATOM   831  O OD2 . ASP B 1 16 ? 0.236   15.669  -0.746  1.00 31.87 ? 228 ASP B OD2 1 
ATOM   832  N N   . GLN B 1 17 ? 2.720   14.833  4.045   1.00 27.81 ? 229 GLN B N   1 
ATOM   833  C CA  . GLN B 1 17 ? 3.187   15.318  5.337   1.00 31.66 ? 229 GLN B CA  1 
ATOM   834  C C   . GLN B 1 17 ? 4.467   14.688  5.775   1.00 30.19 ? 229 GLN B C   1 
ATOM   835  O O   . GLN B 1 17 ? 5.441   15.277  6.219   1.00 30.67 ? 229 GLN B O   1 
ATOM   836  C CB  . GLN B 1 17 ? 2.048   15.145  6.363   1.00 31.73 ? 229 GLN B CB  1 
ATOM   837  C CG  . GLN B 1 17 ? 2.649   15.289  7.772   1.00 40.23 ? 229 GLN B CG  1 
ATOM   838  C CD  . GLN B 1 17 ? 1.589   15.230  8.880   1.00 35.25 ? 229 GLN B CD  1 
ATOM   839  O OE1 . GLN B 1 17 ? 1.550   14.276  9.624   1.00 55.87 ? 229 GLN B OE1 1 
ATOM   840  N NE2 . GLN B 1 17 ? 0.800   16.302  8.844   1.00 50.23 ? 229 GLN B NE2 1 
ATOM   841  N N   . ALA B 1 18 ? 4.687   13.350  5.503   1.00 28.10 ? 230 ALA B N   1 
ATOM   842  C CA  . ALA B 1 18 ? 5.969   12.707  5.849   1.00 24.10 ? 230 ALA B CA  1 
ATOM   843  C C   . ALA B 1 18 ? 7.082   13.243  4.977   1.00 27.94 ? 230 ALA B C   1 
ATOM   844  O O   . ALA B 1 18 ? 8.279   13.352  5.350   1.00 31.55 ? 230 ALA B O   1 
ATOM   845  C CB  . ALA B 1 18 ? 5.803   11.199  5.560   1.00 29.30 ? 230 ALA B CB  1 
ATOM   846  N N   . LEU B 1 19 ? 6.786   13.547  3.698   1.00 23.97 ? 231 LEU B N   1 
ATOM   847  C CA  . LEU B 1 19 ? 7.818   14.045  2.790   1.00 26.83 ? 231 LEU B CA  1 
ATOM   848  C C   . LEU B 1 19 ? 8.304   15.425  3.338   1.00 28.89 ? 231 LEU B C   1 
ATOM   849  O O   . LEU B 1 19 ? 9.519   15.612  3.293   1.00 32.83 ? 231 LEU B O   1 
ATOM   850  C CB  . LEU B 1 19 ? 7.254   14.250  1.431   1.00 33.06 ? 231 LEU B CB  1 
ATOM   851  C CG  . LEU B 1 19 ? 8.002   14.281  0.128   1.00 34.95 ? 231 LEU B CG  1 
ATOM   852  C CD1 . LEU B 1 19 ? 8.872   13.006  -0.023  1.00 37.01 ? 231 LEU B CD1 1 
ATOM   853  C CD2 . LEU B 1 19 ? 6.944   14.170  -0.985  1.00 30.54 ? 231 LEU B CD2 1 
ATOM   854  N N   . GLN B 1 20 ? 7.315   16.220  3.707   1.00 28.34 ? 232 GLN B N   1 
ATOM   855  C CA  . GLN B 1 20 ? 7.615   17.550  4.250   1.00 25.85 ? 232 GLN B CA  1 
ATOM   856  C C   . GLN B 1 20 ? 8.444   17.297  5.481   1.00 32.51 ? 232 GLN B C   1 
ATOM   857  O O   . GLN B 1 20 ? 9.491   17.911  5.684   1.00 35.03 ? 232 GLN B O   1 
ATOM   858  C CB  . GLN B 1 20 ? 6.422   18.463  4.462   1.00 27.31 ? 232 GLN B CB  1 
ATOM   859  C CG  . GLN B 1 20 ? 7.000   19.727  5.200   1.00 39.26 ? 232 GLN B CG  1 
ATOM   860  C CD  . GLN B 1 20 ? 7.735   20.618  4.204   1.00 48.48 ? 232 GLN B CD  1 
ATOM   861  O OE1 . GLN B 1 20 ? 7.165   21.131  3.234   1.00 48.35 ? 232 GLN B OE1 1 
ATOM   862  N NE2 . GLN B 1 20 ? 9.038   20.839  4.425   1.00 63.54 ? 232 GLN B NE2 1 
ATOM   863  N N   . GLN B 1 21 ? 7.986   16.508  6.440   1.00 30.22 ? 233 GLN B N   1 
ATOM   864  C CA  . GLN B 1 21 ? 8.729   16.160  7.614   1.00 31.30 ? 233 GLN B CA  1 
ATOM   865  C C   . GLN B 1 21 ? 10.093  15.602  7.442   1.00 37.96 ? 233 GLN B C   1 
ATOM   866  O O   . GLN B 1 21 ? 11.013  15.974  8.151   1.00 32.91 ? 233 GLN B O   1 
ATOM   867  C CB  . GLN B 1 21 ? 7.918   15.369  8.641   1.00 35.74 ? 233 GLN B CB  1 
ATOM   868  C CG  . GLN B 1 21 ? 6.638   16.042  9.081   1.00 48.14 ? 233 GLN B CG  1 
ATOM   869  C CD  . GLN B 1 21 ? 5.783   15.110  9.956   1.00 60.95 ? 233 GLN B CD  1 
ATOM   870  O OE1 . GLN B 1 21 ? 6.099   13.946  10.216  1.00 55.12 ? 233 GLN B OE1 1 
ATOM   871  N NE2 . GLN B 1 21 ? 4.646   15.623  10.435  1.00 53.03 ? 233 GLN B NE2 1 
ATOM   872  N N   . ALA B 1 22 ? 10.334  14.680  6.497   1.00 33.85 ? 234 ALA B N   1 
ATOM   873  C CA  . ALA B 1 22 ? 11.633  14.075  6.254   1.00 30.65 ? 234 ALA B CA  1 
ATOM   874  C C   . ALA B 1 22 ? 12.709  15.074  5.809   1.00 37.42 ? 234 ALA B C   1 
ATOM   875  O O   . ALA B 1 22 ? 13.877  14.703  5.816   1.00 40.95 ? 234 ALA B O   1 
ATOM   876  C CB  . ALA B 1 22 ? 11.543  13.128  5.056   1.00 37.79 ? 234 ALA B CB  1 
ATOM   877  N N   . VAL B 1 23 ? 12.300  16.176  5.259   1.00 34.25 ? 235 VAL B N   1 
ATOM   878  C CA  . VAL B 1 23 ? 13.258  17.122  4.673   1.00 46.72 ? 235 VAL B CA  1 
ATOM   879  C C   . VAL B 1 23 ? 13.963  17.931  5.735   1.00 47.75 ? 235 VAL B C   1 
ATOM   880  O O   . VAL B 1 23 ? 15.153  18.161  5.639   1.00 42.71 ? 235 VAL B O   1 
ATOM   881  C CB  . VAL B 1 23 ? 12.540  18.073  3.695   1.00 46.39 ? 235 VAL B CB  1 
ATOM   882  C CG1 . VAL B 1 23 ? 13.143  19.444  3.731   1.00 55.69 ? 235 VAL B CG1 1 
ATOM   883  C CG2 . VAL B 1 23 ? 12.341  17.387  2.375   1.00 52.76 ? 235 VAL B CG2 1 
ATOM   884  N N   . VAL B 1 24 ? 13.279  18.184  6.823   1.00 55.00 ? 236 VAL B N   1 
ATOM   885  C CA  . VAL B 1 24 ? 13.779  18.934  7.957   1.00 63.72 ? 236 VAL B CA  1 
ATOM   886  C C   . VAL B 1 24 ? 14.529  18.087  8.972   1.00 65.71 ? 236 VAL B C   1 
ATOM   887  O O   . VAL B 1 24 ? 14.634  16.867  8.913   1.00 67.29 ? 236 VAL B O   1 
ATOM   888  C CB  . VAL B 1 24 ? 12.567  19.561  8.689   1.00 64.32 ? 236 VAL B CB  1 
ATOM   889  C CG1 . VAL B 1 24 ? 11.321  19.575  7.816   1.00 58.65 ? 236 VAL B CG1 1 
ATOM   890  C CG2 . VAL B 1 24 ? 12.328  18.770  9.966   1.00 55.88 ? 236 VAL B CG2 1 
ATOM   891  N N   . ASP B 1 25 ? 15.087  18.756  9.973   1.00 69.34 ? 237 ASP B N   1 
ATOM   892  C CA  . ASP B 1 25 ? 15.821  18.156  11.063  1.00 70.85 ? 237 ASP B CA  1 
ATOM   893  C C   . ASP B 1 25 ? 16.575  16.883  10.737  1.00 70.40 ? 237 ASP B C   1 
ATOM   894  O O   . ASP B 1 25 ? 16.878  16.692  9.533   1.00 72.42 ? 237 ASP B O   1 
ATOM   895  C CB  . ASP B 1 25 ? 14.897  17.948  12.266  1.00 74.85 ? 237 ASP B CB  1 
ATOM   896  C CG  . ASP B 1 25 ? 15.090  19.010  13.334  1.00 77.81 ? 237 ASP B CG  1 
ATOM   897  O OD1 . ASP B 1 25 ? 15.971  19.885  13.171  1.00 73.42 ? 237 ASP B OD1 1 
ATOM   898  O OD2 . ASP B 1 25 ? 14.353  18.944  14.345  1.00 73.26 ? 237 ASP B OD2 1 
ATOM   899  N N   . ASN B 1 30 ? 10.753  9.902   12.701  1.00 39.18 ? 242 ASN B N   1 
ATOM   900  C CA  . ASN B 1 30 ? 10.275  8.821   11.837  1.00 44.04 ? 242 ASN B CA  1 
ATOM   901  C C   . ASN B 1 30 ? 9.943   9.063   10.387  1.00 40.11 ? 242 ASN B C   1 
ATOM   902  O O   . ASN B 1 30 ? 9.825   8.033   9.664   1.00 39.92 ? 242 ASN B O   1 
ATOM   903  C CB  . ASN B 1 30 ? 9.179   8.008   12.529  1.00 53.02 ? 242 ASN B CB  1 
ATOM   904  C CG  . ASN B 1 30 ? 9.437   6.546   12.214  1.00 52.89 ? 242 ASN B CG  1 
ATOM   905  O OD1 . ASN B 1 30 ? 10.412  5.964   12.674  1.00 74.32 ? 242 ASN B OD1 1 
ATOM   906  N ND2 . ASN B 1 30 ? 8.572   5.967   11.411  1.00 60.76 ? 242 ASN B ND2 1 
ATOM   907  N N   . ALA B 1 31 ? 9.863   10.322  9.944   1.00 36.30 ? 243 ALA B N   1 
ATOM   908  C CA  . ALA B 1 31 ? 9.499   10.647  8.600   1.00 33.91 ? 243 ALA B CA  1 
ATOM   909  C C   . ALA B 1 31 ? 10.446  10.117  7.534   1.00 37.82 ? 243 ALA B C   1 
ATOM   910  O O   . ALA B 1 31 ? 9.923   9.641   6.502   1.00 33.56 ? 243 ALA B O   1 
ATOM   911  C CB  . ALA B 1 31 ? 9.245   12.163  8.410   1.00 32.40 ? 243 ALA B CB  1 
ATOM   912  N N   . LYS B 1 32 ? 11.772  10.087  7.779   1.00 31.44 ? 244 LYS B N   1 
ATOM   913  C CA  . LYS B 1 32 ? 12.618  9.557   6.732   1.00 35.82 ? 244 LYS B CA  1 
ATOM   914  C C   . LYS B 1 32 ? 12.244  8.102   6.471   1.00 30.55 ? 244 LYS B C   1 
ATOM   915  O O   . LYS B 1 32 ? 12.236  7.654   5.309   1.00 38.19 ? 244 LYS B O   1 
ATOM   916  C CB  . LYS B 1 32 ? 14.113  9.790   6.962   1.00 39.68 ? 244 LYS B CB  1 
ATOM   917  C CG  . LYS B 1 32 ? 14.429  11.302  7.021   1.00 48.03 ? 244 LYS B CG  1 
ATOM   918  C CD  . LYS B 1 32 ? 15.896  11.570  6.725   1.00 61.93 ? 244 LYS B CD  1 
ATOM   919  C CE  . LYS B 1 32 ? 16.304  13.048  6.738   1.00 44.53 ? 244 LYS B CE  1 
ATOM   920  N NZ  . LYS B 1 32 ? 15.672  13.748  7.899   1.00 47.52 ? 244 LYS B NZ  1 
ATOM   921  N N   . ALA B 1 33 ? 12.126  7.305   7.520   1.00 36.14 ? 245 ALA B N   1 
ATOM   922  C CA  . ALA B 1 33 ? 11.775  5.901   7.347   1.00 35.51 ? 245 ALA B CA  1 
ATOM   923  C C   . ALA B 1 33 ? 10.387  5.676   6.731   1.00 32.87 ? 245 ALA B C   1 
ATOM   924  O O   . ALA B 1 33 ? 10.328  4.785   5.845   1.00 30.07 ? 245 ALA B O   1 
ATOM   925  C CB  . ALA B 1 33 ? 12.006  5.007   8.541   1.00 37.71 ? 245 ALA B CB  1 
ATOM   926  N N   . VAL B 1 34 ? 9.445   6.554   7.071   1.00 34.22 ? 246 VAL B N   1 
ATOM   927  C CA  . VAL B 1 34 ? 8.118   6.342   6.428   1.00 29.25 ? 246 VAL B CA  1 
ATOM   928  C C   . VAL B 1 34 ? 8.224   6.631   4.960   1.00 30.43 ? 246 VAL B C   1 
ATOM   929  O O   . VAL B 1 34 ? 7.733   5.940   4.043   1.00 29.85 ? 246 VAL B O   1 
ATOM   930  C CB  . VAL B 1 34 ? 7.084   7.255   7.056   1.00 29.35 ? 246 VAL B CB  1 
ATOM   931  C CG1 . VAL B 1 34 ? 5.873   7.560   6.175   1.00 29.84 ? 246 VAL B CG1 1 
ATOM   932  C CG2 . VAL B 1 34 ? 6.672   6.972   8.483   1.00 34.46 ? 246 VAL B CG2 1 
ATOM   933  N N   . VAL B 1 35 ? 8.930   7.744   4.604   1.00 28.21 ? 247 VAL B N   1 
ATOM   934  C CA  . VAL B 1 35 ? 9.147   8.063   3.185   1.00 26.35 ? 247 VAL B CA  1 
ATOM   935  C C   . VAL B 1 35 ? 9.874   6.936   2.458   1.00 28.87 ? 247 VAL B C   1 
ATOM   936  O O   . VAL B 1 35 ? 9.476   6.533   1.361   1.00 26.97 ? 247 VAL B O   1 
ATOM   937  C CB  . VAL B 1 35 ? 10.041  9.371   3.075   1.00 32.02 ? 247 VAL B CB  1 
ATOM   938  C CG1 . VAL B 1 35 ? 10.503  9.530   1.628   1.00 28.64 ? 247 VAL B CG1 1 
ATOM   939  C CG2 . VAL B 1 35 ? 9.056   10.513  3.387   1.00 38.44 ? 247 VAL B CG2 1 
ATOM   940  N N   . LYS B 1 36 ? 10.952  6.408   3.038   1.00 25.72 ? 248 LYS B N   1 
ATOM   941  C CA  . LYS B 1 36 ? 11.656  5.336   2.342   1.00 28.85 ? 248 LYS B CA  1 
ATOM   942  C C   . LYS B 1 36 ? 10.789  4.084   2.163   1.00 27.54 ? 248 LYS B C   1 
ATOM   943  O O   . LYS B 1 36 ? 10.883  3.501   1.085   1.00 27.13 ? 248 LYS B O   1 
ATOM   944  C CB  . LYS B 1 36 ? 12.918  4.917   3.115   1.00 42.84 ? 248 LYS B CB  1 
ATOM   945  C CG  . LYS B 1 36 ? 13.631  3.778   2.355   1.00 58.35 ? 248 LYS B CG  1 
ATOM   946  C CD  . LYS B 1 36 ? 14.447  2.906   3.299   1.00 54.75 ? 248 LYS B CD  1 
ATOM   947  C CE  . LYS B 1 36 ? 15.612  2.210   2.610   1.00 59.22 ? 248 LYS B CE  1 
ATOM   948  N NZ  . LYS B 1 36 ? 16.656  3.218   2.243   1.00 69.89 ? 248 LYS B NZ  1 
ATOM   949  N N   . THR B 1 37 ? 9.972   3.786   3.148   1.00 28.19 ? 249 THR B N   1 
ATOM   950  C CA  . THR B 1 37 ? 9.054   2.645   3.089   1.00 25.54 ? 249 THR B CA  1 
ATOM   951  C C   . THR B 1 37 ? 8.058   2.877   2.018   1.00 22.00 ? 249 THR B C   1 
ATOM   952  O O   . THR B 1 37 ? 7.796   1.917   1.261   1.00 26.72 ? 249 THR B O   1 
ATOM   953  C CB  . THR B 1 37 ? 8.357   2.558   4.474   1.00 32.90 ? 249 THR B CB  1 
ATOM   954  O OG1 . THR B 1 37 ? 9.362   1.978   5.347   1.00 34.27 ? 249 THR B OG1 1 
ATOM   955  C CG2 . THR B 1 37 ? 7.277   1.442   4.383   1.00 28.18 ? 249 THR B CG2 1 
ATOM   956  N N   . PHE B 1 38 ? 7.443   4.018   1.901   1.00 24.03 ? 250 PHE B N   1 
ATOM   957  C CA  . PHE B 1 38 ? 6.544   4.264   0.778   1.00 22.07 ? 250 PHE B CA  1 
ATOM   958  C C   . PHE B 1 38 ? 7.219   4.101   -0.554  1.00 24.13 ? 250 PHE B C   1 
ATOM   959  O O   . PHE B 1 38 ? 6.672   3.491   -1.505  1.00 23.95 ? 250 PHE B O   1 
ATOM   960  C CB  . PHE B 1 38 ? 5.802   5.605   0.953   1.00 24.35 ? 250 PHE B CB  1 
ATOM   961  C CG  . PHE B 1 38 ? 4.553   5.554   1.748   1.00 20.35 ? 250 PHE B CG  1 
ATOM   962  C CD1 . PHE B 1 38 ? 4.557   5.175   3.076   1.00 27.04 ? 250 PHE B CD1 1 
ATOM   963  C CD2 . PHE B 1 38 ? 3.356   5.906   1.110   1.00 24.67 ? 250 PHE B CD2 1 
ATOM   964  C CE1 . PHE B 1 38 ? 3.340   5.107   3.763   1.00 26.35 ? 250 PHE B CE1 1 
ATOM   965  C CE2 . PHE B 1 38 ? 2.155   5.795   1.814   1.00 27.07 ? 250 PHE B CE2 1 
ATOM   966  C CZ  . PHE B 1 38 ? 2.154   5.483   3.139   1.00 25.85 ? 250 PHE B CZ  1 
ATOM   967  N N   . HIS B 1 39 ? 8.399   4.733   -0.686  1.00 23.26 ? 251 HIS B N   1 
ATOM   968  C CA  . HIS B 1 39 ? 9.082   4.693   -2.003  1.00 24.35 ? 251 HIS B CA  1 
ATOM   969  C C   . HIS B 1 39 ? 9.400   3.283   -2.387  1.00 20.70 ? 251 HIS B C   1 
ATOM   970  O O   . HIS B 1 39 ? 9.183   2.907   -3.522  1.00 27.98 ? 251 HIS B O   1 
ATOM   971  C CB  . HIS B 1 39 ? 10.324  5.553   -1.953  1.00 28.47 ? 251 HIS B CB  1 
ATOM   972  C CG  . HIS B 1 39 ? 9.959   6.998   -1.830  1.00 22.44 ? 251 HIS B CG  1 
ATOM   973  N ND1 . HIS B 1 39 ? 10.873  7.958   -1.534  1.00 27.96 ? 251 HIS B ND1 1 
ATOM   974  C CD2 . HIS B 1 39 ? 8.750   7.597   -2.007  1.00 20.58 ? 251 HIS B CD2 1 
ATOM   975  C CE1 . HIS B 1 39 ? 10.214  9.106   -1.515  1.00 24.43 ? 251 HIS B CE1 1 
ATOM   976  N NE2 . HIS B 1 39 ? 8.934   8.986   -1.752  1.00 22.99 ? 251 HIS B NE2 1 
ATOM   977  N N   . GLU B 1 40 ? 9.925   2.513   -1.452  1.00 25.24 ? 252 GLU B N   1 
ATOM   978  C CA  . GLU B 1 40 ? 10.311  1.119   -1.779  1.00 28.83 ? 252 GLU B CA  1 
ATOM   979  C C   . GLU B 1 40 ? 9.096   0.240   -1.967  1.00 24.84 ? 252 GLU B C   1 
ATOM   980  O O   . GLU B 1 40 ? 9.107   -0.548  -2.961  1.00 28.08 ? 252 GLU B O   1 
ATOM   981  C CB  . GLU B 1 40 ? 10.999  0.583   -0.506  1.00 33.80 ? 252 GLU B CB  1 
ATOM   982  C CG  . GLU B 1 40 ? 12.490  0.946   -0.589  1.00 51.18 ? 252 GLU B CG  1 
ATOM   983  C CD  . GLU B 1 40 ? 13.128  -0.032  -1.564  1.00 62.22 ? 252 GLU B CD  1 
ATOM   984  O OE1 . GLU B 1 40 ? 12.457  -1.066  -1.772  1.00 75.33 ? 252 GLU B OE1 1 
ATOM   985  O OE2 . GLU B 1 40 ? 14.229  0.242   -2.075  1.00 81.41 ? 252 GLU B OE2 1 
ATOM   986  N N   . THR B 1 41 ? 8.018   0.443   -1.191  1.00 24.38 ? 253 THR B N   1 
ATOM   987  C CA  . THR B 1 41 ? 6.844   -0.399  -1.360  1.00 25.28 ? 253 THR B CA  1 
ATOM   988  C C   . THR B 1 41 ? 6.113   -0.117  -2.632  1.00 26.73 ? 253 THR B C   1 
ATOM   989  O O   . THR B 1 41 ? 5.609   -1.065  -3.279  1.00 26.95 ? 253 THR B O   1 
ATOM   990  C CB  . THR B 1 41 ? 5.897   -0.171  -0.145  1.00 30.77 ? 253 THR B CB  1 
ATOM   991  O OG1 . THR B 1 41 ? 6.658   -0.657  0.982   1.00 30.13 ? 253 THR B OG1 1 
ATOM   992  C CG2 . THR B 1 41 ? 4.738   -1.171  -0.246  1.00 29.29 ? 253 THR B CG2 1 
ATOM   993  N N   . LEU B 1 42 ? 5.984   1.157   -2.997  1.00 25.61 ? 254 LEU B N   1 
ATOM   994  C CA  . LEU B 1 42 ? 5.148   1.538   -4.138  1.00 26.00 ? 254 LEU B CA  1 
ATOM   995  C C   . LEU B 1 42 ? 5.932   1.764   -5.406  1.00 22.88 ? 254 LEU B C   1 
ATOM   996  O O   . LEU B 1 42 ? 5.358   1.980   -6.445  1.00 30.40 ? 254 LEU B O   1 
ATOM   997  C CB  . LEU B 1 42 ? 4.256   2.788   -3.839  1.00 26.38 ? 254 LEU B CB  1 
ATOM   998  C CG  . LEU B 1 42 ? 3.452   2.828   -2.554  1.00 28.75 ? 254 LEU B CG  1 
ATOM   999  C CD1 . LEU B 1 42 ? 2.918   4.201   -2.161  1.00 26.49 ? 254 LEU B CD1 1 
ATOM   1000 C CD2 . LEU B 1 42 ? 2.343   1.747   -2.630  1.00 31.20 ? 254 LEU B CD2 1 
ATOM   1001 N N   . ASP B 1 43 ? 7.275   1.766   -5.311  1.00 26.40 ? 255 ASP B N   1 
ATOM   1002 C CA  . ASP B 1 43 ? 8.192   1.902   -6.429  1.00 29.10 ? 255 ASP B CA  1 
ATOM   1003 C C   . ASP B 1 43 ? 7.976   3.242   -7.107  1.00 26.00 ? 255 ASP B C   1 
ATOM   1004 O O   . ASP B 1 43 ? 7.615   3.510   -8.260  1.00 30.49 ? 255 ASP B O   1 
ATOM   1005 C CB  . ASP B 1 43 ? 7.764   0.874   -7.579  1.00 27.91 ? 255 ASP B CB  1 
ATOM   1006 C CG  . ASP B 1 43 ? 8.993   0.575   -8.401  1.00 39.98 ? 255 ASP B CG  1 
ATOM   1007 O OD1 . ASP B 1 43 ? 10.084  0.518   -7.788  1.00 40.21 ? 255 ASP B OD1 1 
ATOM   1008 O OD2 . ASP B 1 43 ? 8.838   0.352   -9.627  1.00 52.19 ? 255 ASP B OD2 1 
ATOM   1009 N N   . CYS B 1 44 ? 8.198   4.266   -6.183  1.00 23.36 ? 256 CYS B N   1 
ATOM   1010 C CA  . CYS B 1 44 ? 8.137   5.682   -6.664  1.00 23.75 ? 256 CYS B CA  1 
ATOM   1011 C C   . CYS B 1 44 ? 9.058   6.526   -5.768  1.00 23.79 ? 256 CYS B C   1 
ATOM   1012 O O   . CYS B 1 44 ? 9.830   6.063   -4.888  1.00 25.84 ? 256 CYS B O   1 
ATOM   1013 C CB  . CYS B 1 44 ? 6.710   6.232   -6.417  1.00 27.39 ? 256 CYS B CB  1 
ATOM   1014 S SG  . CYS B 1 44 ? 6.113   6.153   -4.713  1.00 25.46 ? 256 CYS B SG  1 
ATOM   1015 N N   . CYS B 1 45 ? 9.069   7.828   -6.160  1.00 23.91 ? 257 CYS B N   1 
ATOM   1016 C CA  . CYS B 1 45 ? 9.973   8.750   -5.464  1.00 23.10 ? 257 CYS B CA  1 
ATOM   1017 C C   . CYS B 1 45 ? 9.300   10.148  -5.574  1.00 24.58 ? 257 CYS B C   1 
ATOM   1018 O O   . CYS B 1 45 ? 9.181   10.716  -6.653  1.00 35.32 ? 257 CYS B O   1 
ATOM   1019 C CB  . CYS B 1 45 ? 11.348  8.738   -6.178  1.00 24.93 ? 257 CYS B CB  1 
ATOM   1020 S SG  . CYS B 1 45 ? 12.438  9.968   -5.469  1.00 38.86 ? 257 CYS B SG  1 
ATOM   1021 N N   . GLY B 1 46 ? 8.741   10.703  -4.505  1.00 28.29 ? 258 GLY B N   1 
ATOM   1022 C CA  . GLY B 1 46 ? 8.170   11.980  -4.524  1.00 29.82 ? 258 GLY B CA  1 
ATOM   1023 C C   . GLY B 1 46 ? 6.855   12.147  -5.292  1.00 28.11 ? 258 GLY B C   1 
ATOM   1024 O O   . GLY B 1 46 ? 6.051   11.269  -5.615  1.00 27.13 ? 258 GLY B O   1 
ATOM   1025 N N   . SER B 1 47 ? 6.594   13.470  -5.504  1.00 23.81 ? 259 SER B N   1 
ATOM   1026 C CA  . SER B 1 47 ? 5.303   13.852  -6.044  1.00 24.67 ? 259 SER B CA  1 
ATOM   1027 C C   . SER B 1 47 ? 5.493   14.936  -7.088  1.00 23.57 ? 259 SER B C   1 
ATOM   1028 O O   . SER B 1 47 ? 6.120   15.958  -6.693  1.00 25.69 ? 259 SER B O   1 
ATOM   1029 C CB  . SER B 1 47 ? 4.375   14.346  -4.906  1.00 25.07 ? 259 SER B CB  1 
ATOM   1030 O OG  . SER B 1 47 ? 3.116   14.750  -5.522  1.00 25.11 ? 259 SER B OG  1 
ATOM   1031 N N   . SER B 1 48 ? 4.762   14.953  -8.164  1.00 23.52 ? 260 SER B N   1 
ATOM   1032 C CA  . SER B 1 48 ? 4.748   16.087  -9.086  1.00 26.60 ? 260 SER B CA  1 
ATOM   1033 C C   . SER B 1 48 ? 4.204   17.385  -8.412  1.00 30.13 ? 260 SER B C   1 
ATOM   1034 O O   . SER B 1 48 ? 4.550   18.436  -8.917  1.00 31.35 ? 260 SER B O   1 
ATOM   1035 C CB  . SER B 1 48 ? 3.733   15.812  -10.183 1.00 27.65 ? 260 SER B CB  1 
ATOM   1036 O OG  . SER B 1 48 ? 4.282   14.721  -10.946 1.00 28.41 ? 260 SER B OG  1 
ATOM   1037 N N   . THR B 1 49 ? 3.458   17.291  -7.334  1.00 26.25 ? 261 THR B N   1 
ATOM   1038 C CA  . THR B 1 49 ? 2.882   18.467  -6.659  1.00 26.86 ? 261 THR B CA  1 
ATOM   1039 C C   . THR B 1 49 ? 3.895   19.078  -5.723  1.00 28.21 ? 261 THR B C   1 
ATOM   1040 O O   . THR B 1 49 ? 3.609   20.177  -5.143  1.00 31.07 ? 261 THR B O   1 
ATOM   1041 C CB  . THR B 1 49 ? 1.616   18.052  -5.849  1.00 34.63 ? 261 THR B CB  1 
ATOM   1042 O OG1 . THR B 1 49 ? 1.877   17.107  -4.803  1.00 27.58 ? 261 THR B OG1 1 
ATOM   1043 C CG2 . THR B 1 49 ? 0.562   17.539  -6.790  1.00 32.42 ? 261 THR B CG2 1 
ATOM   1044 N N   . LEU B 1 50 ? 4.999   18.410  -5.428  1.00 24.65 ? 262 LEU B N   1 
ATOM   1045 C CA  . LEU B 1 50 ? 5.960   18.809  -4.442  1.00 26.11 ? 262 LEU B CA  1 
ATOM   1046 C C   . LEU B 1 50 ? 7.365   18.677  -5.004  1.00 23.05 ? 262 LEU B C   1 
ATOM   1047 O O   . LEU B 1 50 ? 8.122   17.874  -4.517  1.00 26.64 ? 262 LEU B O   1 
ATOM   1048 C CB  . LEU B 1 50 ? 5.885   18.055  -3.067  1.00 28.16 ? 262 LEU B CB  1 
ATOM   1049 C CG  . LEU B 1 50 ? 4.534   18.320  -2.399  1.00 26.71 ? 262 LEU B CG  1 
ATOM   1050 C CD1 . LEU B 1 50 ? 4.154   17.309  -1.371  1.00 30.36 ? 262 LEU B CD1 1 
ATOM   1051 C CD2 . LEU B 1 50 ? 4.568   19.706  -1.658  1.00 28.82 ? 262 LEU B CD2 1 
ATOM   1052 N N   . THR B 1 51 ? 7.619   19.403  -6.076  1.00 26.37 ? 263 THR B N   1 
ATOM   1053 C CA  . THR B 1 51 ? 8.953   19.252  -6.717  1.00 28.15 ? 263 THR B CA  1 
ATOM   1054 C C   . THR B 1 51 ? 10.183  19.524  -5.911  1.00 26.08 ? 263 THR B C   1 
ATOM   1055 O O   . THR B 1 51 ? 11.174  18.779  -5.907  1.00 29.18 ? 263 THR B O   1 
ATOM   1056 C CB  . THR B 1 51 ? 9.046   19.949  -8.098  1.00 26.13 ? 263 THR B CB  1 
ATOM   1057 O OG1 . THR B 1 51 ? 8.710   21.314  -7.839  1.00 30.06 ? 263 THR B OG1 1 
ATOM   1058 C CG2 . THR B 1 51 ? 7.915   19.402  -8.975  1.00 27.31 ? 263 THR B CG2 1 
ATOM   1059 N N   . ALA B 1 52 ? 10.131  20.623  -5.061  1.00 26.65 ? 264 ALA B N   1 
ATOM   1060 C CA  . ALA B 1 52 ? 11.282  20.823  -4.209  1.00 28.62 ? 264 ALA B CA  1 
ATOM   1061 C C   . ALA B 1 52 ? 11.545  19.728  -3.188  1.00 30.46 ? 264 ALA B C   1 
ATOM   1062 O O   . ALA B 1 52 ? 12.697  19.370  -2.880  1.00 27.48 ? 264 ALA B O   1 
ATOM   1063 C CB  . ALA B 1 52 ? 11.030  22.153  -3.449  1.00 37.44 ? 264 ALA B CB  1 
ATOM   1064 N N   . LEU B 1 53 ? 10.435  19.234  -2.540  1.00 26.43 ? 265 LEU B N   1 
ATOM   1065 C CA  . LEU B 1 53 ? 10.686  18.135  -1.587  1.00 24.79 ? 265 LEU B CA  1 
ATOM   1066 C C   . LEU B 1 53 ? 11.153  16.848  -2.252  1.00 22.99 ? 265 LEU B C   1 
ATOM   1067 O O   . LEU B 1 53 ? 11.991  16.164  -1.687  1.00 27.18 ? 265 LEU B O   1 
ATOM   1068 C CB  . LEU B 1 53 ? 9.364   17.768  -0.836  1.00 28.63 ? 265 LEU B CB  1 
ATOM   1069 C CG  . LEU B 1 53 ? 8.864   18.994  -0.040  1.00 30.02 ? 265 LEU B CG  1 
ATOM   1070 C CD1 . LEU B 1 53 ? 7.563   18.552  0.565   1.00 33.74 ? 265 LEU B CD1 1 
ATOM   1071 C CD2 . LEU B 1 53 ? 9.885   19.238  1.074   1.00 29.11 ? 265 LEU B CD2 1 
ATOM   1072 N N   . THR B 1 54 ? 10.746  16.747  -3.540  1.00 25.60 ? 266 THR B N   1 
ATOM   1073 C CA  . THR B 1 54 ? 11.263  15.566  -4.286  1.00 21.94 ? 266 THR B CA  1 
ATOM   1074 C C   . THR B 1 54 ? 12.795  15.754  -4.545  1.00 22.37 ? 266 THR B C   1 
ATOM   1075 O O   . THR B 1 54 ? 13.514  14.790  -4.435  1.00 28.65 ? 266 THR B O   1 
ATOM   1076 C CB  . THR B 1 54 ? 10.508  15.471  -5.632  1.00 23.32 ? 266 THR B CB  1 
ATOM   1077 O OG1 . THR B 1 54 ? 9.106   15.266  -5.287  1.00 25.53 ? 266 THR B OG1 1 
ATOM   1078 C CG2 . THR B 1 54 ? 10.950  14.253  -6.485  1.00 23.80 ? 266 THR B CG2 1 
ATOM   1079 N N   . THR B 1 55 ? 13.160  16.998  -4.871  1.00 25.88 ? 267 THR B N   1 
ATOM   1080 C CA  . THR B 1 55 ? 14.632  17.179  -5.060  1.00 25.86 ? 267 THR B CA  1 
ATOM   1081 C C   . THR B 1 55 ? 15.334  16.764  -3.759  1.00 28.07 ? 267 THR B C   1 
ATOM   1082 O O   . THR B 1 55 ? 16.319  16.082  -3.766  1.00 29.20 ? 267 THR B O   1 
ATOM   1083 C CB  . THR B 1 55 ? 14.852  18.641  -5.384  1.00 28.82 ? 267 THR B CB  1 
ATOM   1084 O OG1 . THR B 1 55 ? 14.214  19.028  -6.585  1.00 28.97 ? 267 THR B OG1 1 
ATOM   1085 C CG2 . THR B 1 55 ? 16.375  18.955  -5.423  1.00 28.36 ? 267 THR B CG2 1 
ATOM   1086 N N   . SER B 1 56 ? 14.755  17.183  -2.608  1.00 27.77 ? 268 SER B N   1 
ATOM   1087 C CA  . SER B 1 56 ? 15.400  16.821  -1.332  1.00 25.14 ? 268 SER B CA  1 
ATOM   1088 C C   . SER B 1 56 ? 15.537  15.369  -1.070  1.00 30.63 ? 268 SER B C   1 
ATOM   1089 O O   . SER B 1 56 ? 16.580  14.741  -0.750  1.00 33.42 ? 268 SER B O   1 
ATOM   1090 C CB  . SER B 1 56 ? 14.845  17.845  -0.306  1.00 32.82 ? 268 SER B CB  1 
ATOM   1091 O OG  . SER B 1 56 ? 15.254  17.347  0.971   1.00 44.95 ? 268 SER B OG  1 
ATOM   1092 N N   . VAL B 1 57 ? 14.409  14.626  -1.362  1.00 27.41 ? 269 VAL B N   1 
ATOM   1093 C CA  . VAL B 1 57 ? 14.534  13.182  -1.198  1.00 35.06 ? 269 VAL B CA  1 
ATOM   1094 C C   . VAL B 1 57 ? 15.559  12.582  -2.148  1.00 30.74 ? 269 VAL B C   1 
ATOM   1095 O O   . VAL B 1 57 ? 16.193  11.636  -1.622  1.00 33.39 ? 269 VAL B O   1 
ATOM   1096 C CB  . VAL B 1 57 ? 13.187  12.514  -1.032  1.00 38.56 ? 269 VAL B CB  1 
ATOM   1097 C CG1 . VAL B 1 57 ? 12.567  12.935  0.301   1.00 46.61 ? 269 VAL B CG1 1 
ATOM   1098 C CG2 . VAL B 1 57 ? 12.251  12.692  -2.194  1.00 45.95 ? 269 VAL B CG2 1 
ATOM   1099 N N   . LEU B 1 58 ? 15.735  13.095  -3.378  1.00 28.46 ? 270 LEU B N   1 
ATOM   1100 C CA  . LEU B 1 58 ? 16.784  12.447  -4.192  1.00 30.42 ? 270 LEU B CA  1 
ATOM   1101 C C   . LEU B 1 58 ? 18.138  12.851  -3.629  1.00 33.09 ? 270 LEU B C   1 
ATOM   1102 O O   . LEU B 1 58 ? 19.046  12.024  -3.692  1.00 49.14 ? 270 LEU B O   1 
ATOM   1103 C CB  . LEU B 1 58 ? 16.748  13.069  -5.626  1.00 36.39 ? 270 LEU B CB  1 
ATOM   1104 C CG  . LEU B 1 58 ? 15.487  12.563  -6.349  1.00 33.94 ? 270 LEU B CG  1 
ATOM   1105 C CD1 . LEU B 1 58 ? 15.265  13.413  -7.609  1.00 42.38 ? 270 LEU B CD1 1 
ATOM   1106 C CD2 . LEU B 1 58 ? 15.759  11.139  -6.773  1.00 35.66 ? 270 LEU B CD2 1 
ATOM   1107 N N   . LYS B 1 59 ? 18.283  14.020  -3.096  1.00 33.63 ? 271 LYS B N   1 
ATOM   1108 C CA  . LYS B 1 59 ? 19.604  14.463  -2.600  1.00 41.91 ? 271 LYS B CA  1 
ATOM   1109 C C   . LYS B 1 59 ? 19.961  13.746  -1.300  1.00 48.60 ? 271 LYS B C   1 
ATOM   1110 O O   . LYS B 1 59 ? 21.095  13.835  -0.824  1.00 48.91 ? 271 LYS B O   1 
ATOM   1111 C CB  . LYS B 1 59 ? 19.569  15.960  -2.357  1.00 32.24 ? 271 LYS B CB  1 
ATOM   1112 C CG  . LYS B 1 59 ? 20.041  16.926  -3.403  1.00 44.33 ? 271 LYS B CG  1 
ATOM   1113 C CD  . LYS B 1 59 ? 19.411  18.286  -3.282  1.00 55.54 ? 271 LYS B CD  1 
ATOM   1114 C CE  . LYS B 1 59 ? 20.242  19.449  -2.812  1.00 57.61 ? 271 LYS B CE  1 
ATOM   1115 N NZ  . LYS B 1 59 ? 19.436  20.710  -2.635  1.00 56.79 ? 271 LYS B NZ  1 
ATOM   1116 N N   . ASN B 1 60 ? 18.966  13.211  -0.621  1.00 45.66 ? 272 ASN B N   1 
ATOM   1117 C CA  . ASN B 1 60 ? 19.150  12.526  0.666   1.00 41.76 ? 272 ASN B CA  1 
ATOM   1118 C C   . ASN B 1 60 ? 18.992  11.019  0.571   1.00 42.61 ? 272 ASN B C   1 
ATOM   1119 O O   . ASN B 1 60 ? 18.779  10.307  1.564   1.00 42.97 ? 272 ASN B O   1 
ATOM   1120 C CB  . ASN B 1 60 ? 18.183  13.051  1.721   1.00 50.22 ? 272 ASN B CB  1 
ATOM   1121 C CG  . ASN B 1 60 ? 18.456  14.513  2.042   1.00 49.65 ? 272 ASN B CG  1 
ATOM   1122 O OD1 . ASN B 1 60 ? 17.600  15.157  2.643   1.00 60.21 ? 272 ASN B OD1 1 
ATOM   1123 N ND2 . ASN B 1 60 ? 19.625  14.970  1.616   1.00 51.81 ? 272 ASN B ND2 1 
ATOM   1124 N N   . ASN B 1 61 ? 19.128  10.422  -0.612  1.00 41.71 ? 273 ASN B N   1 
ATOM   1125 C CA  . ASN B 1 61 ? 19.038  8.965   -0.744  1.00 45.37 ? 273 ASN B CA  1 
ATOM   1126 C C   . ASN B 1 61 ? 17.809  8.388   -0.063  1.00 46.94 ? 273 ASN B C   1 
ATOM   1127 O O   . ASN B 1 61 ? 17.857  7.352   0.623   1.00 42.59 ? 273 ASN B O   1 
ATOM   1128 C CB  . ASN B 1 61 ? 20.328  8.222   -0.467  1.00 55.99 ? 273 ASN B CB  1 
ATOM   1129 C CG  . ASN B 1 61 ? 20.512  6.782   -0.878  1.00 72.23 ? 273 ASN B CG  1 
ATOM   1130 O OD1 . ASN B 1 61 ? 21.180  6.036   -0.127  1.00 60.94 ? 273 ASN B OD1 1 
ATOM   1131 N ND2 . ASN B 1 61 ? 20.003  6.268   -1.997  1.00 49.92 ? 273 ASN B ND2 1 
ATOM   1132 N N   . LEU B 1 62 ? 16.657  9.013   -0.370  1.00 32.57 ? 274 LEU B N   1 
ATOM   1133 C CA  . LEU B 1 62 ? 15.388  8.505   0.202   1.00 37.62 ? 274 LEU B CA  1 
ATOM   1134 C C   . LEU B 1 62 ? 14.598  7.868   -0.949  1.00 34.70 ? 274 LEU B C   1 
ATOM   1135 O O   . LEU B 1 62 ? 13.496  7.364   -0.708  1.00 40.32 ? 274 LEU B O   1 
ATOM   1136 C CB  . LEU B 1 62 ? 14.572  9.619   0.875   1.00 32.87 ? 274 LEU B CB  1 
ATOM   1137 C CG  . LEU B 1 62 ? 15.157  10.253  2.154   1.00 36.48 ? 274 LEU B CG  1 
ATOM   1138 C CD1 . LEU B 1 62 ? 14.300  11.252  2.869   1.00 36.11 ? 274 LEU B CD1 1 
ATOM   1139 C CD2 . LEU B 1 62 ? 15.476  9.157   3.177   1.00 44.60 ? 274 LEU B CD2 1 
ATOM   1140 N N   . CYS B 1 63 ? 15.233  7.726   -2.100  1.00 34.07 ? 275 CYS B N   1 
ATOM   1141 C CA  . CYS B 1 63 ? 14.594  6.939   -3.167  1.00 35.97 ? 275 CYS B CA  1 
ATOM   1142 C C   . CYS B 1 63 ? 15.332  5.669   -3.571  1.00 41.71 ? 275 CYS B C   1 
ATOM   1143 O O   . CYS B 1 63 ? 16.553  5.713   -3.800  1.00 43.31 ? 275 CYS B O   1 
ATOM   1144 C CB  . CYS B 1 63 ? 14.327  7.880   -4.339  1.00 37.23 ? 275 CYS B CB  1 
ATOM   1145 S SG  . CYS B 1 63 ? 12.976  9.080   -3.764  1.00 40.12 ? 275 CYS B SG  1 
ATOM   1146 N N   . PRO B 1 64 ? 14.573  4.633   -3.901  1.00 42.17 ? 276 PRO B N   1 
ATOM   1147 C CA  . PRO B 1 64 ? 15.063  3.369   -4.376  1.00 45.49 ? 276 PRO B CA  1 
ATOM   1148 C C   . PRO B 1 64 ? 15.996  3.409   -5.572  1.00 44.88 ? 276 PRO B C   1 
ATOM   1149 O O   . PRO B 1 64 ? 15.829  4.199   -6.494  1.00 39.71 ? 276 PRO B O   1 
ATOM   1150 C CB  . PRO B 1 64 ? 13.798  2.606   -4.764  1.00 41.06 ? 276 PRO B CB  1 
ATOM   1151 C CG  . PRO B 1 64 ? 12.607  3.387   -4.453  1.00 43.43 ? 276 PRO B CG  1 
ATOM   1152 C CD  . PRO B 1 64 ? 13.093  4.609   -3.739  1.00 47.75 ? 276 PRO B CD  1 
ATOM   1153 N N   . SER B 1 65 ? 17.009  2.526   -5.604  1.00 49.29 ? 277 SER B N   1 
ATOM   1154 C CA  . SER B 1 65 ? 17.854  2.496   -6.797  1.00 54.22 ? 277 SER B CA  1 
ATOM   1155 C C   . SER B 1 65 ? 17.096  1.587   -7.793  1.00 58.72 ? 277 SER B C   1 
ATOM   1156 O O   . SER B 1 65 ? 16.883  1.950   -8.943  1.00 60.37 ? 277 SER B O   1 
ATOM   1157 C CB  . SER B 1 65 ? 19.228  1.897   -6.520  1.00 64.24 ? 277 SER B CB  1 
ATOM   1158 O OG  . SER B 1 65 ? 19.530  1.070   -7.646  1.00 58.29 ? 277 SER B OG  1 
ATOM   1159 N N   . GLY B 1 66 ? 16.077  2.285   -8.934  0.00 72.91 ? 278 GLY B N   1 
ATOM   1160 C CA  . GLY B 1 66 ? 15.581  1.823   -10.197 0.00 72.16 ? 278 GLY B CA  1 
ATOM   1161 C C   . GLY B 1 66 ? 15.673  2.977   -11.222 0.00 71.11 ? 278 GLY B C   1 
ATOM   1162 O O   . GLY B 1 66 ? 15.141  4.056   -11.003 0.00 72.04 ? 278 GLY B O   1 
ATOM   1163 N N   . SER B 1 67 ? 16.380  2.713   -12.347 0.00 67.96 ? 279 SER B N   1 
ATOM   1164 C CA  . SER B 1 67 ? 16.551  3.666   -13.460 0.00 66.01 ? 279 SER B CA  1 
ATOM   1165 C C   . SER B 1 67 ? 15.192  3.802   -14.085 0.00 61.41 ? 279 SER B C   1 
ATOM   1166 O O   . SER B 1 67 ? 14.889  4.696   -14.867 0.00 60.21 ? 279 SER B O   1 
ATOM   1167 N N   . ASN B 1 68 ? 14.368  2.804   -13.688 0.00 43.63 ? 280 ASN B N   1 
ATOM   1168 C CA  . ASN B 1 68 ? 12.845  2.783   -14.049 1.00 41.52 ? 280 ASN B CA  1 
ATOM   1169 C C   . ASN B 1 68 ? 12.352  3.847   -13.043 1.00 39.21 ? 280 ASN B C   1 
ATOM   1170 O O   . ASN B 1 68 ? 11.346  4.494   -13.383 1.00 45.78 ? 280 ASN B O   1 
ATOM   1171 C CB  . ASN B 1 68 ? 12.142  1.453   -13.742 1.00 50.54 ? 280 ASN B CB  1 
ATOM   1172 C CG  . ASN B 1 68 ? 10.648  1.368   -13.825 1.00 68.21 ? 280 ASN B CG  1 
ATOM   1173 O OD1 . ASN B 1 68 ? 10.047  1.024   -14.847 1.00 65.20 ? 280 ASN B OD1 1 
ATOM   1174 N ND2 . ASN B 1 68 ? 9.924   1.641   -12.732 1.00 75.37 ? 280 ASN B ND2 1 
ATOM   1175 N N   . ILE B 1 69 ? 12.974  3.953   -11.859 1.00 36.82 ? 281 ILE B N   1 
ATOM   1176 C CA  . ILE B 1 69 ? 12.414  4.963   -10.959 1.00 40.92 ? 281 ILE B CA  1 
ATOM   1177 C C   . ILE B 1 69 ? 12.570  6.335   -11.593 1.00 38.73 ? 281 ILE B C   1 
ATOM   1178 O O   . ILE B 1 69 ? 11.608  7.108   -11.642 1.00 38.63 ? 281 ILE B O   1 
ATOM   1179 C CB  . ILE B 1 69 ? 12.975  5.035   -9.533  1.00 35.85 ? 281 ILE B CB  1 
ATOM   1180 C CG1 . ILE B 1 69 ? 12.685  3.754   -8.740  1.00 33.19 ? 281 ILE B CG1 1 
ATOM   1181 C CG2 . ILE B 1 69 ? 12.148  6.125   -8.811  1.00 50.96 ? 281 ILE B CG2 1 
ATOM   1182 C CD1 . ILE B 1 69 ? 11.259  3.775   -8.255  1.00 39.56 ? 281 ILE B CD1 1 
ATOM   1183 N N   . ILE B 1 70 ? 13.807  6.622   -12.052 1.00 29.27 ? 282 ILE B N   1 
ATOM   1184 C CA  . ILE B 1 70 ? 14.127  7.927   -12.569 1.00 29.07 ? 282 ILE B CA  1 
ATOM   1185 C C   . ILE B 1 70 ? 13.360  8.191   -13.832 1.00 27.73 ? 282 ILE B C   1 
ATOM   1186 O O   . ILE B 1 70 ? 12.897  9.323   -14.044 1.00 27.37 ? 282 ILE B O   1 
ATOM   1187 C CB  . ILE B 1 70 ? 15.664  8.064   -12.714 1.00 29.28 ? 282 ILE B CB  1 
ATOM   1188 C CG1 . ILE B 1 70 ? 16.414  7.713   -11.443 1.00 37.40 ? 282 ILE B CG1 1 
ATOM   1189 C CG2 . ILE B 1 70 ? 16.069  9.396   -13.310 1.00 32.57 ? 282 ILE B CG2 1 
ATOM   1190 C CD1 . ILE B 1 70 ? 15.876  8.477   -10.257 1.00 40.21 ? 282 ILE B CD1 1 
ATOM   1191 N N   . SER B 1 71 ? 13.251  7.198   -14.764 1.00 31.59 ? 283 SER B N   1 
ATOM   1192 C CA  . SER B 1 71 ? 12.547  7.450   -15.992 1.00 27.76 ? 283 SER B CA  1 
ATOM   1193 C C   . SER B 1 71 ? 11.067  7.734   -15.749 1.00 30.37 ? 283 SER B C   1 
ATOM   1194 O O   . SER B 1 71 ? 10.435  8.372   -16.623 1.00 30.76 ? 283 SER B O   1 
ATOM   1195 C CB  . SER B 1 71 ? 12.762  6.275   -16.984 1.00 36.68 ? 283 SER B CB  1 
ATOM   1196 O OG  . SER B 1 71 ? 11.973  5.166   -16.730 1.00 56.57 ? 283 SER B OG  1 
ATOM   1197 N N   . ASN B 1 72 ? 10.508  7.278   -14.642 1.00 26.37 ? 284 ASN B N   1 
ATOM   1198 C CA  . ASN B 1 72 ? 9.084   7.599   -14.373 1.00 27.78 ? 284 ASN B CA  1 
ATOM   1199 C C   . ASN B 1 72 ? 8.956   8.432   -13.084 1.00 21.84 ? 284 ASN B C   1 
ATOM   1200 O O   . ASN B 1 72 ? 7.889   8.450   -12.487 1.00 27.17 ? 284 ASN B O   1 
ATOM   1201 C CB  . ASN B 1 72 ? 8.422   6.221   -13.998 1.00 29.03 ? 284 ASN B CB  1 
ATOM   1202 C CG  . ASN B 1 72 ? 8.329   5.531   -15.398 1.00 37.00 ? 284 ASN B CG  1 
ATOM   1203 O OD1 . ASN B 1 72 ? 7.756   6.164   -16.292 1.00 33.60 ? 284 ASN B OD1 1 
ATOM   1204 N ND2 . ASN B 1 72 ? 8.945   4.398   -15.453 1.00 40.16 ? 284 ASN B ND2 1 
ATOM   1205 N N   . LEU B 1 73 ? 10.036  9.164   -12.740 1.00 25.64 ? 285 LEU B N   1 
ATOM   1206 C CA  . LEU B 1 73 ? 9.981   9.999   -11.510 1.00 23.96 ? 285 LEU B CA  1 
ATOM   1207 C C   . LEU B 1 73 ? 8.669   10.729  -11.306 1.00 29.62 ? 285 LEU B C   1 
ATOM   1208 O O   . LEU B 1 73 ? 8.064   10.654  -10.200 1.00 26.40 ? 285 LEU B O   1 
ATOM   1209 C CB  . LEU B 1 73 ? 11.160  11.000  -11.535 1.00 28.34 ? 285 LEU B CB  1 
ATOM   1210 C CG  . LEU B 1 73 ? 11.188  11.998  -10.358 1.00 26.79 ? 285 LEU B CG  1 
ATOM   1211 C CD1 . LEU B 1 73 ? 11.349  11.141  -9.095  1.00 27.83 ? 285 LEU B CD1 1 
ATOM   1212 C CD2 . LEU B 1 73 ? 12.490  12.854  -10.571 1.00 24.57 ? 285 LEU B CD2 1 
ATOM   1213 N N   . PHE B 1 74 ? 8.214   11.510  -12.315 1.00 25.76 ? 286 PHE B N   1 
ATOM   1214 C CA  . PHE B 1 74 ? 6.975   12.227  -12.225 1.00 22.99 ? 286 PHE B CA  1 
ATOM   1215 C C   . PHE B 1 74 ? 5.891   11.586  -13.128 1.00 24.06 ? 286 PHE B C   1 
ATOM   1216 O O   . PHE B 1 74 ? 4.750   11.984  -12.954 1.00 28.06 ? 286 PHE B O   1 
ATOM   1217 C CB  . PHE B 1 74 ? 7.173   13.711  -12.601 1.00 23.00 ? 286 PHE B CB  1 
ATOM   1218 C CG  . PHE B 1 74 ? 8.046   14.429  -11.580 1.00 20.76 ? 286 PHE B CG  1 
ATOM   1219 C CD1 . PHE B 1 74 ? 9.293   14.940  -11.886 1.00 24.21 ? 286 PHE B CD1 1 
ATOM   1220 C CD2 . PHE B 1 74 ? 7.682   14.541  -10.254 1.00 24.16 ? 286 PHE B CD2 1 
ATOM   1221 C CE1 . PHE B 1 74 ? 10.129  15.630  -11.065 1.00 28.76 ? 286 PHE B CE1 1 
ATOM   1222 C CE2 . PHE B 1 74 ? 8.493   15.228  -9.369  1.00 26.34 ? 286 PHE B CE2 1 
ATOM   1223 C CZ  . PHE B 1 74 ? 9.678   15.811  -9.757  1.00 25.84 ? 286 PHE B CZ  1 
ATOM   1224 N N   . LYS B 1 75 ? 6.321   10.726  -14.045 1.00 25.94 ? 287 LYS B N   1 
ATOM   1225 C CA  . LYS B 1 75 ? 5.245   10.136  -14.879 1.00 28.87 ? 287 LYS B CA  1 
ATOM   1226 C C   . LYS B 1 75 ? 4.445   9.157   -13.984 1.00 27.08 ? 287 LYS B C   1 
ATOM   1227 O O   . LYS B 1 75 ? 3.270   8.982   -14.390 1.00 32.05 ? 287 LYS B O   1 
ATOM   1228 C CB  . LYS B 1 75 ? 5.816   9.273   -15.997 1.00 30.07 ? 287 LYS B CB  1 
ATOM   1229 C CG  . LYS B 1 75 ? 6.655   10.139  -16.921 1.00 39.43 ? 287 LYS B CG  1 
ATOM   1230 C CD  . LYS B 1 75 ? 7.188   9.288   -18.082 1.00 38.49 ? 287 LYS B CD  1 
ATOM   1231 C CE  . LYS B 1 75 ? 6.137   8.452   -18.753 1.00 45.19 ? 287 LYS B CE  1 
ATOM   1232 N NZ  . LYS B 1 75 ? 6.788   7.626   -19.821 1.00 54.43 ? 287 LYS B NZ  1 
ATOM   1233 N N   . GLU B 1 76 ? 5.078   8.469   -13.097 1.00 25.64 ? 288 GLU B N   1 
ATOM   1234 C CA  . GLU B 1 76 ? 4.285   7.615   -12.196 1.00 26.32 ? 288 GLU B CA  1 
ATOM   1235 C C   . GLU B 1 76 ? 4.757   7.821   -10.743 1.00 24.61 ? 288 GLU B C   1 
ATOM   1236 O O   . GLU B 1 76 ? 5.403   6.984   -10.135 1.00 25.25 ? 288 GLU B O   1 
ATOM   1237 C CB  . GLU B 1 76 ? 4.534   6.157   -12.534 1.00 32.86 ? 288 GLU B CB  1 
ATOM   1238 C CG  . GLU B 1 76 ? 4.351   5.893   -14.027 1.00 35.25 ? 288 GLU B CG  1 
ATOM   1239 C CD  . GLU B 1 76 ? 4.748   4.433   -14.247 1.00 54.44 ? 288 GLU B CD  1 
ATOM   1240 O OE1 . GLU B 1 76 ? 5.279   4.017   -15.289 1.00 57.99 ? 288 GLU B OE1 1 
ATOM   1241 O OE2 . GLU B 1 76 ? 4.532   3.638   -13.299 1.00 68.94 ? 288 GLU B OE2 1 
ATOM   1242 N N   . ASP B 1 77 ? 4.343   8.970   -10.219 1.00 27.23 ? 289 ASP B N   1 
ATOM   1243 C CA  . ASP B 1 77 ? 4.780   9.406   -8.927  1.00 24.79 ? 289 ASP B CA  1 
ATOM   1244 C C   . ASP B 1 77 ? 4.012   8.817   -7.754  1.00 25.29 ? 289 ASP B C   1 
ATOM   1245 O O   . ASP B 1 77 ? 3.141   7.948   -8.024  1.00 24.41 ? 289 ASP B O   1 
ATOM   1246 C CB  . ASP B 1 77 ? 4.724   10.948  -8.981  1.00 25.83 ? 289 ASP B CB  1 
ATOM   1247 C CG  . ASP B 1 77 ? 3.381   11.577  -8.798  1.00 27.56 ? 289 ASP B CG  1 
ATOM   1248 O OD1 . ASP B 1 77 ? 3.147   12.819  -9.069  1.00 26.69 ? 289 ASP B OD1 1 
ATOM   1249 O OD2 . ASP B 1 77 ? 2.376   10.925  -8.407  1.00 26.79 ? 289 ASP B OD2 1 
ATOM   1250 N N   . CYS B 1 78 ? 4.446   9.089   -6.544  1.00 22.84 ? 290 CYS B N   1 
ATOM   1251 C CA  . CYS B 1 78 ? 3.768   8.352   -5.397  1.00 21.60 ? 290 CYS B CA  1 
ATOM   1252 C C   . CYS B 1 78 ? 2.305   8.696   -5.336  1.00 23.32 ? 290 CYS B C   1 
ATOM   1253 O O   . CYS B 1 78 ? 1.616   7.777   -4.828  1.00 24.35 ? 290 CYS B O   1 
ATOM   1254 C CB  . CYS B 1 78 ? 4.469   8.661   -4.095  1.00 26.57 ? 290 CYS B CB  1 
ATOM   1255 S SG  . CYS B 1 78 ? 6.160   8.155   -4.118  1.00 24.46 ? 290 CYS B SG  1 
ATOM   1256 N N   . HIS B 1 79 ? 1.723   9.835   -5.772  1.00 22.17 ? 291 HIS B N   1 
ATOM   1257 C CA  . HIS B 1 79 ? 0.267   9.967   -5.730  1.00 19.85 ? 291 HIS B CA  1 
ATOM   1258 C C   . HIS B 1 79 ? -0.321  8.948   -6.718  1.00 22.53 ? 291 HIS B C   1 
ATOM   1259 O O   . HIS B 1 79 ? -1.425  8.403   -6.441  1.00 25.72 ? 291 HIS B O   1 
ATOM   1260 C CB  . HIS B 1 79 ? -0.115  11.434  -6.128  1.00 25.25 ? 291 HIS B CB  1 
ATOM   1261 C CG  . HIS B 1 79 ? 0.283   12.325  -4.991  1.00 23.27 ? 291 HIS B CG  1 
ATOM   1262 N ND1 . HIS B 1 79 ? -0.337  13.571  -5.013  1.00 28.09 ? 291 HIS B ND1 1 
ATOM   1263 C CD2 . HIS B 1 79 ? 1.032   12.254  -3.880  1.00 26.35 ? 291 HIS B CD2 1 
ATOM   1264 C CE1 . HIS B 1 79 ? 0.047   14.247  -3.913  1.00 30.90 ? 291 HIS B CE1 1 
ATOM   1265 N NE2 . HIS B 1 79 ? 0.833   13.483  -3.202  1.00 25.80 ? 291 HIS B NE2 1 
ATOM   1266 N N   . GLN B 1 80 ? 0.283   8.873   -7.914  1.00 20.87 ? 292 GLN B N   1 
ATOM   1267 C CA  . GLN B 1 80 ? -0.293  7.840   -8.853  1.00 21.35 ? 292 GLN B CA  1 
ATOM   1268 C C   . GLN B 1 80 ? -0.187  6.466   -8.303  1.00 22.91 ? 292 GLN B C   1 
ATOM   1269 O O   . GLN B 1 80 ? -1.164  5.702   -8.426  1.00 25.94 ? 292 GLN B O   1 
ATOM   1270 C CB  . GLN B 1 80 ? 0.491   7.977   -10.160 1.00 27.57 ? 292 GLN B CB  1 
ATOM   1271 C CG  . GLN B 1 80 ? 0.003   6.898   -11.143 1.00 28.32 ? 292 GLN B CG  1 
ATOM   1272 C CD  . GLN B 1 80 ? -1.359  7.378   -11.601 1.00 31.90 ? 292 GLN B CD  1 
ATOM   1273 O OE1 . GLN B 1 80 ? -1.702  8.504   -12.047 1.00 38.69 ? 292 GLN B OE1 1 
ATOM   1274 N NE2 . GLN B 1 80 ? -2.396  6.521   -11.597 1.00 35.17 ? 292 GLN B NE2 1 
ATOM   1275 N N   . LYS B 1 81 ? 0.887   6.099   -7.668  1.00 20.55 ? 293 LYS B N   1 
ATOM   1276 C CA  . LYS B 1 81 ? 1.022   4.749   -7.087  1.00 24.55 ? 293 LYS B CA  1 
ATOM   1277 C C   . LYS B 1 81 ? 0.021   4.501   -5.968  1.00 25.63 ? 293 LYS B C   1 
ATOM   1278 O O   . LYS B 1 81 ? -0.582  3.418   -5.855  1.00 25.63 ? 293 LYS B O   1 
ATOM   1279 C CB  . LYS B 1 81 ? 2.393   4.413   -6.576  1.00 21.56 ? 293 LYS B CB  1 
ATOM   1280 C CG  . LYS B 1 81 ? 3.460   4.580   -7.694  1.00 21.24 ? 293 LYS B CG  1 
ATOM   1281 C CD  . LYS B 1 81 ? 3.001   3.611   -8.868  1.00 26.20 ? 293 LYS B CD  1 
ATOM   1282 C CE  . LYS B 1 81 ? 4.318   3.587   -9.681  1.00 31.10 ? 293 LYS B CE  1 
ATOM   1283 N NZ  . LYS B 1 81 ? 4.136   2.592   -10.799 1.00 43.02 ? 293 LYS B NZ  1 
ATOM   1284 N N   . ILE B 1 82 ? -0.215  5.523   -5.125  1.00 23.31 ? 294 ILE B N   1 
ATOM   1285 C CA  . ILE B 1 82 ? -1.240  5.367   -4.082  1.00 21.72 ? 294 ILE B CA  1 
ATOM   1286 C C   . ILE B 1 82 ? -2.609  5.182   -4.667  1.00 21.93 ? 294 ILE B C   1 
ATOM   1287 O O   . ILE B 1 82 ? -3.439  4.332   -4.292  1.00 23.80 ? 294 ILE B O   1 
ATOM   1288 C CB  . ILE B 1 82 ? -1.179  6.624   -3.126  1.00 20.77 ? 294 ILE B CB  1 
ATOM   1289 C CG1 . ILE B 1 82 ? 0.046   6.528   -2.281  1.00 23.01 ? 294 ILE B CG1 1 
ATOM   1290 C CG2 . ILE B 1 82 ? -2.489  6.589   -2.282  1.00 22.59 ? 294 ILE B CG2 1 
ATOM   1291 C CD1 . ILE B 1 82 ? 0.318   7.885   -1.573  1.00 22.74 ? 294 ILE B CD1 1 
ATOM   1292 N N   . ASP B 1 83 ? -2.914  5.913   -5.792  1.00 24.00 ? 295 ASP B N   1 
ATOM   1293 C CA  . ASP B 1 83 ? -4.212  5.757   -6.426  1.00 23.03 ? 295 ASP B CA  1 
ATOM   1294 C C   . ASP B 1 83 ? -4.266  4.294   -7.001  1.00 22.93 ? 295 ASP B C   1 
ATOM   1295 O O   . ASP B 1 83 ? -5.344  3.657   -6.935  1.00 26.64 ? 295 ASP B O   1 
ATOM   1296 C CB  . ASP B 1 83 ? -4.414  6.722   -7.635  1.00 28.01 ? 295 ASP B CB  1 
ATOM   1297 C CG  . ASP B 1 83 ? -4.710  8.138   -7.212  1.00 38.27 ? 295 ASP B CG  1 
ATOM   1298 O OD1 . ASP B 1 83 ? -5.195  8.349   -6.080  1.00 33.40 ? 295 ASP B OD1 1 
ATOM   1299 O OD2 . ASP B 1 83 ? -4.432  9.030   -8.092  1.00 42.08 ? 295 ASP B OD2 1 
ATOM   1300 N N   . ASP B 1 84 ? -3.190  3.848   -7.602  1.00 23.66 ? 296 ASP B N   1 
ATOM   1301 C CA  . ASP B 1 84 ? -3.138  2.534   -8.250  1.00 23.31 ? 296 ASP B CA  1 
ATOM   1302 C C   . ASP B 1 84 ? -3.331  1.465   -7.192  1.00 27.34 ? 296 ASP B C   1 
ATOM   1303 O O   . ASP B 1 84 ? -3.954  0.417   -7.462  1.00 29.90 ? 296 ASP B O   1 
ATOM   1304 C CB  . ASP B 1 84 ? -1.830  2.276   -9.000  1.00 27.92 ? 296 ASP B CB  1 
ATOM   1305 C CG  . ASP B 1 84 ? -1.680  3.185   -10.226 1.00 29.10 ? 296 ASP B CG  1 
ATOM   1306 O OD1 . ASP B 1 84 ? -2.669  3.753   -10.701 1.00 31.43 ? 296 ASP B OD1 1 
ATOM   1307 O OD2 . ASP B 1 84 ? -0.521  3.164   -10.660 1.00 39.50 ? 296 ASP B OD2 1 
ATOM   1308 N N   . LEU B 1 85 ? -2.797  1.618   -5.996  1.00 23.57 ? 297 LEU B N   1 
ATOM   1309 C CA  . LEU B 1 85 ? -2.953  0.639   -4.914  1.00 27.72 ? 297 LEU B CA  1 
ATOM   1310 C C   . LEU B 1 85 ? -4.425  0.459   -4.611  1.00 22.65 ? 297 LEU B C   1 
ATOM   1311 O O   . LEU B 1 85 ? -5.010  -0.632  -4.568  1.00 25.81 ? 297 LEU B O   1 
ATOM   1312 C CB  . LEU B 1 85 ? -2.200  1.163   -3.631  1.00 23.42 ? 297 LEU B CB  1 
ATOM   1313 C CG  . LEU B 1 85 ? -2.448  0.228   -2.425  1.00 25.90 ? 297 LEU B CG  1 
ATOM   1314 C CD1 . LEU B 1 85 ? -1.913  -1.208  -2.638  1.00 23.36 ? 297 LEU B CD1 1 
ATOM   1315 C CD2 . LEU B 1 85 ? -1.762  0.844   -1.234  1.00 30.35 ? 297 LEU B CD2 1 
ATOM   1316 N N   . PHE B 1 86 ? -5.140  1.567   -4.450  1.00 22.40 ? 298 PHE B N   1 
ATOM   1317 C CA  . PHE B 1 86 ? -6.567  1.551   -4.068  1.00 22.91 ? 298 PHE B CA  1 
ATOM   1318 C C   . PHE B 1 86 ? -7.480  1.182   -5.216  1.00 22.01 ? 298 PHE B C   1 
ATOM   1319 O O   . PHE B 1 86 ? -8.624  0.785   -4.946  1.00 26.38 ? 298 PHE B O   1 
ATOM   1320 C CB  . PHE B 1 86 ? -7.014  2.879   -3.354  1.00 21.43 ? 298 PHE B CB  1 
ATOM   1321 C CG  . PHE B 1 86 ? -6.390  2.941   -1.927  1.00 21.93 ? 298 PHE B CG  1 
ATOM   1322 C CD1 . PHE B 1 86 ? -5.275  3.724   -1.708  1.00 23.82 ? 298 PHE B CD1 1 
ATOM   1323 C CD2 . PHE B 1 86 ? -6.941  2.216   -0.879  1.00 19.56 ? 298 PHE B CD2 1 
ATOM   1324 C CE1 . PHE B 1 86 ? -4.648  3.760   -0.482  1.00 23.51 ? 298 PHE B CE1 1 
ATOM   1325 C CE2 . PHE B 1 86 ? -6.265  2.125   0.320   1.00 23.21 ? 298 PHE B CE2 1 
ATOM   1326 C CZ  . PHE B 1 86 ? -5.132  2.925   0.515   1.00 22.84 ? 298 PHE B CZ  1 
ATOM   1327 N N   . SER B 1 87 ? -7.043  1.338   -6.463  1.00 25.99 ? 299 SER B N   1 
ATOM   1328 C CA  . SER B 1 87 ? -7.780  0.954   -7.658  1.00 27.97 ? 299 SER B CA  1 
ATOM   1329 C C   . SER B 1 87 ? -7.443  -0.479  -8.045  1.00 27.60 ? 299 SER B C   1 
ATOM   1330 O O   . SER B 1 87 ? -8.202  -0.947  -8.932  1.00 33.25 ? 299 SER B O   1 
ATOM   1331 C CB  . SER B 1 87 ? -7.251  1.833   -8.886  1.00 27.83 ? 299 SER B CB  1 
ATOM   1332 O OG  . SER B 1 87 ? -7.727  3.128   -8.479  1.00 48.34 ? 299 SER B OG  1 
ATOM   1333 N N   . GLY B 1 88 ? -6.423  -1.130  -7.504  1.00 25.83 ? 300 GLY B N   1 
ATOM   1334 C CA  . GLY B 1 88 ? -6.196  -2.518  -7.903  1.00 26.72 ? 300 GLY B CA  1 
ATOM   1335 C C   . GLY B 1 88 ? -5.450  -2.597  -9.212  1.00 30.91 ? 300 GLY B C   1 
ATOM   1336 O O   . GLY B 1 88 ? -5.558  -3.621  -9.931  1.00 31.51 ? 300 GLY B O   1 
ATOM   1337 N N   . LYS B 1 89 ? -4.617  -1.606  -9.452  1.00 29.75 ? 301 LYS B N   1 
ATOM   1338 C CA  . LYS B 1 89 ? -3.860  -1.588  -10.733 1.00 33.01 ? 301 LYS B CA  1 
ATOM   1339 C C   . LYS B 1 89 ? -2.381  -1.380  -10.506 1.00 34.70 ? 301 LYS B C   1 
ATOM   1340 O O   . LYS B 1 89 ? -1.696  -1.020  -11.475 1.00 43.76 ? 301 LYS B O   1 
ATOM   1341 C CB  . LYS B 1 89 ? -4.226  -0.175  -11.336 1.00 33.50 ? 301 LYS B CB  1 
ATOM   1342 C CG  . LYS B 1 89 ? -5.651  -0.140  -11.829 1.00 45.65 ? 301 LYS B CG  1 
ATOM   1343 C CD  . LYS B 1 89 ? -6.012  1.208   -12.449 1.00 57.56 ? 301 LYS B CD  1 
ATOM   1344 C CE  . LYS B 1 89 ? -7.405  1.118   -13.056 1.00 66.05 ? 301 LYS B CE  1 
ATOM   1345 N NZ  . LYS B 1 89 ? -8.148  -0.077  -12.567 1.00 63.08 ? 301 LYS B NZ  1 
ATOM   1346 N N   . HIS B 1 90 ? -1.884  -1.405  -9.304  1.00 35.10 ? 302 HIS B N   1 
ATOM   1347 C CA  . HIS B 1 90 ? -0.508  -1.136  -8.966  1.00 37.49 ? 302 HIS B CA  1 
ATOM   1348 C C   . HIS B 1 90 ? 0.429   -2.159  -9.575  1.00 40.04 ? 302 HIS B C   1 
ATOM   1349 O O   . HIS B 1 90 ? 0.243   -3.358  -9.300  1.00 39.71 ? 302 HIS B O   1 
ATOM   1350 C CB  . HIS B 1 90 ? -0.381  -1.083  -7.465  1.00 35.19 ? 302 HIS B CB  1 
ATOM   1351 C CG  . HIS B 1 90 ? 0.911   -0.850  -6.802  1.00 49.29 ? 302 HIS B CG  1 
ATOM   1352 N ND1 . HIS B 1 90 ? 0.954   -0.642  -5.437  1.00 47.23 ? 302 HIS B ND1 1 
ATOM   1353 C CD2 . HIS B 1 90 ? 2.185   -0.763  -7.233  1.00 63.81 ? 302 HIS B CD2 1 
ATOM   1354 C CE1 . HIS B 1 90 ? 2.211   -0.482  -5.051  1.00 64.17 ? 302 HIS B CE1 1 
ATOM   1355 N NE2 . HIS B 1 90 ? 2.980   -0.539  -6.133  1.00 68.77 ? 302 HIS B NE2 1 
ATOM   1356 O OXT . HIS B 1 90 ? 1.363   -1.660  -10.258 1.00 53.33 ? 302 HIS B OXT 1 
HETATM 1357 O O   . HOH C 2 .  ? -3.259  -24.450 0.242   1.00 53.22 ? 203 HOH A O   1 
HETATM 1358 O O   . HOH C 2 .  ? -10.205 -1.806  10.496  1.00 39.17 ? 204 HOH A O   1 
HETATM 1359 O O   . HOH C 2 .  ? -8.810  9.443   16.266  1.00 43.81 ? 205 HOH A O   1 
HETATM 1360 O O   . HOH C 2 .  ? -15.425 -17.978 -3.678  1.00 39.83 ? 206 HOH A O   1 
HETATM 1361 O O   . HOH C 2 .  ? 8.137   -17.255 10.006  1.00 42.17 ? 207 HOH A O   1 
HETATM 1362 O O   . HOH C 2 .  ? -7.765  -23.390 -0.694  1.00 47.18 ? 208 HOH A O   1 
HETATM 1363 O O   . HOH C 2 .  ? 9.068   -5.374  4.920   1.00 70.97 ? 209 HOH A O   1 
HETATM 1364 O O   . HOH C 2 .  ? -15.971 -3.342  -5.610  1.00 48.05 ? 210 HOH A O   1 
HETATM 1365 O O   . HOH C 2 .  ? -7.253  -8.778  14.232  1.00 45.02 ? 211 HOH A O   1 
HETATM 1366 O O   . HOH C 2 .  ? -15.453 -5.649  -13.828 1.00 63.88 ? 212 HOH A O   1 
HETATM 1367 O O   . HOH C 2 .  ? -6.393  -8.344  -11.734 1.00 66.92 ? 213 HOH A O   1 
HETATM 1368 O O   . HOH C 2 .  ? -21.355 -14.284 -7.462  1.00 43.97 ? 214 HOH A O   1 
HETATM 1369 O O   . HOH C 2 .  ? -7.715  14.286  7.610   1.00 57.25 ? 215 HOH A O   1 
HETATM 1370 O O   . HOH C 2 .  ? 11.627  -3.140  5.817   1.00 45.59 ? 216 HOH A O   1 
HETATM 1371 O O   . HOH C 2 .  ? 2.825   -11.787 -7.936  1.00 51.02 ? 217 HOH A O   1 
HETATM 1372 O O   . HOH C 2 .  ? -0.201  -4.708  13.641  1.00 51.80 ? 218 HOH A O   1 
HETATM 1373 O O   . HOH C 2 .  ? -11.056 -4.159  9.295   1.00 44.92 ? 219 HOH A O   1 
HETATM 1374 O O   . HOH C 2 .  ? 6.381   -11.431 4.751   1.00 52.54 ? 220 HOH A O   1 
HETATM 1375 O O   . HOH C 2 .  ? 0.800   -5.192  -7.110  1.00 48.81 ? 221 HOH A O   1 
HETATM 1376 O O   . HOH C 2 .  ? 3.606   -11.242 4.991   1.00 38.76 ? 222 HOH A O   1 
HETATM 1377 O O   . HOH C 2 .  ? 7.162   -18.322 12.766  1.00 41.56 ? 223 HOH A O   1 
HETATM 1378 O O   . HOH C 2 .  ? -2.378  -5.989  13.255  1.00 47.15 ? 224 HOH A O   1 
HETATM 1379 O O   . HOH C 2 .  ? -13.298 -2.791  -4.844  1.00 41.73 ? 225 HOH A O   1 
HETATM 1380 O O   . HOH C 2 .  ? 9.651   -19.549 8.855   1.00 28.98 ? 226 HOH A O   1 
HETATM 1381 O O   . HOH C 2 .  ? -8.471  7.892   7.122   1.00 29.61 ? 227 HOH A O   1 
HETATM 1382 O O   . HOH C 2 .  ? -8.239  -13.821 5.407   1.00 30.77 ? 228 HOH A O   1 
HETATM 1383 O O   . HOH C 2 .  ? 5.994   -3.844  -2.976  1.00 33.30 ? 229 HOH A O   1 
HETATM 1384 O O   . HOH C 2 .  ? -15.577 -5.149  -7.483  1.00 32.47 ? 230 HOH A O   1 
HETATM 1385 O O   . HOH C 2 .  ? -4.167  -17.980 -4.425  1.00 34.26 ? 231 HOH A O   1 
HETATM 1386 O O   . HOH C 2 .  ? 0.081   -13.246 4.972   1.00 33.78 ? 232 HOH A O   1 
HETATM 1387 O O   . HOH C 2 .  ? -4.815  2.320   13.979  1.00 34.91 ? 233 HOH A O   1 
HETATM 1388 O O   . HOH C 2 .  ? -0.656  -15.024 7.662   1.00 41.64 ? 234 HOH A O   1 
HETATM 1389 O O   . HOH C 2 .  ? 5.990   -18.715 4.323   1.00 36.21 ? 235 HOH A O   1 
HETATM 1390 O O   . HOH C 2 .  ? 4.850   -10.101 -3.083  1.00 39.64 ? 236 HOH A O   1 
HETATM 1391 O O   . HOH C 2 .  ? -13.172 -20.041 3.874   1.00 46.13 ? 237 HOH A O   1 
HETATM 1392 O O   . HOH C 2 .  ? 7.912   -20.640 13.801  1.00 39.55 ? 238 HOH A O   1 
HETATM 1393 O O   . HOH C 2 .  ? -5.929  -0.017  13.178  1.00 40.39 ? 239 HOH A O   1 
HETATM 1394 O O   . HOH C 2 .  ? -3.292  -8.426  12.475  1.00 34.37 ? 240 HOH A O   1 
HETATM 1395 O O   . HOH C 2 .  ? -4.801  -4.634  13.461  1.00 37.38 ? 241 HOH A O   1 
HETATM 1396 O O   . HOH C 2 .  ? 0.222   -10.976 11.515  1.00 37.09 ? 242 HOH A O   1 
HETATM 1397 O O   . HOH C 2 .  ? -10.637 -14.032 12.324  1.00 37.03 ? 243 HOH A O   1 
HETATM 1398 O O   . HOH C 2 .  ? -6.083  11.802  8.346   1.00 35.03 ? 244 HOH A O   1 
HETATM 1399 O O   . HOH C 2 .  ? 5.806   -11.819 7.480   1.00 41.93 ? 245 HOH A O   1 
HETATM 1400 O O   . HOH C 2 .  ? -8.553  -12.574 -9.856  1.00 44.90 ? 246 HOH A O   1 
HETATM 1401 O O   . HOH C 2 .  ? -12.151 2.022   9.923   1.00 47.64 ? 247 HOH A O   1 
HETATM 1402 O O   . HOH C 2 .  ? 4.101   -1.859  12.491  1.00 45.53 ? 248 HOH A O   1 
HETATM 1403 O O   . HOH C 2 .  ? -0.903  11.164  12.488  1.00 43.21 ? 249 HOH A O   1 
HETATM 1404 O O   . HOH C 2 .  ? -1.260  18.570  11.590  1.00 44.36 ? 250 HOH A O   1 
HETATM 1405 O O   . HOH C 2 .  ? -13.063 -1.838  -0.532  1.00 41.18 ? 251 HOH A O   1 
HETATM 1406 O O   . HOH C 2 .  ? 1.304   -13.069 -0.703  1.00 42.12 ? 252 HOH A O   1 
HETATM 1407 O O   . HOH C 2 .  ? -2.885  -17.890 7.283   1.00 41.51 ? 253 HOH A O   1 
HETATM 1408 O O   . HOH C 2 .  ? -5.744  4.834   18.442  1.00 44.58 ? 254 HOH A O   1 
HETATM 1409 O O   . HOH C 2 .  ? -22.519 -9.125  -13.840 1.00 58.45 ? 255 HOH A O   1 
HETATM 1410 O O   . HOH C 2 .  ? -15.841 -4.842  -10.817 1.00 41.89 ? 256 HOH A O   1 
HETATM 1411 O O   . HOH C 2 .  ? -2.475  9.061   15.267  1.00 40.95 ? 257 HOH A O   1 
HETATM 1412 O O   . HOH C 2 .  ? -6.910  -5.760  12.713  1.00 38.29 ? 258 HOH A O   1 
HETATM 1413 O O   . HOH C 2 .  ? -7.383  -12.787 14.870  1.00 51.50 ? 259 HOH A O   1 
HETATM 1414 O O   . HOH C 2 .  ? -4.448  25.331  11.019  1.00 48.19 ? 260 HOH A O   1 
HETATM 1415 O O   . HOH C 2 .  ? 4.249   6.794   11.091  1.00 40.43 ? 261 HOH A O   1 
HETATM 1416 O O   . HOH C 2 .  ? -14.006 5.418   8.800   1.00 51.54 ? 262 HOH A O   1 
HETATM 1417 O O   . HOH C 2 .  ? -15.873 -15.201 -6.261  1.00 39.95 ? 263 HOH A O   1 
HETATM 1418 O O   . HOH C 2 .  ? -17.812 -1.810  -4.408  1.00 55.71 ? 264 HOH A O   1 
HETATM 1419 O O   . HOH C 2 .  ? -7.128  -11.317 -14.511 1.00 55.47 ? 265 HOH A O   1 
HETATM 1420 O O   . HOH C 2 .  ? -4.422  14.231  13.893  1.00 41.94 ? 266 HOH A O   1 
HETATM 1421 O O   . HOH C 2 .  ? -15.385 -15.838 -8.607  1.00 54.83 ? 267 HOH A O   1 
HETATM 1422 O O   . HOH C 2 .  ? -5.029  -14.719 8.399   1.00 46.24 ? 268 HOH A O   1 
HETATM 1423 O O   . HOH C 2 .  ? -12.504 -15.829 10.751  1.00 45.46 ? 269 HOH A O   1 
HETATM 1424 O O   . HOH C 2 .  ? 0.066   -17.430 11.763  1.00 45.74 ? 270 HOH A O   1 
HETATM 1425 O O   . HOH C 2 .  ? -5.652  20.488  10.595  1.00 49.10 ? 271 HOH A O   1 
HETATM 1426 O O   . HOH C 2 .  ? 6.331   -5.606  0.546   1.00 42.75 ? 272 HOH A O   1 
HETATM 1427 O O   . HOH C 2 .  ? -11.978 -0.862  11.727  1.00 50.32 ? 273 HOH A O   1 
HETATM 1428 O O   . HOH C 2 .  ? -14.284 -0.579  -3.501  1.00 55.89 ? 274 HOH A O   1 
HETATM 1429 O O   . HOH C 2 .  ? 0.658   -14.590 10.958  1.00 61.25 ? 275 HOH A O   1 
HETATM 1430 O O   . HOH C 2 .  ? -7.003  17.619  7.773   1.00 60.67 ? 276 HOH A O   1 
HETATM 1431 O O   . HOH C 2 .  ? 3.500   -3.814  -6.563  1.00 47.89 ? 277 HOH A O   1 
HETATM 1432 O O   . HOH C 2 .  ? -8.193  9.935   8.769   1.00 37.96 ? 278 HOH A O   1 
HETATM 1433 O O   . HOH C 2 .  ? -1.313  -5.100  -7.688  1.00 99.00 ? 279 HOH A O   1 
HETATM 1434 O O   . HOH C 2 .  ? -9.955  -8.613  -11.426 1.00 46.72 ? 280 HOH A O   1 
HETATM 1435 O O   . HOH C 2 .  ? -3.110  12.271  15.172  1.00 47.67 ? 281 HOH A O   1 
HETATM 1436 O O   . HOH C 2 .  ? 0.338   -26.273 2.589   1.00 50.16 ? 282 HOH A O   1 
HETATM 1437 O O   . HOH C 2 .  ? 11.631  -18.088 7.768   1.00 60.70 ? 283 HOH A O   1 
HETATM 1438 O O   . HOH C 2 .  ? 6.931   -6.966  3.260   1.00 44.88 ? 284 HOH A O   1 
HETATM 1439 O O   . HOH C 2 .  ? 5.018   -20.245 13.797  1.00 50.50 ? 285 HOH A O   1 
HETATM 1440 O O   . HOH C 2 .  ? -2.141  17.482  9.379   1.00 48.02 ? 286 HOH A O   1 
HETATM 1441 O O   . HOH C 2 .  ? 11.425  -0.748  4.777   1.00 56.76 ? 287 HOH A O   1 
HETATM 1442 O O   . HOH C 2 .  ? 6.322   -18.202 1.620   1.00 44.83 ? 288 HOH A O   1 
HETATM 1443 O O   . HOH C 2 .  ? -9.285  -10.379 14.937  1.00 51.39 ? 289 HOH A O   1 
HETATM 1444 O O   . HOH C 2 .  ? 4.525   9.468   10.525  1.00 66.58 ? 290 HOH A O   1 
HETATM 1445 O O   . HOH C 2 .  ? -2.365  -16.791 9.843   1.00 60.65 ? 291 HOH A O   1 
HETATM 1446 O O   . HOH C 2 .  ? 4.189   -12.309 -1.374  1.00 42.03 ? 292 HOH A O   1 
HETATM 1447 O O   . HOH C 2 .  ? -2.331  -14.309 10.799  1.00 66.25 ? 293 HOH A O   1 
HETATM 1448 O O   . HOH C 2 .  ? -13.685 -10.563 12.745  1.00 50.39 ? 294 HOH A O   1 
HETATM 1449 O O   . HOH C 2 .  ? -17.392 -19.669 -3.393  1.00 36.82 ? 295 HOH A O   1 
HETATM 1450 O O   . HOH C 2 .  ? 10.466  2.721   11.877  1.00 58.56 ? 296 HOH A O   1 
HETATM 1451 O O   . HOH C 2 .  ? -2.923  -14.060 6.737   1.00 32.78 ? 297 HOH A O   1 
HETATM 1452 O O   . HOH C 2 .  ? 8.473   -9.738  0.902   1.00 51.05 ? 298 HOH A O   1 
HETATM 1453 O O   . HOH C 2 .  ? 5.157   -11.206 -5.382  1.00 67.86 ? 299 HOH A O   1 
HETATM 1454 O O   . HOH C 2 .  ? 3.940   -16.727 12.458  1.00 53.07 ? 300 HOH A O   1 
HETATM 1455 O O   . HOH C 2 .  ? -13.769 0.297   -12.331 1.00 62.07 ? 301 HOH A O   1 
HETATM 1456 O O   . HOH C 2 .  ? -2.485  -2.538  14.991  1.00 52.41 ? 302 HOH A O   1 
HETATM 1457 O O   . HOH C 2 .  ? 5.344   -15.414 -5.573  1.00 61.58 ? 303 HOH A O   1 
HETATM 1458 O O   . HOH C 2 .  ? -6.075  -24.187 0.566   1.00 52.77 ? 304 HOH A O   1 
HETATM 1459 O O   . HOH C 2 .  ? 4.122   3.844   14.143  1.00 55.54 ? 305 HOH A O   1 
HETATM 1460 O O   . HOH C 2 .  ? 7.130   -4.749  6.301   1.00 61.83 ? 306 HOH A O   1 
HETATM 1461 O O   . HOH D 2 .  ? -9.076  10.760  -4.020  1.00 44.39 ? 2   HOH B O   1 
HETATM 1462 O O   . HOH D 2 .  ? -13.952 6.561   3.521   1.00 40.67 ? 3   HOH B O   1 
HETATM 1463 O O   . HOH D 2 .  ? 7.830   3.440   -11.984 1.00 53.63 ? 5   HOH B O   1 
HETATM 1464 O O   . HOH D 2 .  ? -2.315  15.198  -1.512  1.00 47.99 ? 6   HOH B O   1 
HETATM 1465 O O   . HOH D 2 .  ? -2.252  11.288  -9.722  1.00 47.64 ? 9   HOH B O   1 
HETATM 1466 O O   . HOH D 2 .  ? 4.926   -2.133  -6.188  1.00 58.39 ? 10  HOH B O   1 
HETATM 1467 O O   . HOH D 2 .  ? 7.518   5.534   -10.452 1.00 39.41 ? 11  HOH B O   1 
HETATM 1468 O O   . HOH D 2 .  ? 13.207  11.592  9.657   1.00 51.02 ? 12  HOH B O   1 
HETATM 1469 O O   . HOH D 2 .  ? -0.350  16.747  3.827   1.00 41.27 ? 16  HOH B O   1 
HETATM 1470 O O   . HOH D 2 .  ? 3.928   21.603  -8.597  1.00 48.65 ? 17  HOH B O   1 
HETATM 1471 O O   . HOH D 2 .  ? -11.069 0.819   -10.982 1.00 67.58 ? 18  HOH B O   1 
HETATM 1472 O O   . HOH D 2 .  ? 15.067  21.149  -2.740  1.00 45.54 ? 21  HOH B O   1 
HETATM 1473 O O   . HOH D 2 .  ? 17.639  9.060   -3.259  1.00 45.06 ? 22  HOH B O   1 
HETATM 1474 O O   . HOH D 2 .  ? -0.962  17.282  1.233   1.00 43.24 ? 25  HOH B O   1 
HETATM 1475 O O   . HOH D 2 .  ? 18.737  14.642  5.587   1.00 60.28 ? 26  HOH B O   1 
HETATM 1476 O O   . HOH D 2 .  ? 8.926   6.129   -18.630 1.00 54.16 ? 27  HOH B O   1 
HETATM 1477 O O   . HOH D 2 .  ? -9.397  13.607  6.077   1.00 82.65 ? 29  HOH B O   1 
HETATM 1478 O O   . HOH D 2 .  ? 23.390  15.571  -0.861  1.00 46.23 ? 30  HOH B O   1 
HETATM 1479 O O   . HOH D 2 .  ? 7.542   12.271  -8.072  1.00 42.73 ? 31  HOH B O   1 
HETATM 1480 O O   . HOH D 2 .  ? -7.992  7.482   -5.960  1.00 49.07 ? 34  HOH B O   1 
HETATM 1481 O O   . HOH D 2 .  ? 6.050   5.092   -18.144 1.00 47.51 ? 35  HOH B O   1 
HETATM 1482 O O   . HOH D 2 .  ? -6.093  -0.565  -14.958 1.00 54.47 ? 39  HOH B O   1 
HETATM 1483 O O   . HOH D 2 .  ? 23.263  4.577   -1.177  1.00 65.05 ? 40  HOH B O   1 
HETATM 1484 O O   . HOH D 2 .  ? 9.356   6.709   -10.090 1.00 38.47 ? 41  HOH B O   1 
HETATM 1485 O O   . HOH D 2 .  ? 10.774  -0.142  -5.562  1.00 58.28 ? 43  HOH B O   1 
HETATM 1486 O O   . HOH D 2 .  ? -4.563  14.248  -0.737  1.00 50.89 ? 45  HOH B O   1 
HETATM 1487 O O   . HOH D 2 .  ? 1.698   18.555  4.242   1.00 51.95 ? 48  HOH B O   1 
HETATM 1488 O O   . HOH D 2 .  ? -8.652  -2.741  -10.943 1.00 46.15 ? 49  HOH B O   1 
HETATM 1489 O O   . HOH D 2 .  ? 4.053   22.100  0.603   1.00 66.19 ? 50  HOH B O   1 
HETATM 1490 O O   . HOH D 2 .  ? 1.583   21.840  -7.783  1.00 49.17 ? 52  HOH B O   1 
HETATM 1491 O O   . HOH D 2 .  ? 2.451   10.739  -11.888 1.00 27.44 ? 56  HOH B O   1 
HETATM 1492 O O   . HOH D 2 .  ? 7.750   20.904  -2.578  1.00 32.73 ? 58  HOH B O   1 
HETATM 1493 O O   . HOH D 2 .  ? 13.586  21.621  -6.832  1.00 39.07 ? 59  HOH B O   1 
HETATM 1494 O O   . HOH D 2 .  ? 14.849  22.750  -4.716  1.00 43.11 ? 60  HOH B O   1 
HETATM 1495 O O   . HOH D 2 .  ? 0.362   17.611  -2.726  1.00 33.08 ? 65  HOH B O   1 
HETATM 1496 O O   . HOH D 2 .  ? -11.290 7.007   4.573   1.00 31.36 ? 66  HOH B O   1 
HETATM 1497 O O   . HOH D 2 .  ? 3.269   14.636  -13.706 1.00 34.52 ? 71  HOH B O   1 
HETATM 1498 O O   . HOH D 2 .  ? 3.710   18.574  2.097   1.00 39.79 ? 77  HOH B O   1 
HETATM 1499 O O   . HOH D 2 .  ? 2.768   11.762  7.979   1.00 36.56 ? 78  HOH B O   1 
HETATM 1500 O O   . HOH D 2 .  ? -11.246 0.147   -5.859  1.00 32.29 ? 83  HOH B O   1 
HETATM 1501 O O   . HOH D 2 .  ? 7.815   22.542  -4.845  1.00 38.18 ? 84  HOH B O   1 
HETATM 1502 O O   . HOH D 2 .  ? -4.879  12.213  5.986   1.00 33.67 ? 85  HOH B O   1 
HETATM 1503 O O   . HOH D 2 .  ? 1.636   21.437  -3.597  1.00 45.84 ? 86  HOH B O   1 
HETATM 1504 O O   . HOH D 2 .  ? 12.973  8.220   10.031  1.00 49.34 ? 87  HOH B O   1 
HETATM 1505 O O   . HOH D 2 .  ? 1.554   4.161   -12.329 1.00 48.35 ? 89  HOH B O   1 
HETATM 1506 O O   . HOH D 2 .  ? -6.954  12.076  -4.455  1.00 39.90 ? 91  HOH B O   1 
HETATM 1507 O O   . HOH D 2 .  ? 1.478   0.920   -10.792 1.00 51.04 ? 94  HOH B O   1 
HETATM 1508 O O   . HOH D 2 .  ? 5.701   21.654  -6.300  1.00 38.10 ? 95  HOH B O   1 
HETATM 1509 O O   . HOH D 2 .  ? 1.317   14.117  -7.797  1.00 36.96 ? 97  HOH B O   1 
HETATM 1510 O O   . HOH D 2 .  ? 0.182   19.680  -10.077 1.00 51.52 ? 103 HOH B O   1 
HETATM 1511 O O   . HOH D 2 .  ? -15.264 2.704   -2.737  1.00 45.55 ? 105 HOH B O   1 
HETATM 1512 O O   . HOH D 2 .  ? 4.874   -0.082  -13.222 1.00 56.09 ? 108 HOH B O   1 
HETATM 1513 O O   . HOH D 2 .  ? 5.318   11.882  9.151   1.00 54.48 ? 114 HOH B O   1 
HETATM 1514 O O   . HOH D 2 .  ? 0.101   11.698  -9.934  1.00 41.19 ? 121 HOH B O   1 
HETATM 1515 O O   . HOH D 2 .  ? 4.498   -0.218  -9.248  1.00 47.14 ? 122 HOH B O   1 
HETATM 1516 O O   . HOH D 2 .  ? 4.956   7.261   -21.439 1.00 55.94 ? 131 HOH B O   1 
HETATM 1517 O O   . HOH D 2 .  ? 8.059   8.438   -8.695  1.00 30.11 ? 132 HOH B O   1 
HETATM 1518 O O   . HOH D 2 .  ? -7.829  4.970   -6.322  1.00 55.58 ? 138 HOH B O   1 
HETATM 1519 O O   . HOH D 2 .  ? 23.828  3.011   0.921   1.00 51.52 ? 142 HOH B O   1 
HETATM 1520 O O   . HOH D 2 .  ? -18.513 5.038   -2.708  1.00 47.25 ? 143 HOH B O   1 
HETATM 1521 O O   . HOH D 2 .  ? 0.521   9.424   -13.619 1.00 44.01 ? 144 HOH B O   1 
HETATM 1522 O O   . HOH D 2 .  ? 6.505   22.160  -0.813  1.00 48.28 ? 146 HOH B O   1 
HETATM 1523 O O   . HOH D 2 .  ? 8.968   22.757  1.808   1.00 53.49 ? 147 HOH B O   1 
HETATM 1524 O O   . HOH D 2 .  ? -10.640 4.284   -10.696 1.00 59.13 ? 150 HOH B O   1 
HETATM 1525 O O   . HOH D 2 .  ? 3.859   13.197  12.540  1.00 57.34 ? 152 HOH B O   1 
HETATM 1526 O O   . HOH D 2 .  ? -3.318  13.059  -7.048  1.00 48.44 ? 153 HOH B O   1 
HETATM 1527 O O   . HOH D 2 .  ? 17.460  20.248  -2.106  1.00 48.04 ? 154 HOH B O   1 
HETATM 1528 O O   . HOH D 2 .  ? -1.354  0.935   -13.721 1.00 54.62 ? 156 HOH B O   1 
HETATM 1529 O O   . HOH D 2 .  ? -5.076  3.897   -10.784 1.00 49.82 ? 159 HOH B O   1 
HETATM 1530 O O   . HOH D 2 .  ? -10.217 14.349  -3.607  1.00 55.17 ? 163 HOH B O   1 
HETATM 1531 O O   . HOH D 2 .  ? -15.667 8.610   3.801   1.00 54.99 ? 166 HOH B O   1 
HETATM 1532 O O   . HOH D 2 .  ? -0.861  15.746  -8.789  1.00 50.63 ? 167 HOH B O   1 
HETATM 1533 O O   . HOH D 2 .  ? -1.620  -4.721  -9.748  1.00 46.62 ? 168 HOH B O   1 
HETATM 1534 O O   . HOH D 2 .  ? -22.733 2.461   3.745   1.00 57.83 ? 169 HOH B O   1 
HETATM 1535 O O   . HOH D 2 .  ? 17.958  10.711  12.952  1.00 55.02 ? 171 HOH B O   1 
HETATM 1536 O O   . HOH D 2 .  ? -2.016  3.303   -13.344 1.00 58.51 ? 174 HOH B O   1 
HETATM 1537 O O   . HOH D 2 .  ? -10.616 17.079  -3.031  1.00 54.25 ? 175 HOH B O   1 
HETATM 1538 O O   . HOH D 2 .  ? 7.908   25.004  3.284   1.00 60.38 ? 176 HOH B O   1 
HETATM 1539 O O   . HOH D 2 .  ? -0.852  12.358  -12.481 1.00 61.18 ? 177 HOH B O   1 
HETATM 1540 O O   . HOH D 2 .  ? -13.179 13.025  -0.645  1.00 64.81 ? 178 HOH B O   1 
HETATM 1541 O O   . HOH D 2 .  ? 0.631   19.793  -1.221  1.00 52.29 ? 179 HOH B O   1 
HETATM 1542 O O   . HOH D 2 .  ? 15.556  22.824  -8.958  1.00 58.15 ? 180 HOH B O   1 
HETATM 1543 O O   . HOH D 2 .  ? 13.790  -0.931  -4.200  1.00 62.84 ? 181 HOH B O   1 
HETATM 1544 O O   . HOH D 2 .  ? 18.387  19.267  0.045   1.00 57.90 ? 183 HOH B O   1 
HETATM 1545 O O   . HOH D 2 .  ? 4.155   18.614  7.518   1.00 56.88 ? 184 HOH B O   1 
HETATM 1546 O O   . HOH D 2 .  ? -22.757 3.145   6.251   1.00 61.69 ? 185 HOH B O   1 
HETATM 1547 O O   . HOH D 2 .  ? -14.186 5.926   -7.595  1.00 64.50 ? 186 HOH B O   1 
HETATM 1548 O O   . HOH D 2 .  ? 1.848   19.780  1.100   1.00 62.06 ? 187 HOH B O   1 
HETATM 1549 O O   . HOH D 2 .  ? -14.717 10.774  -1.478  1.00 62.81 ? 192 HOH B O   1 
HETATM 1550 O O   . HOH D 2 .  ? 4.078   13.844  8.536   1.00 53.72 ? 194 HOH B O   1 
# 
